data_5DOM
# 
_entry.id   5DOM 
# 
_audit_conform.dict_name       mmcif_pdbx.dic 
_audit_conform.dict_version    5.397 
_audit_conform.dict_location   http://mmcif.pdb.org/dictionaries/ascii/mmcif_pdbx.dic 
# 
loop_
_database_2.database_id 
_database_2.database_code 
_database_2.pdbx_database_accession 
_database_2.pdbx_DOI 
PDB   5DOM         pdb_00005dom 10.2210/pdb5dom/pdb 
WWPDB D_1000213500 ?            ?                   
# 
loop_
_pdbx_audit_revision_history.ordinal 
_pdbx_audit_revision_history.data_content_type 
_pdbx_audit_revision_history.major_revision 
_pdbx_audit_revision_history.minor_revision 
_pdbx_audit_revision_history.revision_date 
1 'Structure model' 1 0 2015-11-11 
2 'Structure model' 1 1 2015-12-16 
3 'Structure model' 1 2 2019-04-17 
4 'Structure model' 1 3 2020-01-01 
5 'Structure model' 1 4 2024-10-23 
# 
_pdbx_audit_revision_details.ordinal             1 
_pdbx_audit_revision_details.revision_ordinal    1 
_pdbx_audit_revision_details.data_content_type   'Structure model' 
_pdbx_audit_revision_details.provider            repository 
_pdbx_audit_revision_details.type                'Initial release' 
_pdbx_audit_revision_details.description         ? 
_pdbx_audit_revision_details.details             ? 
# 
loop_
_pdbx_audit_revision_group.ordinal 
_pdbx_audit_revision_group.revision_ordinal 
_pdbx_audit_revision_group.data_content_type 
_pdbx_audit_revision_group.group 
1 2 'Structure model' 'Database references'        
2 3 'Structure model' 'Author supporting evidence' 
3 3 'Structure model' 'Data collection'            
4 3 'Structure model' 'Database references'        
5 3 'Structure model' 'Derived calculations'       
6 4 'Structure model' 'Author supporting evidence' 
7 5 'Structure model' 'Data collection'            
8 5 'Structure model' 'Database references'        
9 5 'Structure model' 'Structure summary'          
# 
loop_
_pdbx_audit_revision_category.ordinal 
_pdbx_audit_revision_category.revision_ordinal 
_pdbx_audit_revision_category.data_content_type 
_pdbx_audit_revision_category.category 
1 3 'Structure model' citation                  
2 3 'Structure model' pdbx_audit_support        
3 3 'Structure model' pdbx_struct_oper_list     
4 4 'Structure model' pdbx_audit_support        
5 5 'Structure model' chem_comp_atom            
6 5 'Structure model' chem_comp_bond            
7 5 'Structure model' database_2                
8 5 'Structure model' pdbx_entry_details        
9 5 'Structure model' pdbx_modification_feature 
# 
loop_
_pdbx_audit_revision_item.ordinal 
_pdbx_audit_revision_item.revision_ordinal 
_pdbx_audit_revision_item.data_content_type 
_pdbx_audit_revision_item.item 
1 3 'Structure model' '_citation.journal_id_CSD'                  
2 3 'Structure model' '_pdbx_audit_support.funding_organization'  
3 3 'Structure model' '_pdbx_struct_oper_list.symmetry_operation' 
4 4 'Structure model' '_pdbx_audit_support.funding_organization'  
5 5 'Structure model' '_database_2.pdbx_DOI'                      
6 5 'Structure model' '_database_2.pdbx_database_accession'       
# 
_pdbx_database_status.status_code                     REL 
_pdbx_database_status.status_code_sf                  REL 
_pdbx_database_status.status_code_mr                  ? 
_pdbx_database_status.entry_id                        5DOM 
_pdbx_database_status.recvd_initial_deposition_date   2015-09-11 
_pdbx_database_status.SG_entry                        N 
_pdbx_database_status.deposit_site                    RCSB 
_pdbx_database_status.process_site                    RCSB 
_pdbx_database_status.status_code_cs                  ? 
_pdbx_database_status.methods_development_category    ? 
_pdbx_database_status.pdb_format_compatible           Y 
_pdbx_database_status.status_code_nmr_data            ? 
# 
loop_
_audit_author.name 
_audit_author.pdbx_ordinal 
'Ullah, A.'      1 
'Murakami, M.T.' 2 
'Arni, R.K.'     3 
# 
_citation.abstract                  ? 
_citation.abstract_id_CAS           ? 
_citation.book_id_ISBN              ? 
_citation.book_publisher            ? 
_citation.book_publisher_city       ? 
_citation.book_title                ? 
_citation.coordinate_linkage        ? 
_citation.country                   US 
_citation.database_id_Medline       ? 
_citation.details                   ? 
_citation.id                        primary 
_citation.journal_abbrev            Biochem.Biophys.Res.Commun. 
_citation.journal_id_ASTM           BBRCA9 
_citation.journal_id_CSD            0146 
_citation.journal_id_ISSN           1090-2104 
_citation.journal_full              ? 
_citation.journal_issue             ? 
_citation.journal_volume            468 
_citation.language                  ? 
_citation.page_first                365 
_citation.page_last                 371 
_citation.title                     'Crystal structure of mature 2S albumin from Moringa oleifera seeds.' 
_citation.year                      2015 
_citation.database_id_CSD           ? 
_citation.pdbx_database_id_DOI      10.1016/j.bbrc.2015.10.087 
_citation.pdbx_database_id_PubMed   26505799 
_citation.unpublished_flag          ? 
# 
loop_
_citation_author.citation_id 
_citation_author.name 
_citation_author.ordinal 
_citation_author.identifier_ORCID 
primary 'Ullah, A.'             1  ? 
primary 'Mariutti, R.B.'        2  ? 
primary 'Masood, R.'            3  ? 
primary 'Caruso, I.P.'          4  ? 
primary 'Gravatim Costa, G.H.'  5  ? 
primary 'Millena de Freita, C.' 6  ? 
primary 'Santos, C.R.'          7  ? 
primary 'Zanphorlin, L.M.'      8  ? 
primary 'Rossini Mutton, M.J.'  9  ? 
primary 'Murakami, M.T.'        10 ? 
primary 'Arni, R.K.'            11 ? 
# 
loop_
_entity.id 
_entity.type 
_entity.src_method 
_entity.pdbx_description 
_entity.formula_weight 
_entity.pdbx_number_of_molecules 
_entity.pdbx_ec 
_entity.pdbx_mutation 
_entity.pdbx_fragment 
_entity.details 
1 polymer     man '2S albumin'   14291.200 1  ? ? 'UNP residues 37-158' ? 
2 non-polymer syn 1,2-ETHANEDIOL 62.068    1  ? ? ?                     ? 
3 non-polymer syn 'ACETATE ION'  59.044    1  ? ? ?                     ? 
4 water       nat water          18.015    50 ? ? ?                     ? 
# 
_entity_name_com.entity_id   1 
_entity_name_com.name        'chitin binding protein isoform 3-1 (mMOCBP3-1)' 
# 
_entity_poly.entity_id                      1 
_entity_poly.type                           'polypeptide(L)' 
_entity_poly.nstd_linkage                   no 
_entity_poly.nstd_monomer                   no 
_entity_poly.pdbx_seq_one_letter_code       
;QQQRCRHQFQTQQRLRACQRVIRRWSQGGGPMEDVEDEIDETDEIEEVVEPDQARRPPTLQRCCRQLRNVSPFCRCPSLR
QAVQSAQQQQGQVGPQQVGHMYRVASRIPAICNLQPMRCPFR
;
_entity_poly.pdbx_seq_one_letter_code_can   
;QQQRCRHQFQTQQRLRACQRVIRRWSQGGGPMEDVEDEIDETDEIEEVVEPDQARRPPTLQRCCRQLRNVSPFCRCPSLR
QAVQSAQQQQGQVGPQQVGHMYRVASRIPAICNLQPMRCPFR
;
_entity_poly.pdbx_strand_id                 A 
_entity_poly.pdbx_target_identifier         ? 
# 
loop_
_pdbx_entity_nonpoly.entity_id 
_pdbx_entity_nonpoly.name 
_pdbx_entity_nonpoly.comp_id 
2 1,2-ETHANEDIOL EDO 
3 'ACETATE ION'  ACT 
4 water          HOH 
# 
loop_
_entity_poly_seq.entity_id 
_entity_poly_seq.num 
_entity_poly_seq.mon_id 
_entity_poly_seq.hetero 
1 1   GLN n 
1 2   GLN n 
1 3   GLN n 
1 4   ARG n 
1 5   CYS n 
1 6   ARG n 
1 7   HIS n 
1 8   GLN n 
1 9   PHE n 
1 10  GLN n 
1 11  THR n 
1 12  GLN n 
1 13  GLN n 
1 14  ARG n 
1 15  LEU n 
1 16  ARG n 
1 17  ALA n 
1 18  CYS n 
1 19  GLN n 
1 20  ARG n 
1 21  VAL n 
1 22  ILE n 
1 23  ARG n 
1 24  ARG n 
1 25  TRP n 
1 26  SER n 
1 27  GLN n 
1 28  GLY n 
1 29  GLY n 
1 30  GLY n 
1 31  PRO n 
1 32  MET n 
1 33  GLU n 
1 34  ASP n 
1 35  VAL n 
1 36  GLU n 
1 37  ASP n 
1 38  GLU n 
1 39  ILE n 
1 40  ASP n 
1 41  GLU n 
1 42  THR n 
1 43  ASP n 
1 44  GLU n 
1 45  ILE n 
1 46  GLU n 
1 47  GLU n 
1 48  VAL n 
1 49  VAL n 
1 50  GLU n 
1 51  PRO n 
1 52  ASP n 
1 53  GLN n 
1 54  ALA n 
1 55  ARG n 
1 56  ARG n 
1 57  PRO n 
1 58  PRO n 
1 59  THR n 
1 60  LEU n 
1 61  GLN n 
1 62  ARG n 
1 63  CYS n 
1 64  CYS n 
1 65  ARG n 
1 66  GLN n 
1 67  LEU n 
1 68  ARG n 
1 69  ASN n 
1 70  VAL n 
1 71  SER n 
1 72  PRO n 
1 73  PHE n 
1 74  CYS n 
1 75  ARG n 
1 76  CYS n 
1 77  PRO n 
1 78  SER n 
1 79  LEU n 
1 80  ARG n 
1 81  GLN n 
1 82  ALA n 
1 83  VAL n 
1 84  GLN n 
1 85  SER n 
1 86  ALA n 
1 87  GLN n 
1 88  GLN n 
1 89  GLN n 
1 90  GLN n 
1 91  GLY n 
1 92  GLN n 
1 93  VAL n 
1 94  GLY n 
1 95  PRO n 
1 96  GLN n 
1 97  GLN n 
1 98  VAL n 
1 99  GLY n 
1 100 HIS n 
1 101 MET n 
1 102 TYR n 
1 103 ARG n 
1 104 VAL n 
1 105 ALA n 
1 106 SER n 
1 107 ARG n 
1 108 ILE n 
1 109 PRO n 
1 110 ALA n 
1 111 ILE n 
1 112 CYS n 
1 113 ASN n 
1 114 LEU n 
1 115 GLN n 
1 116 PRO n 
1 117 MET n 
1 118 ARG n 
1 119 CYS n 
1 120 PRO n 
1 121 PHE n 
1 122 ARG n 
# 
_entity_src_gen.entity_id                          1 
_entity_src_gen.pdbx_src_id                        1 
_entity_src_gen.pdbx_alt_source_flag               sample 
_entity_src_gen.pdbx_seq_type                      'Biological sequence' 
_entity_src_gen.pdbx_beg_seq_num                   1 
_entity_src_gen.pdbx_end_seq_num                   122 
_entity_src_gen.gene_src_common_name               'Horseradish tree' 
_entity_src_gen.gene_src_genus                     ? 
_entity_src_gen.pdbx_gene_src_gene                 ? 
_entity_src_gen.gene_src_species                   ? 
_entity_src_gen.gene_src_strain                    ? 
_entity_src_gen.gene_src_tissue                    ? 
_entity_src_gen.gene_src_tissue_fraction           ? 
_entity_src_gen.gene_src_details                   ? 
_entity_src_gen.pdbx_gene_src_fragment             ? 
_entity_src_gen.pdbx_gene_src_scientific_name      'Moringa oleifera' 
_entity_src_gen.pdbx_gene_src_ncbi_taxonomy_id     3735 
_entity_src_gen.pdbx_gene_src_variant              ? 
_entity_src_gen.pdbx_gene_src_cell_line            ? 
_entity_src_gen.pdbx_gene_src_atcc                 ? 
_entity_src_gen.pdbx_gene_src_organ                ? 
_entity_src_gen.pdbx_gene_src_organelle            ? 
_entity_src_gen.pdbx_gene_src_cell                 ? 
_entity_src_gen.pdbx_gene_src_cellular_location    ? 
_entity_src_gen.host_org_common_name               ? 
_entity_src_gen.pdbx_host_org_scientific_name      'Moringa oleifera' 
_entity_src_gen.pdbx_host_org_ncbi_taxonomy_id     3735 
_entity_src_gen.host_org_genus                     ? 
_entity_src_gen.pdbx_host_org_gene                 ? 
_entity_src_gen.pdbx_host_org_organ                ? 
_entity_src_gen.host_org_species                   ? 
_entity_src_gen.pdbx_host_org_tissue               ? 
_entity_src_gen.pdbx_host_org_tissue_fraction      ? 
_entity_src_gen.pdbx_host_org_strain               ? 
_entity_src_gen.pdbx_host_org_variant              ? 
_entity_src_gen.pdbx_host_org_cell_line            ? 
_entity_src_gen.pdbx_host_org_atcc                 ? 
_entity_src_gen.pdbx_host_org_culture_collection   ? 
_entity_src_gen.pdbx_host_org_cell                 ? 
_entity_src_gen.pdbx_host_org_organelle            ? 
_entity_src_gen.pdbx_host_org_cellular_location    ? 
_entity_src_gen.pdbx_host_org_vector_type          ? 
_entity_src_gen.pdbx_host_org_vector               ? 
_entity_src_gen.host_org_details                   ? 
_entity_src_gen.expression_system_id               ? 
_entity_src_gen.plasmid_name                       ? 
_entity_src_gen.plasmid_details                    ? 
_entity_src_gen.pdbx_description                   ? 
# 
loop_
_chem_comp.id 
_chem_comp.type 
_chem_comp.mon_nstd_flag 
_chem_comp.name 
_chem_comp.pdbx_synonyms 
_chem_comp.formula 
_chem_comp.formula_weight 
ACT non-polymer         . 'ACETATE ION'   ?                 'C2 H3 O2 -1'    59.044  
ALA 'L-peptide linking' y ALANINE         ?                 'C3 H7 N O2'     89.093  
ARG 'L-peptide linking' y ARGININE        ?                 'C6 H15 N4 O2 1' 175.209 
ASN 'L-peptide linking' y ASPARAGINE      ?                 'C4 H8 N2 O3'    132.118 
ASP 'L-peptide linking' y 'ASPARTIC ACID' ?                 'C4 H7 N O4'     133.103 
CYS 'L-peptide linking' y CYSTEINE        ?                 'C3 H7 N O2 S'   121.158 
EDO non-polymer         . 1,2-ETHANEDIOL  'ETHYLENE GLYCOL' 'C2 H6 O2'       62.068  
GLN 'L-peptide linking' y GLUTAMINE       ?                 'C5 H10 N2 O3'   146.144 
GLU 'L-peptide linking' y 'GLUTAMIC ACID' ?                 'C5 H9 N O4'     147.129 
GLY 'peptide linking'   y GLYCINE         ?                 'C2 H5 N O2'     75.067  
HIS 'L-peptide linking' y HISTIDINE       ?                 'C6 H10 N3 O2 1' 156.162 
HOH non-polymer         . WATER           ?                 'H2 O'           18.015  
ILE 'L-peptide linking' y ISOLEUCINE      ?                 'C6 H13 N O2'    131.173 
LEU 'L-peptide linking' y LEUCINE         ?                 'C6 H13 N O2'    131.173 
MET 'L-peptide linking' y METHIONINE      ?                 'C5 H11 N O2 S'  149.211 
PHE 'L-peptide linking' y PHENYLALANINE   ?                 'C9 H11 N O2'    165.189 
PRO 'L-peptide linking' y PROLINE         ?                 'C5 H9 N O2'     115.130 
SER 'L-peptide linking' y SERINE          ?                 'C3 H7 N O3'     105.093 
THR 'L-peptide linking' y THREONINE       ?                 'C4 H9 N O3'     119.119 
TRP 'L-peptide linking' y TRYPTOPHAN      ?                 'C11 H12 N2 O2'  204.225 
TYR 'L-peptide linking' y TYROSINE        ?                 'C9 H11 N O3'    181.189 
VAL 'L-peptide linking' y VALINE          ?                 'C5 H11 N O2'    117.146 
# 
loop_
_pdbx_poly_seq_scheme.asym_id 
_pdbx_poly_seq_scheme.entity_id 
_pdbx_poly_seq_scheme.seq_id 
_pdbx_poly_seq_scheme.mon_id 
_pdbx_poly_seq_scheme.ndb_seq_num 
_pdbx_poly_seq_scheme.pdb_seq_num 
_pdbx_poly_seq_scheme.auth_seq_num 
_pdbx_poly_seq_scheme.pdb_mon_id 
_pdbx_poly_seq_scheme.auth_mon_id 
_pdbx_poly_seq_scheme.pdb_strand_id 
_pdbx_poly_seq_scheme.pdb_ins_code 
_pdbx_poly_seq_scheme.hetero 
A 1 1   GLN 1   37  ?   ?   ?   A . n 
A 1 2   GLN 2   38  ?   ?   ?   A . n 
A 1 3   GLN 3   39  ?   ?   ?   A . n 
A 1 4   ARG 4   40  40  ARG ARG A . n 
A 1 5   CYS 5   41  41  CYS CYS A . n 
A 1 6   ARG 6   42  42  ARG ARG A . n 
A 1 7   HIS 7   43  43  HIS HIS A . n 
A 1 8   GLN 8   44  44  GLN GLN A . n 
A 1 9   PHE 9   45  45  PHE PHE A . n 
A 1 10  GLN 10  46  46  GLN GLN A . n 
A 1 11  THR 11  47  47  THR THR A . n 
A 1 12  GLN 12  48  48  GLN GLN A . n 
A 1 13  GLN 13  49  49  GLN GLN A . n 
A 1 14  ARG 14  50  50  ARG ARG A . n 
A 1 15  LEU 15  51  51  LEU LEU A . n 
A 1 16  ARG 16  52  52  ARG ARG A . n 
A 1 17  ALA 17  53  53  ALA ALA A . n 
A 1 18  CYS 18  54  54  CYS CYS A . n 
A 1 19  GLN 19  55  55  GLN GLN A . n 
A 1 20  ARG 20  56  56  ARG ARG A . n 
A 1 21  VAL 21  57  57  VAL VAL A . n 
A 1 22  ILE 22  58  58  ILE ILE A . n 
A 1 23  ARG 23  59  59  ARG ARG A . n 
A 1 24  ARG 24  60  60  ARG ARG A . n 
A 1 25  TRP 25  61  61  TRP TRP A . n 
A 1 26  SER 26  62  62  SER SER A . n 
A 1 27  GLN 27  63  63  GLN GLN A . n 
A 1 28  GLY 28  64  ?   ?   ?   A . n 
A 1 29  GLY 29  65  ?   ?   ?   A . n 
A 1 30  GLY 30  66  ?   ?   ?   A . n 
A 1 31  PRO 31  67  ?   ?   ?   A . n 
A 1 32  MET 32  68  ?   ?   ?   A . n 
A 1 33  GLU 33  69  ?   ?   ?   A . n 
A 1 34  ASP 34  70  ?   ?   ?   A . n 
A 1 35  VAL 35  71  ?   ?   ?   A . n 
A 1 36  GLU 36  72  ?   ?   ?   A . n 
A 1 37  ASP 37  73  ?   ?   ?   A . n 
A 1 38  GLU 38  74  ?   ?   ?   A . n 
A 1 39  ILE 39  75  ?   ?   ?   A . n 
A 1 40  ASP 40  76  ?   ?   ?   A . n 
A 1 41  GLU 41  77  ?   ?   ?   A . n 
A 1 42  THR 42  78  ?   ?   ?   A . n 
A 1 43  ASP 43  79  ?   ?   ?   A . n 
A 1 44  GLU 44  80  ?   ?   ?   A . n 
A 1 45  ILE 45  81  ?   ?   ?   A . n 
A 1 46  GLU 46  82  ?   ?   ?   A . n 
A 1 47  GLU 47  83  ?   ?   ?   A . n 
A 1 48  VAL 48  84  ?   ?   ?   A . n 
A 1 49  VAL 49  85  ?   ?   ?   A . n 
A 1 50  GLU 50  86  ?   ?   ?   A . n 
A 1 51  PRO 51  87  ?   ?   ?   A . n 
A 1 52  ASP 52  88  ?   ?   ?   A . n 
A 1 53  GLN 53  89  ?   ?   ?   A . n 
A 1 54  ALA 54  90  ?   ?   ?   A . n 
A 1 55  ARG 55  91  ?   ?   ?   A . n 
A 1 56  ARG 56  92  ?   ?   ?   A . n 
A 1 57  PRO 57  93  93  PRO PRO A . n 
A 1 58  PRO 58  94  94  PRO PRO A . n 
A 1 59  THR 59  95  95  THR THR A . n 
A 1 60  LEU 60  96  96  LEU LEU A . n 
A 1 61  GLN 61  97  97  GLN GLN A . n 
A 1 62  ARG 62  98  98  ARG ARG A . n 
A 1 63  CYS 63  99  99  CYS CYS A . n 
A 1 64  CYS 64  100 100 CYS CYS A . n 
A 1 65  ARG 65  101 101 ARG ARG A . n 
A 1 66  GLN 66  102 102 GLN GLN A . n 
A 1 67  LEU 67  103 103 LEU LEU A . n 
A 1 68  ARG 68  104 104 ARG ARG A . n 
A 1 69  ASN 69  105 105 ASN ASN A . n 
A 1 70  VAL 70  106 106 VAL VAL A . n 
A 1 71  SER 71  107 107 SER SER A . n 
A 1 72  PRO 72  108 108 PRO PRO A . n 
A 1 73  PHE 73  109 109 PHE PHE A . n 
A 1 74  CYS 74  110 110 CYS CYS A . n 
A 1 75  ARG 75  111 111 ARG ARG A . n 
A 1 76  CYS 76  112 112 CYS CYS A . n 
A 1 77  PRO 77  113 113 PRO PRO A . n 
A 1 78  SER 78  114 114 SER SER A . n 
A 1 79  LEU 79  115 115 LEU LEU A . n 
A 1 80  ARG 80  116 116 ARG ARG A . n 
A 1 81  GLN 81  117 117 GLN GLN A . n 
A 1 82  ALA 82  118 118 ALA ALA A . n 
A 1 83  VAL 83  119 119 VAL VAL A . n 
A 1 84  GLN 84  120 120 GLN GLN A . n 
A 1 85  SER 85  121 121 SER SER A . n 
A 1 86  ALA 86  122 122 ALA ALA A . n 
A 1 87  GLN 87  123 123 GLN GLN A . n 
A 1 88  GLN 88  124 124 GLN GLN A . n 
A 1 89  GLN 89  125 125 GLN GLN A . n 
A 1 90  GLN 90  126 126 GLN GLN A . n 
A 1 91  GLY 91  127 127 GLY GLY A . n 
A 1 92  GLN 92  128 128 GLN GLN A . n 
A 1 93  VAL 93  129 129 VAL VAL A . n 
A 1 94  GLY 94  130 130 GLY GLY A . n 
A 1 95  PRO 95  131 131 PRO PRO A . n 
A 1 96  GLN 96  132 132 GLN GLN A . n 
A 1 97  GLN 97  133 133 GLN GLN A . n 
A 1 98  VAL 98  134 134 VAL VAL A . n 
A 1 99  GLY 99  135 135 GLY GLY A . n 
A 1 100 HIS 100 136 136 HIS HIS A . n 
A 1 101 MET 101 137 137 MET MET A . n 
A 1 102 TYR 102 138 138 TYR TYR A . n 
A 1 103 ARG 103 139 139 ARG ARG A . n 
A 1 104 VAL 104 140 140 VAL VAL A . n 
A 1 105 ALA 105 141 141 ALA ALA A . n 
A 1 106 SER 106 142 142 SER SER A . n 
A 1 107 ARG 107 143 143 ARG ARG A . n 
A 1 108 ILE 108 144 144 ILE ILE A . n 
A 1 109 PRO 109 145 145 PRO PRO A . n 
A 1 110 ALA 110 146 146 ALA ALA A . n 
A 1 111 ILE 111 147 147 ILE ILE A . n 
A 1 112 CYS 112 148 148 CYS CYS A . n 
A 1 113 ASN 113 149 149 ASN ASN A . n 
A 1 114 LEU 114 150 150 LEU LEU A . n 
A 1 115 GLN 115 151 151 GLN GLN A . n 
A 1 116 PRO 116 152 152 PRO PRO A . n 
A 1 117 MET 117 153 153 MET MET A . n 
A 1 118 ARG 118 154 154 ARG ARG A . n 
A 1 119 CYS 119 155 155 CYS CYS A . n 
A 1 120 PRO 120 156 156 PRO PRO A . n 
A 1 121 PHE 121 157 157 PHE PHE A . n 
A 1 122 ARG 122 158 158 ARG ARG A . n 
# 
loop_
_pdbx_nonpoly_scheme.asym_id 
_pdbx_nonpoly_scheme.entity_id 
_pdbx_nonpoly_scheme.mon_id 
_pdbx_nonpoly_scheme.ndb_seq_num 
_pdbx_nonpoly_scheme.pdb_seq_num 
_pdbx_nonpoly_scheme.auth_seq_num 
_pdbx_nonpoly_scheme.pdb_mon_id 
_pdbx_nonpoly_scheme.auth_mon_id 
_pdbx_nonpoly_scheme.pdb_strand_id 
_pdbx_nonpoly_scheme.pdb_ins_code 
B 2 EDO 1  201 2  EDO EDO A . 
C 3 ACT 1  202 1  ACT ACT A . 
D 4 HOH 1  301 44 HOH HOH A . 
D 4 HOH 2  302 48 HOH HOH A . 
D 4 HOH 3  303 35 HOH HOH A . 
D 4 HOH 4  304 43 HOH HOH A . 
D 4 HOH 5  305 24 HOH HOH A . 
D 4 HOH 6  306 8  HOH HOH A . 
D 4 HOH 7  307 45 HOH HOH A . 
D 4 HOH 8  308 12 HOH HOH A . 
D 4 HOH 9  309 49 HOH HOH A . 
D 4 HOH 10 310 34 HOH HOH A . 
D 4 HOH 11 311 6  HOH HOH A . 
D 4 HOH 12 312 20 HOH HOH A . 
D 4 HOH 13 313 18 HOH HOH A . 
D 4 HOH 14 314 13 HOH HOH A . 
D 4 HOH 15 315 28 HOH HOH A . 
D 4 HOH 16 316 23 HOH HOH A . 
D 4 HOH 17 317 4  HOH HOH A . 
D 4 HOH 18 318 37 HOH HOH A . 
D 4 HOH 19 319 2  HOH HOH A . 
D 4 HOH 20 320 9  HOH HOH A . 
D 4 HOH 21 321 19 HOH HOH A . 
D 4 HOH 22 322 42 HOH HOH A . 
D 4 HOH 23 323 50 HOH HOH A . 
D 4 HOH 24 324 1  HOH HOH A . 
D 4 HOH 25 325 5  HOH HOH A . 
D 4 HOH 26 326 25 HOH HOH A . 
D 4 HOH 27 327 30 HOH HOH A . 
D 4 HOH 28 328 39 HOH HOH A . 
D 4 HOH 29 329 26 HOH HOH A . 
D 4 HOH 30 330 29 HOH HOH A . 
D 4 HOH 31 331 21 HOH HOH A . 
D 4 HOH 32 332 17 HOH HOH A . 
D 4 HOH 33 333 3  HOH HOH A . 
D 4 HOH 34 334 11 HOH HOH A . 
D 4 HOH 35 335 33 HOH HOH A . 
D 4 HOH 36 336 41 HOH HOH A . 
D 4 HOH 37 337 47 HOH HOH A . 
D 4 HOH 38 338 7  HOH HOH A . 
D 4 HOH 39 339 46 HOH HOH A . 
D 4 HOH 40 340 36 HOH HOH A . 
D 4 HOH 41 341 22 HOH HOH A . 
D 4 HOH 42 342 32 HOH HOH A . 
D 4 HOH 43 343 31 HOH HOH A . 
D 4 HOH 44 344 16 HOH HOH A . 
D 4 HOH 45 345 14 HOH HOH A . 
D 4 HOH 46 346 38 HOH HOH A . 
D 4 HOH 47 347 27 HOH HOH A . 
D 4 HOH 48 348 10 HOH HOH A . 
D 4 HOH 49 349 40 HOH HOH A . 
D 4 HOH 50 350 15 HOH HOH A . 
# 
loop_
_software.citation_id 
_software.classification 
_software.compiler_name 
_software.compiler_version 
_software.contact_author 
_software.contact_author_email 
_software.date 
_software.description 
_software.dependencies 
_software.hardware 
_software.language 
_software.location 
_software.mods 
_software.name 
_software.os 
_software.os_version 
_software.type 
_software.version 
_software.pdbx_ordinal 
? refinement        ? ? ? ? ? ? ? ? ? ? ? REFMAC   ? ? ? 5.8.0107 1 
? 'data reduction'  ? ? ? ? ? ? ? ? ? ? ? XDS      ? ? ? .        2 
? 'data scaling'    ? ? ? ? ? ? ? ? ? ? ? XDS      ? ? ? .        3 
? 'data collection' ? ? ? ? ? ? ? ? ? ? ? HKL-2000 ? ? ? .        4 
# 
_cell.entry_id           5DOM 
_cell.length_a           106.867 
_cell.length_b           106.867 
_cell.length_c           43.160 
_cell.angle_alpha        90.00 
_cell.angle_beta         90.00 
_cell.angle_gamma        90.00 
_cell.Z_PDB              16 
_cell.pdbx_unique_axis   ? 
# 
_symmetry.entry_id                         5DOM 
_symmetry.space_group_name_H-M             'I 41 2 2' 
_symmetry.pdbx_full_space_group_name_H-M   ? 
_symmetry.cell_setting                     ? 
_symmetry.Int_Tables_number                98 
# 
_exptl.absorpt_coefficient_mu     ? 
_exptl.absorpt_correction_T_max   ? 
_exptl.absorpt_correction_T_min   ? 
_exptl.absorpt_correction_type    ? 
_exptl.absorpt_process_details    ? 
_exptl.entry_id                   5DOM 
_exptl.crystals_number            1 
_exptl.details                    ? 
_exptl.method                     'X-RAY DIFFRACTION' 
_exptl.method_details             ? 
# 
_exptl_crystal.colour                      ? 
_exptl_crystal.density_diffrn              ? 
_exptl_crystal.density_Matthews            2.16 
_exptl_crystal.density_method              ? 
_exptl_crystal.density_percent_sol         43.00 
_exptl_crystal.description                 ? 
_exptl_crystal.F_000                       ? 
_exptl_crystal.id                          1 
_exptl_crystal.preparation                 ? 
_exptl_crystal.size_max                    ? 
_exptl_crystal.size_mid                    ? 
_exptl_crystal.size_min                    ? 
_exptl_crystal.size_rad                    ? 
_exptl_crystal.colour_lustre               ? 
_exptl_crystal.colour_modifier             ? 
_exptl_crystal.colour_primary              ? 
_exptl_crystal.density_meas                ? 
_exptl_crystal.density_meas_esd            ? 
_exptl_crystal.density_meas_gt             ? 
_exptl_crystal.density_meas_lt             ? 
_exptl_crystal.density_meas_temp           ? 
_exptl_crystal.density_meas_temp_esd       ? 
_exptl_crystal.density_meas_temp_gt        ? 
_exptl_crystal.density_meas_temp_lt        ? 
_exptl_crystal.pdbx_crystal_image_url      ? 
_exptl_crystal.pdbx_crystal_image_format   ? 
_exptl_crystal.pdbx_mosaicity              ? 
_exptl_crystal.pdbx_mosaicity_esd          ? 
# 
_exptl_crystal_grow.apparatus       ? 
_exptl_crystal_grow.atmosphere      ? 
_exptl_crystal_grow.crystal_id      1 
_exptl_crystal_grow.details         ? 
_exptl_crystal_grow.method          'VAPOR DIFFUSION' 
_exptl_crystal_grow.method_ref      ? 
_exptl_crystal_grow.pH              4.3 
_exptl_crystal_grow.pressure        ? 
_exptl_crystal_grow.pressure_esd    ? 
_exptl_crystal_grow.seeding         ? 
_exptl_crystal_grow.seeding_ref     ? 
_exptl_crystal_grow.temp            293 
_exptl_crystal_grow.temp_details    ? 
_exptl_crystal_grow.temp_esd        ? 
_exptl_crystal_grow.time            ? 
_exptl_crystal_grow.pdbx_details    
'Initial: 0.1 M sodium acetate pH 4.6 and 2.0 M NaCl, Optimization: 0.1 M sodium acetate pH 4.3 and 2.4 M NaCl' 
_exptl_crystal_grow.pdbx_pH_range   4.0-5.6 
# 
_diffrn.ambient_environment    ? 
_diffrn.ambient_temp           100 
_diffrn.ambient_temp_details   ? 
_diffrn.ambient_temp_esd       ? 
_diffrn.crystal_id             1 
_diffrn.crystal_support        ? 
_diffrn.crystal_treatment      ? 
_diffrn.details                ? 
_diffrn.id                     1 
_diffrn.ambient_pressure       ? 
_diffrn.ambient_pressure_esd   ? 
_diffrn.ambient_pressure_gt    ? 
_diffrn.ambient_pressure_lt    ? 
_diffrn.ambient_temp_gt        ? 
_diffrn.ambient_temp_lt        ? 
# 
_diffrn_detector.details                      ? 
_diffrn_detector.detector                     PIXEL 
_diffrn_detector.diffrn_id                    1 
_diffrn_detector.type                         'DECTRIS PILATUS 2M' 
_diffrn_detector.area_resol_mean              ? 
_diffrn_detector.dtime                        ? 
_diffrn_detector.pdbx_frames_total            ? 
_diffrn_detector.pdbx_collection_time_total   ? 
_diffrn_detector.pdbx_collection_date         2015-03-20 
# 
_diffrn_radiation.collimation                      ? 
_diffrn_radiation.diffrn_id                        1 
_diffrn_radiation.filter_edge                      ? 
_diffrn_radiation.inhomogeneity                    ? 
_diffrn_radiation.monochromator                    ? 
_diffrn_radiation.polarisn_norm                    ? 
_diffrn_radiation.polarisn_ratio                   ? 
_diffrn_radiation.probe                            ? 
_diffrn_radiation.type                             ? 
_diffrn_radiation.xray_symbol                      ? 
_diffrn_radiation.wavelength_id                    1 
_diffrn_radiation.pdbx_monochromatic_or_laue_m_l   M 
_diffrn_radiation.pdbx_wavelength_list             ? 
_diffrn_radiation.pdbx_wavelength                  ? 
_diffrn_radiation.pdbx_diffrn_protocol             'SINGLE WAVELENGTH' 
_diffrn_radiation.pdbx_analyzer                    ? 
_diffrn_radiation.pdbx_scattering_type             x-ray 
# 
_diffrn_radiation_wavelength.id           1 
_diffrn_radiation_wavelength.wavelength   1.45 
_diffrn_radiation_wavelength.wt           1.0 
# 
_diffrn_source.current                     ? 
_diffrn_source.details                     ? 
_diffrn_source.diffrn_id                   1 
_diffrn_source.power                       ? 
_diffrn_source.size                        ? 
_diffrn_source.source                      SYNCHROTRON 
_diffrn_source.target                      ? 
_diffrn_source.type                        'LNLS BEAMLINE W01B-MX2' 
_diffrn_source.voltage                     ? 
_diffrn_source.take-off_angle              ? 
_diffrn_source.pdbx_wavelength_list        1.45 
_diffrn_source.pdbx_wavelength             ? 
_diffrn_source.pdbx_synchrotron_beamline   W01B-MX2 
_diffrn_source.pdbx_synchrotron_site       LNLS 
# 
_reflns.B_iso_Wilson_estimate            ? 
_reflns.entry_id                         5DOM 
_reflns.data_reduction_details           ? 
_reflns.data_reduction_method            ? 
_reflns.d_resolution_high                1.70 
_reflns.d_resolution_low                 40.0 
_reflns.details                          ? 
_reflns.limit_h_max                      ? 
_reflns.limit_h_min                      ? 
_reflns.limit_k_max                      ? 
_reflns.limit_k_min                      ? 
_reflns.limit_l_max                      ? 
_reflns.limit_l_min                      ? 
_reflns.number_all                       13674 
_reflns.number_obs                       13674 
_reflns.observed_criterion               ? 
_reflns.observed_criterion_F_max         ? 
_reflns.observed_criterion_F_min         ? 
_reflns.observed_criterion_I_max         ? 
_reflns.observed_criterion_I_min         ? 
_reflns.observed_criterion_sigma_F       ? 
_reflns.observed_criterion_sigma_I       ? 
_reflns.percent_possible_obs             99.6 
_reflns.R_free_details                   ? 
_reflns.Rmerge_F_all                     ? 
_reflns.Rmerge_F_obs                     ? 
_reflns.Friedel_coverage                 ? 
_reflns.number_gt                        ? 
_reflns.threshold_expression             ? 
_reflns.pdbx_redundancy                  6.7 
_reflns.pdbx_Rmerge_I_obs                ? 
_reflns.pdbx_Rmerge_I_all                ? 
_reflns.pdbx_Rsym_value                  ? 
_reflns.pdbx_netI_over_av_sigmaI         ? 
_reflns.pdbx_netI_over_sigmaI            16.96 
_reflns.pdbx_res_netI_over_av_sigmaI_2   ? 
_reflns.pdbx_res_netI_over_sigmaI_2      ? 
_reflns.pdbx_chi_squared                 ? 
_reflns.pdbx_scaling_rejects             ? 
_reflns.pdbx_d_res_high_opt              ? 
_reflns.pdbx_d_res_low_opt               ? 
_reflns.pdbx_d_res_opt_method            ? 
_reflns.phase_calculation_details        ? 
_reflns.pdbx_Rrim_I_all                  ? 
_reflns.pdbx_Rpim_I_all                  ? 
_reflns.pdbx_d_opt                       ? 
_reflns.pdbx_number_measured_all         ? 
_reflns.pdbx_diffrn_id                   1 
_reflns.pdbx_ordinal                     1 
_reflns.pdbx_CC_half                     ? 
_reflns.pdbx_R_split                     ? 
# 
_reflns_shell.d_res_high                  1.70 
_reflns_shell.d_res_low                   1.81 
_reflns_shell.meanI_over_sigI_all         ? 
_reflns_shell.meanI_over_sigI_obs         ? 
_reflns_shell.number_measured_all         ? 
_reflns_shell.number_measured_obs         ? 
_reflns_shell.number_possible             ? 
_reflns_shell.number_unique_all           ? 
_reflns_shell.number_unique_obs           ? 
_reflns_shell.percent_possible_all        ? 
_reflns_shell.percent_possible_obs        ? 
_reflns_shell.Rmerge_F_all                ? 
_reflns_shell.Rmerge_F_obs                ? 
_reflns_shell.Rmerge_I_all                ? 
_reflns_shell.Rmerge_I_obs                ? 
_reflns_shell.meanI_over_sigI_gt          ? 
_reflns_shell.meanI_over_uI_all           ? 
_reflns_shell.meanI_over_uI_gt            ? 
_reflns_shell.number_measured_gt          ? 
_reflns_shell.number_unique_gt            ? 
_reflns_shell.percent_possible_gt         ? 
_reflns_shell.Rmerge_F_gt                 ? 
_reflns_shell.Rmerge_I_gt                 ? 
_reflns_shell.pdbx_redundancy             ? 
_reflns_shell.pdbx_Rsym_value             ? 
_reflns_shell.pdbx_chi_squared            ? 
_reflns_shell.pdbx_netI_over_sigmaI_all   ? 
_reflns_shell.pdbx_netI_over_sigmaI_obs   ? 
_reflns_shell.pdbx_Rrim_I_all             ? 
_reflns_shell.pdbx_Rpim_I_all             ? 
_reflns_shell.pdbx_rejects                ? 
_reflns_shell.pdbx_ordinal                1 
_reflns_shell.pdbx_diffrn_id              1 
_reflns_shell.pdbx_CC_half                ? 
_reflns_shell.pdbx_R_split                ? 
# 
_refine.pdbx_refine_id                           'X-RAY DIFFRACTION' 
_refine.entry_id                                 5DOM 
_refine.pdbx_diffrn_id                           1 
_refine.pdbx_TLS_residual_ADP_flag               ? 
_refine.ls_number_reflns_obs                     11992 
_refine.ls_number_reflns_all                     ? 
_refine.pdbx_ls_sigma_I                          ? 
_refine.pdbx_ls_sigma_F                          ? 
_refine.pdbx_data_cutoff_high_absF               ? 
_refine.pdbx_data_cutoff_low_absF                ? 
_refine.pdbx_data_cutoff_high_rms_absF           ? 
_refine.ls_d_res_low                             75.57 
_refine.ls_d_res_high                            1.69 
_refine.ls_percent_reflns_obs                    88.57 
_refine.ls_R_factor_obs                          0.22391 
_refine.ls_R_factor_all                          ? 
_refine.ls_R_factor_R_work                       0.22192 
_refine.ls_R_factor_R_free                       0.26288 
_refine.ls_R_factor_R_free_error                 ? 
_refine.ls_R_factor_R_free_error_details         ? 
_refine.ls_percent_reflns_R_free                 4.8 
_refine.ls_number_reflns_R_free                  608 
_refine.ls_number_parameters                     ? 
_refine.ls_number_restraints                     ? 
_refine.occupancy_min                            ? 
_refine.occupancy_max                            ? 
_refine.correlation_coeff_Fo_to_Fc               0.947 
_refine.correlation_coeff_Fo_to_Fc_free          0.935 
_refine.B_iso_mean                               35.896 
_refine.aniso_B[1][1]                            0.32 
_refine.aniso_B[2][2]                            0.32 
_refine.aniso_B[3][3]                            -0.65 
_refine.aniso_B[1][2]                            -0.00 
_refine.aniso_B[1][3]                            0.00 
_refine.aniso_B[2][3]                            -0.00 
_refine.solvent_model_details                    MASK 
_refine.solvent_model_param_ksol                 ? 
_refine.solvent_model_param_bsol                 ? 
_refine.pdbx_solvent_vdw_probe_radii             1.20 
_refine.pdbx_solvent_ion_probe_radii             0.80 
_refine.pdbx_solvent_shrinkage_radii             0.80 
_refine.pdbx_ls_cross_valid_method               THROUGHOUT 
_refine.details                                  'HYDROGENS HAVE BEEN ADDED IN THE RIDING POSITIONS' 
_refine.pdbx_starting_model                      ? 
_refine.pdbx_method_to_determine_struct          SIRAS 
_refine.pdbx_isotropic_thermal_model             ? 
_refine.pdbx_stereochemistry_target_values       'MAXIMUM LIKELIHOOD' 
_refine.pdbx_stereochem_target_val_spec_case     ? 
_refine.pdbx_R_Free_selection_details            RANDOM 
_refine.pdbx_overall_ESU_R                       0.120 
_refine.pdbx_overall_ESU_R_Free                  0.122 
_refine.overall_SU_ML                            0.093 
_refine.pdbx_overall_phase_error                 ? 
_refine.overall_SU_B                             2.902 
_refine.overall_SU_R_Cruickshank_DPI             ? 
_refine.pdbx_overall_SU_R_free_Cruickshank_DPI   ? 
_refine.pdbx_overall_SU_R_Blow_DPI               ? 
_refine.pdbx_overall_SU_R_free_Blow_DPI          ? 
# 
_refine_hist.pdbx_refine_id                   'X-RAY DIFFRACTION' 
_refine_hist.cycle_id                         LAST 
_refine_hist.pdbx_number_atoms_protein        740 
_refine_hist.pdbx_number_atoms_nucleic_acid   0 
_refine_hist.pdbx_number_atoms_ligand         8 
_refine_hist.number_atoms_solvent             50 
_refine_hist.number_atoms_total               798 
_refine_hist.d_res_high                       1.69 
_refine_hist.d_res_low                        75.57 
# 
loop_
_refine_ls_restr.type 
_refine_ls_restr.dev_ideal 
_refine_ls_restr.dev_ideal_target 
_refine_ls_restr.weight 
_refine_ls_restr.number 
_refine_ls_restr.pdbx_refine_id 
_refine_ls_restr.pdbx_restraint_function 
r_bond_refined_d             0.022  0.019  ? 764  'X-RAY DIFFRACTION' ? 
r_bond_other_d               0.002  0.020  ? 749  'X-RAY DIFFRACTION' ? 
r_angle_refined_deg          2.018  1.932  ? 1025 'X-RAY DIFFRACTION' ? 
r_angle_other_deg            1.141  3.000  ? 1695 'X-RAY DIFFRACTION' ? 
r_dihedral_angle_1_deg       6.217  5.000  ? 88   'X-RAY DIFFRACTION' ? 
r_dihedral_angle_2_deg       36.857 20.930 ? 43   'X-RAY DIFFRACTION' ? 
r_dihedral_angle_3_deg       15.720 15.000 ? 136  'X-RAY DIFFRACTION' ? 
r_dihedral_angle_4_deg       20.593 15.000 ? 16   'X-RAY DIFFRACTION' ? 
r_chiral_restr               0.156  0.200  ? 103  'X-RAY DIFFRACTION' ? 
r_gen_planes_refined         0.011  0.021  ? 878  'X-RAY DIFFRACTION' ? 
r_gen_planes_other           0.002  0.020  ? 218  'X-RAY DIFFRACTION' ? 
r_nbd_refined                ?      ?      ? ?    'X-RAY DIFFRACTION' ? 
r_nbd_other                  ?      ?      ? ?    'X-RAY DIFFRACTION' ? 
r_nbtor_refined              ?      ?      ? ?    'X-RAY DIFFRACTION' ? 
r_nbtor_other                ?      ?      ? ?    'X-RAY DIFFRACTION' ? 
r_xyhbond_nbd_refined        ?      ?      ? ?    'X-RAY DIFFRACTION' ? 
r_xyhbond_nbd_other          ?      ?      ? ?    'X-RAY DIFFRACTION' ? 
r_metal_ion_refined          ?      ?      ? ?    'X-RAY DIFFRACTION' ? 
r_metal_ion_other            ?      ?      ? ?    'X-RAY DIFFRACTION' ? 
r_symmetry_vdw_refined       ?      ?      ? ?    'X-RAY DIFFRACTION' ? 
r_symmetry_vdw_other         ?      ?      ? ?    'X-RAY DIFFRACTION' ? 
r_symmetry_hbond_refined     ?      ?      ? ?    'X-RAY DIFFRACTION' ? 
r_symmetry_hbond_other       ?      ?      ? ?    'X-RAY DIFFRACTION' ? 
r_symmetry_metal_ion_refined ?      ?      ? ?    'X-RAY DIFFRACTION' ? 
r_symmetry_metal_ion_other   ?      ?      ? ?    'X-RAY DIFFRACTION' ? 
r_mcbond_it                  3.637  3.119  ? 359  'X-RAY DIFFRACTION' ? 
r_mcbond_other               3.582  3.111  ? 357  'X-RAY DIFFRACTION' ? 
r_mcangle_it                 4.971  4.633  ? 444  'X-RAY DIFFRACTION' ? 
r_mcangle_other              4.966  4.640  ? 445  'X-RAY DIFFRACTION' ? 
r_scbond_it                  4.397  3.828  ? 404  'X-RAY DIFFRACTION' ? 
r_scbond_other               4.392  3.829  ? 405  'X-RAY DIFFRACTION' ? 
r_scangle_it                 ?      ?      ? ?    'X-RAY DIFFRACTION' ? 
r_scangle_other              6.694  5.517  ? 582  'X-RAY DIFFRACTION' ? 
r_long_range_B_refined       8.516  25.676 ? 912  'X-RAY DIFFRACTION' ? 
r_long_range_B_other         8.512  25.692 ? 913  'X-RAY DIFFRACTION' ? 
r_rigid_bond_restr           ?      ?      ? ?    'X-RAY DIFFRACTION' ? 
r_sphericity_free            ?      ?      ? ?    'X-RAY DIFFRACTION' ? 
r_sphericity_bonded          ?      ?      ? ?    'X-RAY DIFFRACTION' ? 
# 
_refine_ls_shell.pdbx_refine_id                   'X-RAY DIFFRACTION' 
_refine_ls_shell.pdbx_total_number_of_bins_used   20 
_refine_ls_shell.d_res_high                       1.694 
_refine_ls_shell.d_res_low                        1.738 
_refine_ls_shell.number_reflns_R_work             629 
_refine_ls_shell.R_factor_R_work                  0.324 
_refine_ls_shell.percent_reflns_obs               65.79 
_refine_ls_shell.R_factor_R_free                  0.364 
_refine_ls_shell.R_factor_R_free_error            ? 
_refine_ls_shell.percent_reflns_R_free            ? 
_refine_ls_shell.number_reflns_R_free             48 
_refine_ls_shell.number_reflns_all                ? 
_refine_ls_shell.R_factor_all                     ? 
# 
_struct.entry_id                     5DOM 
_struct.title                        
'Crystal structure, maturation and flocculating properties of a 2S albumin from Moringa oleifera seeds' 
_struct.pdbx_model_details           ? 
_struct.pdbx_formula_weight          ? 
_struct.pdbx_formula_weight_method   ? 
_struct.pdbx_model_type_details      ? 
_struct.pdbx_CASP_flag               ? 
# 
_struct_keywords.entry_id        5DOM 
_struct_keywords.text            'Moringa oleifera seeds, 2S albumin, flocculating activity, PLANT PROTEIN' 
_struct_keywords.pdbx_keywords   'PLANT PROTEIN' 
# 
loop_
_struct_asym.id 
_struct_asym.pdbx_blank_PDB_chainid_flag 
_struct_asym.pdbx_modified 
_struct_asym.entity_id 
_struct_asym.details 
A N N 1 ? 
B N N 2 ? 
C N N 3 ? 
D N N 4 ? 
# 
_struct_ref.id                         1 
_struct_ref.db_name                    UNP 
_struct_ref.db_code                    W5S2D2_MOROL 
_struct_ref.pdbx_db_accession          W5S2D2 
_struct_ref.pdbx_db_isoform            ? 
_struct_ref.entity_id                  1 
_struct_ref.pdbx_seq_one_letter_code   
;QQQRCRHQFQTQQRLRACQRVIRRWSQGGGPMEDVEDEIDETDEIEEVVEPDQARRPPTLQRCCRQLRNVSPFCRCPSLR
QAVQSAQQQQGQVGPQQVGHMYRVASRIPAICNLQPMRCPFR
;
_struct_ref.pdbx_align_begin           37 
# 
_struct_ref_seq.align_id                      1 
_struct_ref_seq.ref_id                        1 
_struct_ref_seq.pdbx_PDB_id_code              5DOM 
_struct_ref_seq.pdbx_strand_id                A 
_struct_ref_seq.seq_align_beg                 1 
_struct_ref_seq.pdbx_seq_align_beg_ins_code   ? 
_struct_ref_seq.seq_align_end                 122 
_struct_ref_seq.pdbx_seq_align_end_ins_code   ? 
_struct_ref_seq.pdbx_db_accession             W5S2D2 
_struct_ref_seq.db_align_beg                  37 
_struct_ref_seq.pdbx_db_align_beg_ins_code    ? 
_struct_ref_seq.db_align_end                  158 
_struct_ref_seq.pdbx_db_align_end_ins_code    ? 
_struct_ref_seq.pdbx_auth_seq_align_beg       37 
_struct_ref_seq.pdbx_auth_seq_align_end       158 
# 
_pdbx_struct_assembly.id                   1 
_pdbx_struct_assembly.details              author_and_software_defined_assembly 
_pdbx_struct_assembly.method_details       PISA 
_pdbx_struct_assembly.oligomeric_details   monomeric 
_pdbx_struct_assembly.oligomeric_count     1 
# 
_pdbx_struct_assembly_gen.assembly_id       1 
_pdbx_struct_assembly_gen.oper_expression   1 
_pdbx_struct_assembly_gen.asym_id_list      A,B,C,D 
# 
_pdbx_struct_oper_list.id                   1 
_pdbx_struct_oper_list.type                 'identity operation' 
_pdbx_struct_oper_list.name                 1_555 
_pdbx_struct_oper_list.symmetry_operation   x,y,z 
_pdbx_struct_oper_list.matrix[1][1]         1.0000000000 
_pdbx_struct_oper_list.matrix[1][2]         0.0000000000 
_pdbx_struct_oper_list.matrix[1][3]         0.0000000000 
_pdbx_struct_oper_list.vector[1]            0.0000000000 
_pdbx_struct_oper_list.matrix[2][1]         0.0000000000 
_pdbx_struct_oper_list.matrix[2][2]         1.0000000000 
_pdbx_struct_oper_list.matrix[2][3]         0.0000000000 
_pdbx_struct_oper_list.vector[2]            0.0000000000 
_pdbx_struct_oper_list.matrix[3][1]         0.0000000000 
_pdbx_struct_oper_list.matrix[3][2]         0.0000000000 
_pdbx_struct_oper_list.matrix[3][3]         1.0000000000 
_pdbx_struct_oper_list.vector[3]            0.0000000000 
# 
loop_
_struct_conf.conf_type_id 
_struct_conf.id 
_struct_conf.pdbx_PDB_helix_id 
_struct_conf.beg_label_comp_id 
_struct_conf.beg_label_asym_id 
_struct_conf.beg_label_seq_id 
_struct_conf.pdbx_beg_PDB_ins_code 
_struct_conf.end_label_comp_id 
_struct_conf.end_label_asym_id 
_struct_conf.end_label_seq_id 
_struct_conf.pdbx_end_PDB_ins_code 
_struct_conf.beg_auth_comp_id 
_struct_conf.beg_auth_asym_id 
_struct_conf.beg_auth_seq_id 
_struct_conf.end_auth_comp_id 
_struct_conf.end_auth_asym_id 
_struct_conf.end_auth_seq_id 
_struct_conf.pdbx_PDB_helix_class 
_struct_conf.details 
_struct_conf.pdbx_PDB_helix_length 
HELX_P HELX_P1 AA1 ARG A 4  ? GLN A 12  ? ARG A 40  GLN A 48  1 ? 9  
HELX_P HELX_P2 AA2 LEU A 15 ? TRP A 25  ? LEU A 51  TRP A 61  1 ? 11 
HELX_P HELX_P3 AA3 PRO A 58 ? ASN A 69  ? PRO A 94  ASN A 105 1 ? 12 
HELX_P HELX_P4 AA4 SER A 71 ? PHE A 73  ? SER A 107 PHE A 109 5 ? 3  
HELX_P HELX_P5 AA5 CYS A 74 ? GLN A 90  ? CYS A 110 GLN A 126 1 ? 17 
HELX_P HELX_P6 AA6 GLY A 94 ? CYS A 112 ? GLY A 130 CYS A 148 1 ? 19 
# 
_struct_conf_type.id          HELX_P 
_struct_conf_type.criteria    ? 
_struct_conf_type.reference   ? 
# 
loop_
_struct_conn.id 
_struct_conn.conn_type_id 
_struct_conn.pdbx_leaving_atom_flag 
_struct_conn.pdbx_PDB_id 
_struct_conn.ptnr1_label_asym_id 
_struct_conn.ptnr1_label_comp_id 
_struct_conn.ptnr1_label_seq_id 
_struct_conn.ptnr1_label_atom_id 
_struct_conn.pdbx_ptnr1_label_alt_id 
_struct_conn.pdbx_ptnr1_PDB_ins_code 
_struct_conn.pdbx_ptnr1_standard_comp_id 
_struct_conn.ptnr1_symmetry 
_struct_conn.ptnr2_label_asym_id 
_struct_conn.ptnr2_label_comp_id 
_struct_conn.ptnr2_label_seq_id 
_struct_conn.ptnr2_label_atom_id 
_struct_conn.pdbx_ptnr2_label_alt_id 
_struct_conn.pdbx_ptnr2_PDB_ins_code 
_struct_conn.ptnr1_auth_asym_id 
_struct_conn.ptnr1_auth_comp_id 
_struct_conn.ptnr1_auth_seq_id 
_struct_conn.ptnr2_auth_asym_id 
_struct_conn.ptnr2_auth_comp_id 
_struct_conn.ptnr2_auth_seq_id 
_struct_conn.ptnr2_symmetry 
_struct_conn.pdbx_ptnr3_label_atom_id 
_struct_conn.pdbx_ptnr3_label_seq_id 
_struct_conn.pdbx_ptnr3_label_comp_id 
_struct_conn.pdbx_ptnr3_label_asym_id 
_struct_conn.pdbx_ptnr3_label_alt_id 
_struct_conn.pdbx_ptnr3_PDB_ins_code 
_struct_conn.details 
_struct_conn.pdbx_dist_value 
_struct_conn.pdbx_value_order 
_struct_conn.pdbx_role 
disulf1 disulf ? ? A CYS 5  SG ? ? ? 1_555 A CYS 74  SG ? ? A CYS 41  A CYS 110 1_555 ? ? ? ? ? ? ? 2.073 ? ? 
disulf2 disulf ? ? A CYS 18 SG ? ? ? 1_555 A CYS 63  SG ? ? A CYS 54  A CYS 99  1_555 ? ? ? ? ? ? ? 2.013 ? ? 
disulf3 disulf ? ? A CYS 64 SG ? ? ? 1_555 A CYS 112 SG ? ? A CYS 100 A CYS 148 1_555 ? ? ? ? ? ? ? 2.028 ? ? 
disulf4 disulf ? ? A CYS 76 SG ? ? ? 1_555 A CYS 119 SG ? ? A CYS 112 A CYS 155 1_555 ? ? ? ? ? ? ? 2.028 ? ? 
# 
_struct_conn_type.id          disulf 
_struct_conn_type.criteria    ? 
_struct_conn_type.reference   ? 
# 
loop_
_pdbx_modification_feature.ordinal 
_pdbx_modification_feature.label_comp_id 
_pdbx_modification_feature.label_asym_id 
_pdbx_modification_feature.label_seq_id 
_pdbx_modification_feature.label_alt_id 
_pdbx_modification_feature.modified_residue_label_comp_id 
_pdbx_modification_feature.modified_residue_label_asym_id 
_pdbx_modification_feature.modified_residue_label_seq_id 
_pdbx_modification_feature.modified_residue_label_alt_id 
_pdbx_modification_feature.auth_comp_id 
_pdbx_modification_feature.auth_asym_id 
_pdbx_modification_feature.auth_seq_id 
_pdbx_modification_feature.PDB_ins_code 
_pdbx_modification_feature.symmetry 
_pdbx_modification_feature.modified_residue_auth_comp_id 
_pdbx_modification_feature.modified_residue_auth_asym_id 
_pdbx_modification_feature.modified_residue_auth_seq_id 
_pdbx_modification_feature.modified_residue_PDB_ins_code 
_pdbx_modification_feature.modified_residue_symmetry 
_pdbx_modification_feature.comp_id_linking_atom 
_pdbx_modification_feature.modified_residue_id_linking_atom 
_pdbx_modification_feature.modified_residue_id 
_pdbx_modification_feature.ref_pcm_id 
_pdbx_modification_feature.ref_comp_id 
_pdbx_modification_feature.type 
_pdbx_modification_feature.category 
1 CYS A 5  ? CYS A 74  ? CYS A 41  ? 1_555 CYS A 110 ? 1_555 SG SG . . . None 'Disulfide bridge' 
2 CYS A 18 ? CYS A 63  ? CYS A 54  ? 1_555 CYS A 99  ? 1_555 SG SG . . . None 'Disulfide bridge' 
3 CYS A 64 ? CYS A 112 ? CYS A 100 ? 1_555 CYS A 148 ? 1_555 SG SG . . . None 'Disulfide bridge' 
4 CYS A 76 ? CYS A 119 ? CYS A 112 ? 1_555 CYS A 155 ? 1_555 SG SG . . . None 'Disulfide bridge' 
# 
_struct_mon_prot_cis.pdbx_id                1 
_struct_mon_prot_cis.label_comp_id          GLN 
_struct_mon_prot_cis.label_seq_id           115 
_struct_mon_prot_cis.label_asym_id          A 
_struct_mon_prot_cis.label_alt_id           . 
_struct_mon_prot_cis.pdbx_PDB_ins_code      ? 
_struct_mon_prot_cis.auth_comp_id           GLN 
_struct_mon_prot_cis.auth_seq_id            151 
_struct_mon_prot_cis.auth_asym_id           A 
_struct_mon_prot_cis.pdbx_label_comp_id_2   PRO 
_struct_mon_prot_cis.pdbx_label_seq_id_2    116 
_struct_mon_prot_cis.pdbx_label_asym_id_2   A 
_struct_mon_prot_cis.pdbx_PDB_ins_code_2    ? 
_struct_mon_prot_cis.pdbx_auth_comp_id_2    PRO 
_struct_mon_prot_cis.pdbx_auth_seq_id_2     152 
_struct_mon_prot_cis.pdbx_auth_asym_id_2    A 
_struct_mon_prot_cis.pdbx_PDB_model_num     1 
_struct_mon_prot_cis.pdbx_omega_angle       10.61 
# 
loop_
_struct_site.id 
_struct_site.pdbx_evidence_code 
_struct_site.pdbx_auth_asym_id 
_struct_site.pdbx_auth_comp_id 
_struct_site.pdbx_auth_seq_id 
_struct_site.pdbx_auth_ins_code 
_struct_site.pdbx_num_residues 
_struct_site.details 
AC1 Software A EDO 201 ? 6 'binding site for residue EDO A 201' 
AC2 Software A ACT 202 ? 2 'binding site for residue ACT A 202' 
# 
loop_
_struct_site_gen.id 
_struct_site_gen.site_id 
_struct_site_gen.pdbx_num_res 
_struct_site_gen.label_comp_id 
_struct_site_gen.label_asym_id 
_struct_site_gen.label_seq_id 
_struct_site_gen.pdbx_auth_ins_code 
_struct_site_gen.auth_comp_id 
_struct_site_gen.auth_asym_id 
_struct_site_gen.auth_seq_id 
_struct_site_gen.label_atom_id 
_struct_site_gen.label_alt_id 
_struct_site_gen.symmetry 
_struct_site_gen.details 
1 AC1 6 GLN A 96  ? GLN A 132 . ? 10_665 ? 
2 AC1 6 GLY A 99  ? GLY A 135 . ? 1_555  ? 
3 AC1 6 HIS A 100 ? HIS A 136 . ? 10_665 ? 
4 AC1 6 HIS A 100 ? HIS A 136 . ? 1_555  ? 
5 AC1 6 ARG A 103 ? ARG A 139 . ? 1_555  ? 
6 AC1 6 HOH D .   ? HOH A 313 . ? 10_665 ? 
7 AC2 2 ARG A 68  ? ARG A 104 . ? 1_555  ? 
8 AC2 2 ASN A 69  ? ASN A 105 . ? 1_555  ? 
# 
_pdbx_entry_details.entry_id                   5DOM 
_pdbx_entry_details.compound_details           ? 
_pdbx_entry_details.source_details             ? 
_pdbx_entry_details.nonpolymer_details         ? 
_pdbx_entry_details.sequence_details           ? 
_pdbx_entry_details.has_ligand_of_interest     ? 
_pdbx_entry_details.has_protein_modification   Y 
# 
loop_
_pdbx_validate_symm_contact.id 
_pdbx_validate_symm_contact.PDB_model_num 
_pdbx_validate_symm_contact.auth_atom_id_1 
_pdbx_validate_symm_contact.auth_asym_id_1 
_pdbx_validate_symm_contact.auth_comp_id_1 
_pdbx_validate_symm_contact.auth_seq_id_1 
_pdbx_validate_symm_contact.PDB_ins_code_1 
_pdbx_validate_symm_contact.label_alt_id_1 
_pdbx_validate_symm_contact.site_symmetry_1 
_pdbx_validate_symm_contact.auth_atom_id_2 
_pdbx_validate_symm_contact.auth_asym_id_2 
_pdbx_validate_symm_contact.auth_comp_id_2 
_pdbx_validate_symm_contact.auth_seq_id_2 
_pdbx_validate_symm_contact.PDB_ins_code_2 
_pdbx_validate_symm_contact.label_alt_id_2 
_pdbx_validate_symm_contact.site_symmetry_2 
_pdbx_validate_symm_contact.dist 
1 1 O A HOH 302 ? ? 1_555 O A HOH 302 ? ? 10_665 0.92 
2 1 O A HOH 309 ? ? 1_555 O A HOH 309 ? ? 8_666  1.09 
# 
loop_
_pdbx_validate_rmsd_angle.id 
_pdbx_validate_rmsd_angle.PDB_model_num 
_pdbx_validate_rmsd_angle.auth_atom_id_1 
_pdbx_validate_rmsd_angle.auth_asym_id_1 
_pdbx_validate_rmsd_angle.auth_comp_id_1 
_pdbx_validate_rmsd_angle.auth_seq_id_1 
_pdbx_validate_rmsd_angle.PDB_ins_code_1 
_pdbx_validate_rmsd_angle.label_alt_id_1 
_pdbx_validate_rmsd_angle.auth_atom_id_2 
_pdbx_validate_rmsd_angle.auth_asym_id_2 
_pdbx_validate_rmsd_angle.auth_comp_id_2 
_pdbx_validate_rmsd_angle.auth_seq_id_2 
_pdbx_validate_rmsd_angle.PDB_ins_code_2 
_pdbx_validate_rmsd_angle.label_alt_id_2 
_pdbx_validate_rmsd_angle.auth_atom_id_3 
_pdbx_validate_rmsd_angle.auth_asym_id_3 
_pdbx_validate_rmsd_angle.auth_comp_id_3 
_pdbx_validate_rmsd_angle.auth_seq_id_3 
_pdbx_validate_rmsd_angle.PDB_ins_code_3 
_pdbx_validate_rmsd_angle.label_alt_id_3 
_pdbx_validate_rmsd_angle.angle_value 
_pdbx_validate_rmsd_angle.angle_target_value 
_pdbx_validate_rmsd_angle.angle_deviation 
_pdbx_validate_rmsd_angle.angle_standard_deviation 
_pdbx_validate_rmsd_angle.linker_flag 
1 1 CB A LEU 51  ? ? CG A LEU 51  ? ? CD1 A LEU 51  ? ? 121.48 111.00 10.48 1.70 N 
2 1 NE A ARG 111 ? ? CZ A ARG 111 ? ? NH2 A ARG 111 ? ? 117.06 120.30 -3.24 0.50 N 
# 
loop_
_pdbx_validate_torsion.id 
_pdbx_validate_torsion.PDB_model_num 
_pdbx_validate_torsion.auth_comp_id 
_pdbx_validate_torsion.auth_asym_id 
_pdbx_validate_torsion.auth_seq_id 
_pdbx_validate_torsion.PDB_ins_code 
_pdbx_validate_torsion.label_alt_id 
_pdbx_validate_torsion.phi 
_pdbx_validate_torsion.psi 
1 1 GLN A 48  ? ? -90.29 48.93  
2 1 MET A 153 ? ? 81.55  -29.64 
# 
loop_
_pdbx_struct_special_symmetry.id 
_pdbx_struct_special_symmetry.PDB_model_num 
_pdbx_struct_special_symmetry.auth_asym_id 
_pdbx_struct_special_symmetry.auth_comp_id 
_pdbx_struct_special_symmetry.auth_seq_id 
_pdbx_struct_special_symmetry.PDB_ins_code 
_pdbx_struct_special_symmetry.label_asym_id 
_pdbx_struct_special_symmetry.label_comp_id 
_pdbx_struct_special_symmetry.label_seq_id 
1 1 A HOH 337 ? D HOH . 
2 1 A HOH 339 ? D HOH . 
# 
loop_
_pdbx_unobs_or_zero_occ_residues.id 
_pdbx_unobs_or_zero_occ_residues.PDB_model_num 
_pdbx_unobs_or_zero_occ_residues.polymer_flag 
_pdbx_unobs_or_zero_occ_residues.occupancy_flag 
_pdbx_unobs_or_zero_occ_residues.auth_asym_id 
_pdbx_unobs_or_zero_occ_residues.auth_comp_id 
_pdbx_unobs_or_zero_occ_residues.auth_seq_id 
_pdbx_unobs_or_zero_occ_residues.PDB_ins_code 
_pdbx_unobs_or_zero_occ_residues.label_asym_id 
_pdbx_unobs_or_zero_occ_residues.label_comp_id 
_pdbx_unobs_or_zero_occ_residues.label_seq_id 
1  1 Y 1 A GLN 37 ? A GLN 1  
2  1 Y 1 A GLN 38 ? A GLN 2  
3  1 Y 1 A GLN 39 ? A GLN 3  
4  1 Y 1 A GLY 64 ? A GLY 28 
5  1 Y 1 A GLY 65 ? A GLY 29 
6  1 Y 1 A GLY 66 ? A GLY 30 
7  1 Y 1 A PRO 67 ? A PRO 31 
8  1 Y 1 A MET 68 ? A MET 32 
9  1 Y 1 A GLU 69 ? A GLU 33 
10 1 Y 1 A ASP 70 ? A ASP 34 
11 1 Y 1 A VAL 71 ? A VAL 35 
12 1 Y 1 A GLU 72 ? A GLU 36 
13 1 Y 1 A ASP 73 ? A ASP 37 
14 1 Y 1 A GLU 74 ? A GLU 38 
15 1 Y 1 A ILE 75 ? A ILE 39 
16 1 Y 1 A ASP 76 ? A ASP 40 
17 1 Y 1 A GLU 77 ? A GLU 41 
18 1 Y 1 A THR 78 ? A THR 42 
19 1 Y 1 A ASP 79 ? A ASP 43 
20 1 Y 1 A GLU 80 ? A GLU 44 
21 1 Y 1 A ILE 81 ? A ILE 45 
22 1 Y 1 A GLU 82 ? A GLU 46 
23 1 Y 1 A GLU 83 ? A GLU 47 
24 1 Y 1 A VAL 84 ? A VAL 48 
25 1 Y 1 A VAL 85 ? A VAL 49 
26 1 Y 1 A GLU 86 ? A GLU 50 
27 1 Y 1 A PRO 87 ? A PRO 51 
28 1 Y 1 A ASP 88 ? A ASP 52 
29 1 Y 1 A GLN 89 ? A GLN 53 
30 1 Y 1 A ALA 90 ? A ALA 54 
31 1 Y 1 A ARG 91 ? A ARG 55 
32 1 Y 1 A ARG 92 ? A ARG 56 
# 
loop_
_chem_comp_atom.comp_id 
_chem_comp_atom.atom_id 
_chem_comp_atom.type_symbol 
_chem_comp_atom.pdbx_aromatic_flag 
_chem_comp_atom.pdbx_stereo_config 
_chem_comp_atom.pdbx_ordinal 
ACT C    C N N 1   
ACT O    O N N 2   
ACT OXT  O N N 3   
ACT CH3  C N N 4   
ACT H1   H N N 5   
ACT H2   H N N 6   
ACT H3   H N N 7   
ALA N    N N N 8   
ALA CA   C N S 9   
ALA C    C N N 10  
ALA O    O N N 11  
ALA CB   C N N 12  
ALA OXT  O N N 13  
ALA H    H N N 14  
ALA H2   H N N 15  
ALA HA   H N N 16  
ALA HB1  H N N 17  
ALA HB2  H N N 18  
ALA HB3  H N N 19  
ALA HXT  H N N 20  
ARG N    N N N 21  
ARG CA   C N S 22  
ARG C    C N N 23  
ARG O    O N N 24  
ARG CB   C N N 25  
ARG CG   C N N 26  
ARG CD   C N N 27  
ARG NE   N N N 28  
ARG CZ   C N N 29  
ARG NH1  N N N 30  
ARG NH2  N N N 31  
ARG OXT  O N N 32  
ARG H    H N N 33  
ARG H2   H N N 34  
ARG HA   H N N 35  
ARG HB2  H N N 36  
ARG HB3  H N N 37  
ARG HG2  H N N 38  
ARG HG3  H N N 39  
ARG HD2  H N N 40  
ARG HD3  H N N 41  
ARG HE   H N N 42  
ARG HH11 H N N 43  
ARG HH12 H N N 44  
ARG HH21 H N N 45  
ARG HH22 H N N 46  
ARG HXT  H N N 47  
ASN N    N N N 48  
ASN CA   C N S 49  
ASN C    C N N 50  
ASN O    O N N 51  
ASN CB   C N N 52  
ASN CG   C N N 53  
ASN OD1  O N N 54  
ASN ND2  N N N 55  
ASN OXT  O N N 56  
ASN H    H N N 57  
ASN H2   H N N 58  
ASN HA   H N N 59  
ASN HB2  H N N 60  
ASN HB3  H N N 61  
ASN HD21 H N N 62  
ASN HD22 H N N 63  
ASN HXT  H N N 64  
ASP N    N N N 65  
ASP CA   C N S 66  
ASP C    C N N 67  
ASP O    O N N 68  
ASP CB   C N N 69  
ASP CG   C N N 70  
ASP OD1  O N N 71  
ASP OD2  O N N 72  
ASP OXT  O N N 73  
ASP H    H N N 74  
ASP H2   H N N 75  
ASP HA   H N N 76  
ASP HB2  H N N 77  
ASP HB3  H N N 78  
ASP HD2  H N N 79  
ASP HXT  H N N 80  
CYS N    N N N 81  
CYS CA   C N R 82  
CYS C    C N N 83  
CYS O    O N N 84  
CYS CB   C N N 85  
CYS SG   S N N 86  
CYS OXT  O N N 87  
CYS H    H N N 88  
CYS H2   H N N 89  
CYS HA   H N N 90  
CYS HB2  H N N 91  
CYS HB3  H N N 92  
CYS HG   H N N 93  
CYS HXT  H N N 94  
EDO C1   C N N 95  
EDO O1   O N N 96  
EDO C2   C N N 97  
EDO O2   O N N 98  
EDO H11  H N N 99  
EDO H12  H N N 100 
EDO HO1  H N N 101 
EDO H21  H N N 102 
EDO H22  H N N 103 
EDO HO2  H N N 104 
GLN N    N N N 105 
GLN CA   C N S 106 
GLN C    C N N 107 
GLN O    O N N 108 
GLN CB   C N N 109 
GLN CG   C N N 110 
GLN CD   C N N 111 
GLN OE1  O N N 112 
GLN NE2  N N N 113 
GLN OXT  O N N 114 
GLN H    H N N 115 
GLN H2   H N N 116 
GLN HA   H N N 117 
GLN HB2  H N N 118 
GLN HB3  H N N 119 
GLN HG2  H N N 120 
GLN HG3  H N N 121 
GLN HE21 H N N 122 
GLN HE22 H N N 123 
GLN HXT  H N N 124 
GLU N    N N N 125 
GLU CA   C N S 126 
GLU C    C N N 127 
GLU O    O N N 128 
GLU CB   C N N 129 
GLU CG   C N N 130 
GLU CD   C N N 131 
GLU OE1  O N N 132 
GLU OE2  O N N 133 
GLU OXT  O N N 134 
GLU H    H N N 135 
GLU H2   H N N 136 
GLU HA   H N N 137 
GLU HB2  H N N 138 
GLU HB3  H N N 139 
GLU HG2  H N N 140 
GLU HG3  H N N 141 
GLU HE2  H N N 142 
GLU HXT  H N N 143 
GLY N    N N N 144 
GLY CA   C N N 145 
GLY C    C N N 146 
GLY O    O N N 147 
GLY OXT  O N N 148 
GLY H    H N N 149 
GLY H2   H N N 150 
GLY HA2  H N N 151 
GLY HA3  H N N 152 
GLY HXT  H N N 153 
HIS N    N N N 154 
HIS CA   C N S 155 
HIS C    C N N 156 
HIS O    O N N 157 
HIS CB   C N N 158 
HIS CG   C Y N 159 
HIS ND1  N Y N 160 
HIS CD2  C Y N 161 
HIS CE1  C Y N 162 
HIS NE2  N Y N 163 
HIS OXT  O N N 164 
HIS H    H N N 165 
HIS H2   H N N 166 
HIS HA   H N N 167 
HIS HB2  H N N 168 
HIS HB3  H N N 169 
HIS HD1  H N N 170 
HIS HD2  H N N 171 
HIS HE1  H N N 172 
HIS HE2  H N N 173 
HIS HXT  H N N 174 
HOH O    O N N 175 
HOH H1   H N N 176 
HOH H2   H N N 177 
ILE N    N N N 178 
ILE CA   C N S 179 
ILE C    C N N 180 
ILE O    O N N 181 
ILE CB   C N S 182 
ILE CG1  C N N 183 
ILE CG2  C N N 184 
ILE CD1  C N N 185 
ILE OXT  O N N 186 
ILE H    H N N 187 
ILE H2   H N N 188 
ILE HA   H N N 189 
ILE HB   H N N 190 
ILE HG12 H N N 191 
ILE HG13 H N N 192 
ILE HG21 H N N 193 
ILE HG22 H N N 194 
ILE HG23 H N N 195 
ILE HD11 H N N 196 
ILE HD12 H N N 197 
ILE HD13 H N N 198 
ILE HXT  H N N 199 
LEU N    N N N 200 
LEU CA   C N S 201 
LEU C    C N N 202 
LEU O    O N N 203 
LEU CB   C N N 204 
LEU CG   C N N 205 
LEU CD1  C N N 206 
LEU CD2  C N N 207 
LEU OXT  O N N 208 
LEU H    H N N 209 
LEU H2   H N N 210 
LEU HA   H N N 211 
LEU HB2  H N N 212 
LEU HB3  H N N 213 
LEU HG   H N N 214 
LEU HD11 H N N 215 
LEU HD12 H N N 216 
LEU HD13 H N N 217 
LEU HD21 H N N 218 
LEU HD22 H N N 219 
LEU HD23 H N N 220 
LEU HXT  H N N 221 
MET N    N N N 222 
MET CA   C N S 223 
MET C    C N N 224 
MET O    O N N 225 
MET CB   C N N 226 
MET CG   C N N 227 
MET SD   S N N 228 
MET CE   C N N 229 
MET OXT  O N N 230 
MET H    H N N 231 
MET H2   H N N 232 
MET HA   H N N 233 
MET HB2  H N N 234 
MET HB3  H N N 235 
MET HG2  H N N 236 
MET HG3  H N N 237 
MET HE1  H N N 238 
MET HE2  H N N 239 
MET HE3  H N N 240 
MET HXT  H N N 241 
PHE N    N N N 242 
PHE CA   C N S 243 
PHE C    C N N 244 
PHE O    O N N 245 
PHE CB   C N N 246 
PHE CG   C Y N 247 
PHE CD1  C Y N 248 
PHE CD2  C Y N 249 
PHE CE1  C Y N 250 
PHE CE2  C Y N 251 
PHE CZ   C Y N 252 
PHE OXT  O N N 253 
PHE H    H N N 254 
PHE H2   H N N 255 
PHE HA   H N N 256 
PHE HB2  H N N 257 
PHE HB3  H N N 258 
PHE HD1  H N N 259 
PHE HD2  H N N 260 
PHE HE1  H N N 261 
PHE HE2  H N N 262 
PHE HZ   H N N 263 
PHE HXT  H N N 264 
PRO N    N N N 265 
PRO CA   C N S 266 
PRO C    C N N 267 
PRO O    O N N 268 
PRO CB   C N N 269 
PRO CG   C N N 270 
PRO CD   C N N 271 
PRO OXT  O N N 272 
PRO H    H N N 273 
PRO HA   H N N 274 
PRO HB2  H N N 275 
PRO HB3  H N N 276 
PRO HG2  H N N 277 
PRO HG3  H N N 278 
PRO HD2  H N N 279 
PRO HD3  H N N 280 
PRO HXT  H N N 281 
SER N    N N N 282 
SER CA   C N S 283 
SER C    C N N 284 
SER O    O N N 285 
SER CB   C N N 286 
SER OG   O N N 287 
SER OXT  O N N 288 
SER H    H N N 289 
SER H2   H N N 290 
SER HA   H N N 291 
SER HB2  H N N 292 
SER HB3  H N N 293 
SER HG   H N N 294 
SER HXT  H N N 295 
THR N    N N N 296 
THR CA   C N S 297 
THR C    C N N 298 
THR O    O N N 299 
THR CB   C N R 300 
THR OG1  O N N 301 
THR CG2  C N N 302 
THR OXT  O N N 303 
THR H    H N N 304 
THR H2   H N N 305 
THR HA   H N N 306 
THR HB   H N N 307 
THR HG1  H N N 308 
THR HG21 H N N 309 
THR HG22 H N N 310 
THR HG23 H N N 311 
THR HXT  H N N 312 
TRP N    N N N 313 
TRP CA   C N S 314 
TRP C    C N N 315 
TRP O    O N N 316 
TRP CB   C N N 317 
TRP CG   C Y N 318 
TRP CD1  C Y N 319 
TRP CD2  C Y N 320 
TRP NE1  N Y N 321 
TRP CE2  C Y N 322 
TRP CE3  C Y N 323 
TRP CZ2  C Y N 324 
TRP CZ3  C Y N 325 
TRP CH2  C Y N 326 
TRP OXT  O N N 327 
TRP H    H N N 328 
TRP H2   H N N 329 
TRP HA   H N N 330 
TRP HB2  H N N 331 
TRP HB3  H N N 332 
TRP HD1  H N N 333 
TRP HE1  H N N 334 
TRP HE3  H N N 335 
TRP HZ2  H N N 336 
TRP HZ3  H N N 337 
TRP HH2  H N N 338 
TRP HXT  H N N 339 
TYR N    N N N 340 
TYR CA   C N S 341 
TYR C    C N N 342 
TYR O    O N N 343 
TYR CB   C N N 344 
TYR CG   C Y N 345 
TYR CD1  C Y N 346 
TYR CD2  C Y N 347 
TYR CE1  C Y N 348 
TYR CE2  C Y N 349 
TYR CZ   C Y N 350 
TYR OH   O N N 351 
TYR OXT  O N N 352 
TYR H    H N N 353 
TYR H2   H N N 354 
TYR HA   H N N 355 
TYR HB2  H N N 356 
TYR HB3  H N N 357 
TYR HD1  H N N 358 
TYR HD2  H N N 359 
TYR HE1  H N N 360 
TYR HE2  H N N 361 
TYR HH   H N N 362 
TYR HXT  H N N 363 
VAL N    N N N 364 
VAL CA   C N S 365 
VAL C    C N N 366 
VAL O    O N N 367 
VAL CB   C N N 368 
VAL CG1  C N N 369 
VAL CG2  C N N 370 
VAL OXT  O N N 371 
VAL H    H N N 372 
VAL H2   H N N 373 
VAL HA   H N N 374 
VAL HB   H N N 375 
VAL HG11 H N N 376 
VAL HG12 H N N 377 
VAL HG13 H N N 378 
VAL HG21 H N N 379 
VAL HG22 H N N 380 
VAL HG23 H N N 381 
VAL HXT  H N N 382 
# 
loop_
_chem_comp_bond.comp_id 
_chem_comp_bond.atom_id_1 
_chem_comp_bond.atom_id_2 
_chem_comp_bond.value_order 
_chem_comp_bond.pdbx_aromatic_flag 
_chem_comp_bond.pdbx_stereo_config 
_chem_comp_bond.pdbx_ordinal 
ACT C   O    doub N N 1   
ACT C   OXT  sing N N 2   
ACT C   CH3  sing N N 3   
ACT CH3 H1   sing N N 4   
ACT CH3 H2   sing N N 5   
ACT CH3 H3   sing N N 6   
ALA N   CA   sing N N 7   
ALA N   H    sing N N 8   
ALA N   H2   sing N N 9   
ALA CA  C    sing N N 10  
ALA CA  CB   sing N N 11  
ALA CA  HA   sing N N 12  
ALA C   O    doub N N 13  
ALA C   OXT  sing N N 14  
ALA CB  HB1  sing N N 15  
ALA CB  HB2  sing N N 16  
ALA CB  HB3  sing N N 17  
ALA OXT HXT  sing N N 18  
ARG N   CA   sing N N 19  
ARG N   H    sing N N 20  
ARG N   H2   sing N N 21  
ARG CA  C    sing N N 22  
ARG CA  CB   sing N N 23  
ARG CA  HA   sing N N 24  
ARG C   O    doub N N 25  
ARG C   OXT  sing N N 26  
ARG CB  CG   sing N N 27  
ARG CB  HB2  sing N N 28  
ARG CB  HB3  sing N N 29  
ARG CG  CD   sing N N 30  
ARG CG  HG2  sing N N 31  
ARG CG  HG3  sing N N 32  
ARG CD  NE   sing N N 33  
ARG CD  HD2  sing N N 34  
ARG CD  HD3  sing N N 35  
ARG NE  CZ   sing N N 36  
ARG NE  HE   sing N N 37  
ARG CZ  NH1  sing N N 38  
ARG CZ  NH2  doub N N 39  
ARG NH1 HH11 sing N N 40  
ARG NH1 HH12 sing N N 41  
ARG NH2 HH21 sing N N 42  
ARG NH2 HH22 sing N N 43  
ARG OXT HXT  sing N N 44  
ASN N   CA   sing N N 45  
ASN N   H    sing N N 46  
ASN N   H2   sing N N 47  
ASN CA  C    sing N N 48  
ASN CA  CB   sing N N 49  
ASN CA  HA   sing N N 50  
ASN C   O    doub N N 51  
ASN C   OXT  sing N N 52  
ASN CB  CG   sing N N 53  
ASN CB  HB2  sing N N 54  
ASN CB  HB3  sing N N 55  
ASN CG  OD1  doub N N 56  
ASN CG  ND2  sing N N 57  
ASN ND2 HD21 sing N N 58  
ASN ND2 HD22 sing N N 59  
ASN OXT HXT  sing N N 60  
ASP N   CA   sing N N 61  
ASP N   H    sing N N 62  
ASP N   H2   sing N N 63  
ASP CA  C    sing N N 64  
ASP CA  CB   sing N N 65  
ASP CA  HA   sing N N 66  
ASP C   O    doub N N 67  
ASP C   OXT  sing N N 68  
ASP CB  CG   sing N N 69  
ASP CB  HB2  sing N N 70  
ASP CB  HB3  sing N N 71  
ASP CG  OD1  doub N N 72  
ASP CG  OD2  sing N N 73  
ASP OD2 HD2  sing N N 74  
ASP OXT HXT  sing N N 75  
CYS N   CA   sing N N 76  
CYS N   H    sing N N 77  
CYS N   H2   sing N N 78  
CYS CA  C    sing N N 79  
CYS CA  CB   sing N N 80  
CYS CA  HA   sing N N 81  
CYS C   O    doub N N 82  
CYS C   OXT  sing N N 83  
CYS CB  SG   sing N N 84  
CYS CB  HB2  sing N N 85  
CYS CB  HB3  sing N N 86  
CYS SG  HG   sing N N 87  
CYS OXT HXT  sing N N 88  
EDO C1  O1   sing N N 89  
EDO C1  C2   sing N N 90  
EDO C1  H11  sing N N 91  
EDO C1  H12  sing N N 92  
EDO O1  HO1  sing N N 93  
EDO C2  O2   sing N N 94  
EDO C2  H21  sing N N 95  
EDO C2  H22  sing N N 96  
EDO O2  HO2  sing N N 97  
GLN N   CA   sing N N 98  
GLN N   H    sing N N 99  
GLN N   H2   sing N N 100 
GLN CA  C    sing N N 101 
GLN CA  CB   sing N N 102 
GLN CA  HA   sing N N 103 
GLN C   O    doub N N 104 
GLN C   OXT  sing N N 105 
GLN CB  CG   sing N N 106 
GLN CB  HB2  sing N N 107 
GLN CB  HB3  sing N N 108 
GLN CG  CD   sing N N 109 
GLN CG  HG2  sing N N 110 
GLN CG  HG3  sing N N 111 
GLN CD  OE1  doub N N 112 
GLN CD  NE2  sing N N 113 
GLN NE2 HE21 sing N N 114 
GLN NE2 HE22 sing N N 115 
GLN OXT HXT  sing N N 116 
GLU N   CA   sing N N 117 
GLU N   H    sing N N 118 
GLU N   H2   sing N N 119 
GLU CA  C    sing N N 120 
GLU CA  CB   sing N N 121 
GLU CA  HA   sing N N 122 
GLU C   O    doub N N 123 
GLU C   OXT  sing N N 124 
GLU CB  CG   sing N N 125 
GLU CB  HB2  sing N N 126 
GLU CB  HB3  sing N N 127 
GLU CG  CD   sing N N 128 
GLU CG  HG2  sing N N 129 
GLU CG  HG3  sing N N 130 
GLU CD  OE1  doub N N 131 
GLU CD  OE2  sing N N 132 
GLU OE2 HE2  sing N N 133 
GLU OXT HXT  sing N N 134 
GLY N   CA   sing N N 135 
GLY N   H    sing N N 136 
GLY N   H2   sing N N 137 
GLY CA  C    sing N N 138 
GLY CA  HA2  sing N N 139 
GLY CA  HA3  sing N N 140 
GLY C   O    doub N N 141 
GLY C   OXT  sing N N 142 
GLY OXT HXT  sing N N 143 
HIS N   CA   sing N N 144 
HIS N   H    sing N N 145 
HIS N   H2   sing N N 146 
HIS CA  C    sing N N 147 
HIS CA  CB   sing N N 148 
HIS CA  HA   sing N N 149 
HIS C   O    doub N N 150 
HIS C   OXT  sing N N 151 
HIS CB  CG   sing N N 152 
HIS CB  HB2  sing N N 153 
HIS CB  HB3  sing N N 154 
HIS CG  ND1  sing Y N 155 
HIS CG  CD2  doub Y N 156 
HIS ND1 CE1  doub Y N 157 
HIS ND1 HD1  sing N N 158 
HIS CD2 NE2  sing Y N 159 
HIS CD2 HD2  sing N N 160 
HIS CE1 NE2  sing Y N 161 
HIS CE1 HE1  sing N N 162 
HIS NE2 HE2  sing N N 163 
HIS OXT HXT  sing N N 164 
HOH O   H1   sing N N 165 
HOH O   H2   sing N N 166 
ILE N   CA   sing N N 167 
ILE N   H    sing N N 168 
ILE N   H2   sing N N 169 
ILE CA  C    sing N N 170 
ILE CA  CB   sing N N 171 
ILE CA  HA   sing N N 172 
ILE C   O    doub N N 173 
ILE C   OXT  sing N N 174 
ILE CB  CG1  sing N N 175 
ILE CB  CG2  sing N N 176 
ILE CB  HB   sing N N 177 
ILE CG1 CD1  sing N N 178 
ILE CG1 HG12 sing N N 179 
ILE CG1 HG13 sing N N 180 
ILE CG2 HG21 sing N N 181 
ILE CG2 HG22 sing N N 182 
ILE CG2 HG23 sing N N 183 
ILE CD1 HD11 sing N N 184 
ILE CD1 HD12 sing N N 185 
ILE CD1 HD13 sing N N 186 
ILE OXT HXT  sing N N 187 
LEU N   CA   sing N N 188 
LEU N   H    sing N N 189 
LEU N   H2   sing N N 190 
LEU CA  C    sing N N 191 
LEU CA  CB   sing N N 192 
LEU CA  HA   sing N N 193 
LEU C   O    doub N N 194 
LEU C   OXT  sing N N 195 
LEU CB  CG   sing N N 196 
LEU CB  HB2  sing N N 197 
LEU CB  HB3  sing N N 198 
LEU CG  CD1  sing N N 199 
LEU CG  CD2  sing N N 200 
LEU CG  HG   sing N N 201 
LEU CD1 HD11 sing N N 202 
LEU CD1 HD12 sing N N 203 
LEU CD1 HD13 sing N N 204 
LEU CD2 HD21 sing N N 205 
LEU CD2 HD22 sing N N 206 
LEU CD2 HD23 sing N N 207 
LEU OXT HXT  sing N N 208 
MET N   CA   sing N N 209 
MET N   H    sing N N 210 
MET N   H2   sing N N 211 
MET CA  C    sing N N 212 
MET CA  CB   sing N N 213 
MET CA  HA   sing N N 214 
MET C   O    doub N N 215 
MET C   OXT  sing N N 216 
MET CB  CG   sing N N 217 
MET CB  HB2  sing N N 218 
MET CB  HB3  sing N N 219 
MET CG  SD   sing N N 220 
MET CG  HG2  sing N N 221 
MET CG  HG3  sing N N 222 
MET SD  CE   sing N N 223 
MET CE  HE1  sing N N 224 
MET CE  HE2  sing N N 225 
MET CE  HE3  sing N N 226 
MET OXT HXT  sing N N 227 
PHE N   CA   sing N N 228 
PHE N   H    sing N N 229 
PHE N   H2   sing N N 230 
PHE CA  C    sing N N 231 
PHE CA  CB   sing N N 232 
PHE CA  HA   sing N N 233 
PHE C   O    doub N N 234 
PHE C   OXT  sing N N 235 
PHE CB  CG   sing N N 236 
PHE CB  HB2  sing N N 237 
PHE CB  HB3  sing N N 238 
PHE CG  CD1  doub Y N 239 
PHE CG  CD2  sing Y N 240 
PHE CD1 CE1  sing Y N 241 
PHE CD1 HD1  sing N N 242 
PHE CD2 CE2  doub Y N 243 
PHE CD2 HD2  sing N N 244 
PHE CE1 CZ   doub Y N 245 
PHE CE1 HE1  sing N N 246 
PHE CE2 CZ   sing Y N 247 
PHE CE2 HE2  sing N N 248 
PHE CZ  HZ   sing N N 249 
PHE OXT HXT  sing N N 250 
PRO N   CA   sing N N 251 
PRO N   CD   sing N N 252 
PRO N   H    sing N N 253 
PRO CA  C    sing N N 254 
PRO CA  CB   sing N N 255 
PRO CA  HA   sing N N 256 
PRO C   O    doub N N 257 
PRO C   OXT  sing N N 258 
PRO CB  CG   sing N N 259 
PRO CB  HB2  sing N N 260 
PRO CB  HB3  sing N N 261 
PRO CG  CD   sing N N 262 
PRO CG  HG2  sing N N 263 
PRO CG  HG3  sing N N 264 
PRO CD  HD2  sing N N 265 
PRO CD  HD3  sing N N 266 
PRO OXT HXT  sing N N 267 
SER N   CA   sing N N 268 
SER N   H    sing N N 269 
SER N   H2   sing N N 270 
SER CA  C    sing N N 271 
SER CA  CB   sing N N 272 
SER CA  HA   sing N N 273 
SER C   O    doub N N 274 
SER C   OXT  sing N N 275 
SER CB  OG   sing N N 276 
SER CB  HB2  sing N N 277 
SER CB  HB3  sing N N 278 
SER OG  HG   sing N N 279 
SER OXT HXT  sing N N 280 
THR N   CA   sing N N 281 
THR N   H    sing N N 282 
THR N   H2   sing N N 283 
THR CA  C    sing N N 284 
THR CA  CB   sing N N 285 
THR CA  HA   sing N N 286 
THR C   O    doub N N 287 
THR C   OXT  sing N N 288 
THR CB  OG1  sing N N 289 
THR CB  CG2  sing N N 290 
THR CB  HB   sing N N 291 
THR OG1 HG1  sing N N 292 
THR CG2 HG21 sing N N 293 
THR CG2 HG22 sing N N 294 
THR CG2 HG23 sing N N 295 
THR OXT HXT  sing N N 296 
TRP N   CA   sing N N 297 
TRP N   H    sing N N 298 
TRP N   H2   sing N N 299 
TRP CA  C    sing N N 300 
TRP CA  CB   sing N N 301 
TRP CA  HA   sing N N 302 
TRP C   O    doub N N 303 
TRP C   OXT  sing N N 304 
TRP CB  CG   sing N N 305 
TRP CB  HB2  sing N N 306 
TRP CB  HB3  sing N N 307 
TRP CG  CD1  doub Y N 308 
TRP CG  CD2  sing Y N 309 
TRP CD1 NE1  sing Y N 310 
TRP CD1 HD1  sing N N 311 
TRP CD2 CE2  doub Y N 312 
TRP CD2 CE3  sing Y N 313 
TRP NE1 CE2  sing Y N 314 
TRP NE1 HE1  sing N N 315 
TRP CE2 CZ2  sing Y N 316 
TRP CE3 CZ3  doub Y N 317 
TRP CE3 HE3  sing N N 318 
TRP CZ2 CH2  doub Y N 319 
TRP CZ2 HZ2  sing N N 320 
TRP CZ3 CH2  sing Y N 321 
TRP CZ3 HZ3  sing N N 322 
TRP CH2 HH2  sing N N 323 
TRP OXT HXT  sing N N 324 
TYR N   CA   sing N N 325 
TYR N   H    sing N N 326 
TYR N   H2   sing N N 327 
TYR CA  C    sing N N 328 
TYR CA  CB   sing N N 329 
TYR CA  HA   sing N N 330 
TYR C   O    doub N N 331 
TYR C   OXT  sing N N 332 
TYR CB  CG   sing N N 333 
TYR CB  HB2  sing N N 334 
TYR CB  HB3  sing N N 335 
TYR CG  CD1  doub Y N 336 
TYR CG  CD2  sing Y N 337 
TYR CD1 CE1  sing Y N 338 
TYR CD1 HD1  sing N N 339 
TYR CD2 CE2  doub Y N 340 
TYR CD2 HD2  sing N N 341 
TYR CE1 CZ   doub Y N 342 
TYR CE1 HE1  sing N N 343 
TYR CE2 CZ   sing Y N 344 
TYR CE2 HE2  sing N N 345 
TYR CZ  OH   sing N N 346 
TYR OH  HH   sing N N 347 
TYR OXT HXT  sing N N 348 
VAL N   CA   sing N N 349 
VAL N   H    sing N N 350 
VAL N   H2   sing N N 351 
VAL CA  C    sing N N 352 
VAL CA  CB   sing N N 353 
VAL CA  HA   sing N N 354 
VAL C   O    doub N N 355 
VAL C   OXT  sing N N 356 
VAL CB  CG1  sing N N 357 
VAL CB  CG2  sing N N 358 
VAL CB  HB   sing N N 359 
VAL CG1 HG11 sing N N 360 
VAL CG1 HG12 sing N N 361 
VAL CG1 HG13 sing N N 362 
VAL CG2 HG21 sing N N 363 
VAL CG2 HG22 sing N N 364 
VAL CG2 HG23 sing N N 365 
VAL OXT HXT  sing N N 366 
# 
loop_
_pdbx_audit_support.funding_organization 
_pdbx_audit_support.country 
_pdbx_audit_support.grant_number 
_pdbx_audit_support.ordinal 
'Sao Paulo Research Foundation (FAPESP)'                                         Brazil ? 1 
'Brazilian National Council for Scientific and Technological Development (CNPq)' Brazil ? 2 
CAPES                                                                            Brazil ? 3 
# 
_atom_sites.entry_id                    5DOM 
_atom_sites.fract_transf_matrix[1][1]   0.00727509 
_atom_sites.fract_transf_matrix[1][2]   -0.00035937 
_atom_sites.fract_transf_matrix[1][3]   0.00587344 
_atom_sites.fract_transf_matrix[2][1]   -0.00475807 
_atom_sites.fract_transf_matrix[2][2]   0.00513591 
_atom_sites.fract_transf_matrix[2][3]   0.00620779 
_atom_sites.fract_transf_matrix[3][1]   -0.00857332 
_atom_sites.fract_transf_matrix[3][2]   -0.01934730 
_atom_sites.fract_transf_matrix[3][3]   0.00943551 
_atom_sites.fract_transf_vector[1]      0.559126 
_atom_sites.fract_transf_vector[2]      0.370868 
_atom_sites.fract_transf_vector[3]      0.249733 
# 
loop_
_atom_type.symbol 
C 
N 
O 
S 
# 
loop_
_atom_site.group_PDB 
_atom_site.id 
_atom_site.type_symbol 
_atom_site.label_atom_id 
_atom_site.label_alt_id 
_atom_site.label_comp_id 
_atom_site.label_asym_id 
_atom_site.label_entity_id 
_atom_site.label_seq_id 
_atom_site.pdbx_PDB_ins_code 
_atom_site.Cartn_x 
_atom_site.Cartn_y 
_atom_site.Cartn_z 
_atom_site.occupancy 
_atom_site.B_iso_or_equiv 
_atom_site.pdbx_formal_charge 
_atom_site.auth_seq_id 
_atom_site.auth_comp_id 
_atom_site.auth_asym_id 
_atom_site.auth_atom_id 
_atom_site.pdbx_PDB_model_num 
ATOM   1   N N   . ARG A 1 4   ? -4.587  -15.379 -6.869  1.00 50.43 ? 40  ARG A N   1 
ATOM   2   C CA  . ARG A 1 4   ? -5.201  -14.842 -5.632  1.00 47.33 ? 40  ARG A CA  1 
ATOM   3   C C   . ARG A 1 4   ? -4.284  -13.709 -5.083  1.00 39.35 ? 40  ARG A C   1 
ATOM   4   O O   . ARG A 1 4   ? -3.094  -13.877 -4.713  1.00 38.17 ? 40  ARG A O   1 
ATOM   5   C CB  . ARG A 1 4   ? -5.487  -15.937 -4.585  1.00 55.78 ? 40  ARG A CB  1 
ATOM   6   C CG  . ARG A 1 4   ? -6.051  -15.440 -3.243  1.00 59.74 ? 40  ARG A CG  1 
ATOM   7   C CD  . ARG A 1 4   ? -7.591  -15.371 -3.148  1.00 66.43 ? 40  ARG A CD  1 
ATOM   8   N NE  . ARG A 1 4   ? -8.272  -14.771 -4.319  1.00 68.39 ? 40  ARG A NE  1 
ATOM   9   C CZ  . ARG A 1 4   ? -8.449  -13.459 -4.560  1.00 68.63 ? 40  ARG A CZ  1 
ATOM   10  N NH1 . ARG A 1 4   ? -9.086  -13.069 -5.670  1.00 71.96 ? 40  ARG A NH1 1 
ATOM   11  N NH2 . ARG A 1 4   ? -7.992  -12.532 -3.730  1.00 55.38 ? 40  ARG A NH2 1 
ATOM   12  N N   . CYS A 1 5   ? -4.876  -12.543 -5.069  1.00 38.98 ? 41  CYS A N   1 
ATOM   13  C CA  . CYS A 1 5   ? -4.177  -11.323 -4.676  1.00 36.29 ? 41  CYS A CA  1 
ATOM   14  C C   . CYS A 1 5   ? -3.828  -11.403 -3.216  1.00 33.29 ? 41  CYS A C   1 
ATOM   15  O O   . CYS A 1 5   ? -2.774  -10.920 -2.738  1.00 34.65 ? 41  CYS A O   1 
ATOM   16  C CB  . CYS A 1 5   ? -5.075  -10.147 -4.949  1.00 38.73 ? 41  CYS A CB  1 
ATOM   17  S SG  . CYS A 1 5   ? -5.550  -10.064 -6.708  1.00 43.70 ? 41  CYS A SG  1 
ATOM   18  N N   . ARG A 1 6   ? -4.685  -12.076 -2.480  1.00 36.77 ? 42  ARG A N   1 
ATOM   19  C CA  . ARG A 1 6   ? -4.476  -12.241 -1.054  1.00 39.13 ? 42  ARG A CA  1 
ATOM   20  C C   . ARG A 1 6   ? -3.191  -12.948 -0.802  1.00 35.91 ? 42  ARG A C   1 
ATOM   21  O O   . ARG A 1 6   ? -2.456  -12.588 0.048   1.00 33.39 ? 42  ARG A O   1 
ATOM   22  C CB  . ARG A 1 6   ? -5.632  -12.969 -0.399  1.00 39.27 ? 42  ARG A CB  1 
ATOM   23  C CG  . ARG A 1 6   ? -6.917  -12.209 -0.473  1.00 47.98 ? 42  ARG A CG  1 
ATOM   24  C CD  . ARG A 1 6   ? -8.100  -12.987 0.077   1.00 59.98 ? 42  ARG A CD  1 
ATOM   25  N NE  . ARG A 1 6   ? -8.638  -12.201 1.151   1.00 73.96 ? 42  ARG A NE  1 
ATOM   26  C CZ  . ARG A 1 6   ? -9.201  -11.011 1.004   1.00 77.05 ? 42  ARG A CZ  1 
ATOM   27  N NH1 . ARG A 1 6   ? -9.621  -10.370 2.070   1.00 73.08 ? 42  ARG A NH1 1 
ATOM   28  N NH2 . ARG A 1 6   ? -9.374  -10.488 -0.192  1.00 82.45 ? 42  ARG A NH2 1 
ATOM   29  N N   . HIS A 1 7   ? -2.930  -13.974 -1.587  1.00 40.28 ? 43  HIS A N   1 
ATOM   30  C CA  . HIS A 1 7   ? -1.719  -14.738 -1.434  1.00 39.86 ? 43  HIS A CA  1 
ATOM   31  C C   . HIS A 1 7   ? -0.468  -13.931 -1.789  1.00 34.94 ? 43  HIS A C   1 
ATOM   32  O O   . HIS A 1 7   ? 0.580   -14.011 -1.144  1.00 36.90 ? 43  HIS A O   1 
ATOM   33  C CB  . HIS A 1 7   ? -1.791  -15.991 -2.308  0.50 39.88 ? 43  HIS A CB  1 
ATOM   34  C CG  . HIS A 1 7   ? -0.585  -16.860 -2.179  0.50 41.92 ? 43  HIS A CG  1 
ATOM   35  N ND1 . HIS A 1 7   ? -0.306  -17.569 -1.030  0.50 41.12 ? 43  HIS A ND1 1 
ATOM   36  C CD2 . HIS A 1 7   ? 0.436   -17.100 -3.031  0.50 40.35 ? 43  HIS A CD2 1 
ATOM   37  C CE1 . HIS A 1 7   ? 0.829   -18.223 -1.191  0.50 43.83 ? 43  HIS A CE1 1 
ATOM   38  N NE2 . HIS A 1 7   ? 1.301   -17.950 -2.394  0.50 40.39 ? 43  HIS A NE2 1 
ATOM   39  N N   . GLN A 1 8   ? -0.571  -13.212 -2.873  1.00 32.57 ? 44  GLN A N   1 
ATOM   40  C CA  . GLN A 1 8   ? 0.548   -12.376 -3.302  1.00 32.70 ? 44  GLN A CA  1 
ATOM   41  C C   . GLN A 1 8   ? 0.899   -11.310 -2.228  1.00 31.54 ? 44  GLN A C   1 
ATOM   42  O O   . GLN A 1 8   ? 2.082   -11.101 -1.886  1.00 32.28 ? 44  GLN A O   1 
ATOM   43  C CB  . GLN A 1 8   ? 0.120   -11.693 -4.561  1.00 36.79 ? 44  GLN A CB  1 
ATOM   44  C CG  . GLN A 1 8   ? 0.041   -12.665 -5.756  1.00 38.25 ? 44  GLN A CG  1 
ATOM   45  C CD  . GLN A 1 8   ? -0.164  -11.911 -7.018  1.00 41.47 ? 44  GLN A CD  1 
ATOM   46  O OE1 . GLN A 1 8   ? 0.653   -11.081 -7.368  1.00 50.15 ? 44  GLN A OE1 1 
ATOM   47  N NE2 . GLN A 1 8   ? -1.231  -12.178 -7.707  1.00 49.51 ? 44  GLN A NE2 1 
ATOM   48  N N   . PHE A 1 9   ? -0.139  -10.689 -1.673  1.00 32.83 ? 45  PHE A N   1 
ATOM   49  C CA  . PHE A 1 9   ? 0.037   -9.681  -0.586  1.00 31.27 ? 45  PHE A CA  1 
ATOM   50  C C   . PHE A 1 9   ? 0.852   -10.313 0.533   1.00 30.20 ? 45  PHE A C   1 
ATOM   51  O O   . PHE A 1 9   ? 1.898   -9.885  0.892   1.00 30.10 ? 45  PHE A O   1 
ATOM   52  C CB  . PHE A 1 9   ? -1.343  -9.210  -0.059  1.00 33.40 ? 45  PHE A CB  1 
ATOM   53  C CG  . PHE A 1 9   ? -1.262  -8.284  1.126   1.00 34.22 ? 45  PHE A CG  1 
ATOM   54  C CD1 . PHE A 1 9   ? -0.629  -7.031  1.014   1.00 31.01 ? 45  PHE A CD1 1 
ATOM   55  C CD2 . PHE A 1 9   ? -1.805  -8.649  2.341   1.00 35.16 ? 45  PHE A CD2 1 
ATOM   56  C CE1 . PHE A 1 9   ? -0.563  -6.176  2.115   1.00 35.70 ? 45  PHE A CE1 1 
ATOM   57  C CE2 . PHE A 1 9   ? -1.736  -7.798  3.450   1.00 35.56 ? 45  PHE A CE2 1 
ATOM   58  C CZ  . PHE A 1 9   ? -1.093  -6.566  3.334   1.00 34.61 ? 45  PHE A CZ  1 
ATOM   59  N N   . GLN A 1 10  ? 0.374   -11.459 1.015   1.00 31.38 ? 46  GLN A N   1 
ATOM   60  C CA  . GLN A 1 10  ? 1.082   -12.133 2.134   1.00 30.32 ? 46  GLN A CA  1 
ATOM   61  C C   . GLN A 1 10  ? 2.501   -12.541 1.803   1.00 26.85 ? 46  GLN A C   1 
ATOM   62  O O   . GLN A 1 10  ? 3.433   -12.401 2.600   1.00 30.05 ? 46  GLN A O   1 
ATOM   63  C CB  . GLN A 1 10  ? 0.260   -13.388 2.569   1.00 32.93 ? 46  GLN A CB  1 
ATOM   64  C CG  . GLN A 1 10  ? -1.151  -13.083 3.083   1.00 38.99 ? 46  GLN A CG  1 
ATOM   65  C CD  . GLN A 1 10  ? -1.164  -12.515 4.500   1.00 38.39 ? 46  GLN A CD  1 
ATOM   66  O OE1 . GLN A 1 10  ? -0.190  -12.675 5.242   1.00 42.11 ? 46  GLN A OE1 1 
ATOM   67  N NE2 . GLN A 1 10  ? -2.271  -11.830 4.875   1.00 34.51 ? 46  GLN A NE2 1 
ATOM   68  N N   . THR A 1 11  ? 2.656   -13.059 0.576   1.00 34.64 ? 47  THR A N   1 
ATOM   69  C CA  . THR A 1 11  ? 3.953   -13.443 0.053   1.00 33.26 ? 47  THR A CA  1 
ATOM   70  C C   . THR A 1 11  ? 4.931   -12.299 -0.066  1.00 36.69 ? 47  THR A C   1 
ATOM   71  O O   . THR A 1 11  ? 6.076   -12.407 0.367   1.00 32.78 ? 47  THR A O   1 
ATOM   72  C CB  . THR A 1 11  ? 3.840   -14.200 -1.297  1.00 40.47 ? 47  THR A CB  1 
ATOM   73  O OG1 . THR A 1 11  ? 2.880   -15.285 -1.169  1.00 41.05 ? 47  THR A OG1 1 
ATOM   74  C CG2 . THR A 1 11  ? 5.224   -14.733 -1.642  1.00 42.77 ? 47  THR A CG2 1 
ATOM   75  N N   . GLN A 1 12  ? 4.468   -11.152 -0.552  1.00 33.27 ? 48  GLN A N   1 
ATOM   76  C CA  . GLN A 1 12  ? 5.403   -10.048 -0.642  1.00 32.30 ? 48  GLN A CA  1 
ATOM   77  C C   . GLN A 1 12  ? 5.375   -9.219  0.662   1.00 41.48 ? 48  GLN A C   1 
ATOM   78  O O   . GLN A 1 12  ? 5.293   -7.953  0.623   1.00 34.13 ? 48  GLN A O   1 
ATOM   79  C CB  . GLN A 1 12  ? 5.021   -9.215  -1.849  1.00 33.27 ? 48  GLN A CB  1 
ATOM   80  C CG  . GLN A 1 12  ? 5.082   -9.975  -3.197  1.00 34.72 ? 48  GLN A CG  1 
ATOM   81  C CD  . GLN A 1 12  ? 6.370   -10.779 -3.379  1.00 38.19 ? 48  GLN A CD  1 
ATOM   82  O OE1 . GLN A 1 12  ? 7.466   -10.398 -2.946  1.00 38.77 ? 48  GLN A OE1 1 
ATOM   83  N NE2 . GLN A 1 12  ? 6.227   -11.906 -4.056  1.00 42.18 ? 48  GLN A NE2 1 
ATOM   84  N N   . GLN A 1 13  ? 5.468   -9.924  1.785   1.00 37.25 ? 49  GLN A N   1 
ATOM   85  C CA  . GLN A 1 13  ? 5.623   -9.325  3.101   1.00 38.16 ? 49  GLN A CA  1 
ATOM   86  C C   . GLN A 1 13  ? 4.556   -8.343  3.504   1.00 28.57 ? 49  GLN A C   1 
ATOM   87  O O   . GLN A 1 13  ? 4.814   -7.355  4.113   1.00 39.90 ? 49  GLN A O   1 
ATOM   88  C CB  . GLN A 1 13  ? 6.989   -8.657  3.118   1.00 20.00 ? 49  GLN A CB  1 
ATOM   89  C CG  . GLN A 1 13  ? 8.049   -9.542  2.500   1.00 20.00 ? 49  GLN A CG  1 
ATOM   90  C CD  . GLN A 1 13  ? 9.297   -8.829  2.130   1.00 20.00 ? 49  GLN A CD  1 
ATOM   91  O OE1 . GLN A 1 13  ? 10.054  -8.421  3.001   1.00 20.00 ? 49  GLN A OE1 1 
ATOM   92  N NE2 . GLN A 1 13  ? 9.548   -8.693  0.831   1.00 20.00 ? 49  GLN A NE2 1 
ATOM   93  N N   . ARG A 1 14  ? 3.351   -8.685  3.153   1.00 28.71 ? 50  ARG A N   1 
ATOM   94  C CA  . ARG A 1 14  ? 2.151   -7.892  3.305   1.00 28.98 ? 50  ARG A CA  1 
ATOM   95  C C   . ARG A 1 14  ? 2.491   -6.420  2.940   1.00 30.19 ? 50  ARG A C   1 
ATOM   96  O O   . ARG A 1 14  ? 2.024   -5.490  3.601   1.00 29.55 ? 50  ARG A O   1 
ATOM   97  C CB  . ARG A 1 14  ? 1.643   -8.004  4.759   1.00 36.44 ? 50  ARG A CB  1 
ATOM   98  C CG  . ARG A 1 14  ? 1.059   -9.394  5.107   1.00 38.60 ? 50  ARG A CG  1 
ATOM   99  C CD  . ARG A 1 14  ? 0.966   -9.739  6.580   1.00 42.38 ? 50  ARG A CD  1 
ATOM   100 N NE  . ARG A 1 14  ? 1.040   -8.530  7.371   1.00 47.63 ? 50  ARG A NE  1 
ATOM   101 C CZ  . ARG A 1 14  ? 2.141   -8.047  7.951   1.00 47.31 ? 50  ARG A CZ  1 
ATOM   102 N NH1 . ARG A 1 14  ? 3.304   -8.727  7.880   1.00 46.41 ? 50  ARG A NH1 1 
ATOM   103 N NH2 . ARG A 1 14  ? 2.063   -6.851  8.586   1.00 38.77 ? 50  ARG A NH2 1 
ATOM   104 N N   . LEU A 1 15  ? 3.338   -6.266  1.930   1.00 28.01 ? 51  LEU A N   1 
ATOM   105 C CA  . LEU A 1 15  ? 3.872   -4.888  1.503   1.00 24.87 ? 51  LEU A CA  1 
ATOM   106 C C   . LEU A 1 15  ? 4.289   -4.012  2.727   1.00 31.57 ? 51  LEU A C   1 
ATOM   107 O O   . LEU A 1 15  ? 3.925   -2.826  2.810   1.00 29.18 ? 51  LEU A O   1 
ATOM   108 C CB  . LEU A 1 15  ? 2.793   -4.209  0.730   1.00 24.43 ? 51  LEU A CB  1 
ATOM   109 C CG  . LEU A 1 15  ? 2.179   -4.817  -0.506  1.00 23.62 ? 51  LEU A CG  1 
ATOM   110 C CD1 . LEU A 1 15  ? 1.042   -4.095  -1.287  1.00 21.49 ? 51  LEU A CD1 1 
ATOM   111 C CD2 . LEU A 1 15  ? 3.351   -5.304  -1.382  1.00 26.89 ? 51  LEU A CD2 1 
ATOM   112 N N   . ARG A 1 16  ? 5.013   -4.608  3.654   1.00 32.44 ? 52  ARG A N   1 
ATOM   113 C CA  . ARG A 1 16  ? 5.416   -3.928  4.862   1.00 32.23 ? 52  ARG A CA  1 
ATOM   114 C C   . ARG A 1 16  ? 6.048   -2.587  4.654   1.00 29.96 ? 52  ARG A C   1 
ATOM   115 O O   . ARG A 1 16  ? 5.788   -1.675  5.370   1.00 28.40 ? 52  ARG A O   1 
ATOM   116 C CB  . ARG A 1 16  ? 6.305   -4.767  5.713   1.00 40.12 ? 52  ARG A CB  1 
ATOM   117 C CG  . ARG A 1 16  ? 6.527   -4.098  7.042   1.00 49.48 ? 52  ARG A CG  1 
ATOM   118 C CD  . ARG A 1 16  ? 7.745   -4.617  7.788   0.50 51.67 ? 52  ARG A CD  1 
ATOM   119 N NE  . ARG A 1 16  ? 7.435   -4.744  9.205   0.50 53.42 ? 52  ARG A NE  1 
ATOM   120 C CZ  . ARG A 1 16  ? 8.272   -5.178  10.134  0.50 49.73 ? 52  ARG A CZ  1 
ATOM   121 N NH1 . ARG A 1 16  ? 9.500   -5.506  9.818   0.50 48.09 ? 52  ARG A NH1 1 
ATOM   122 N NH2 . ARG A 1 16  ? 7.871   -5.270  11.376  0.50 51.39 ? 52  ARG A NH2 1 
ATOM   123 N N   . ALA A 1 17  ? 6.913   -2.502  3.690   1.00 26.33 ? 53  ALA A N   1 
ATOM   124 C CA  . ALA A 1 17  ? 7.502   -1.195  3.348   1.00 25.19 ? 53  ALA A CA  1 
ATOM   125 C C   . ALA A 1 17  ? 6.430   -0.153  2.868   1.00 25.10 ? 53  ALA A C   1 
ATOM   126 O O   . ALA A 1 17  ? 6.545   1.057   3.174   1.00 28.86 ? 53  ALA A O   1 
ATOM   127 C CB  . ALA A 1 17  ? 8.629   -1.322  2.359   1.00 24.38 ? 53  ALA A CB  1 
ATOM   128 N N   . CYS A 1 18  ? 5.440   -0.560  2.105   1.00 23.55 ? 54  CYS A N   1 
ATOM   129 C CA  . CYS A 1 18  ? 4.406   0.369   1.658   1.00 21.07 ? 54  CYS A CA  1 
ATOM   130 C C   . CYS A 1 18  ? 3.568   0.782   2.842   1.00 23.69 ? 54  CYS A C   1 
ATOM   131 O O   . CYS A 1 18  ? 3.153   1.923   2.932   1.00 21.64 ? 54  CYS A O   1 
ATOM   132 C CB  . CYS A 1 18  ? 3.523   -0.141  0.623   1.00 18.88 ? 54  CYS A CB  1 
ATOM   133 S SG  . CYS A 1 18  ? 4.523   -0.779  -0.789  1.00 21.38 ? 54  CYS A SG  1 
ATOM   134 N N   . GLN A 1 19  ? 3.352   -0.156  3.789   1.00 22.01 ? 55  GLN A N   1 
ATOM   135 C CA  . GLN A 1 19  ? 2.702   0.238   5.029   1.00 22.58 ? 55  GLN A CA  1 
ATOM   136 C C   . GLN A 1 19  ? 3.411   1.394   5.679   1.00 23.73 ? 55  GLN A C   1 
ATOM   137 O O   . GLN A 1 19  ? 2.725   2.342   6.116   1.00 25.36 ? 55  GLN A O   1 
ATOM   138 C CB  . GLN A 1 19  ? 2.579   -0.948  6.040   1.00 23.96 ? 55  GLN A CB  1 
ATOM   139 C CG  . GLN A 1 19  ? 1.713   -2.034  5.557   1.00 25.89 ? 55  GLN A CG  1 
ATOM   140 C CD  . GLN A 1 19  ? 1.614   -3.082  6.632   1.00 35.36 ? 55  GLN A CD  1 
ATOM   141 O OE1 . GLN A 1 19  ? 1.552   -2.738  7.821   1.00 31.31 ? 55  GLN A OE1 1 
ATOM   142 N NE2 . GLN A 1 19  ? 1.736   -4.367  6.243   1.00 35.85 ? 55  GLN A NE2 1 
ATOM   143 N N   . ARG A 1 20  ? 4.713   1.333   5.736   1.00 23.04 ? 56  ARG A N   1 
ATOM   144 C CA  . ARG A 1 20  ? 5.490   2.351   6.352   1.00 28.78 ? 56  ARG A CA  1 
ATOM   145 C C   . ARG A 1 20  ? 5.372   3.670   5.575   1.00 29.75 ? 56  ARG A C   1 
ATOM   146 O O   . ARG A 1 20  ? 5.282   4.720   6.131   1.00 26.58 ? 56  ARG A O   1 
ATOM   147 C CB  . ARG A 1 20  ? 6.917   1.894   6.523   1.00 32.33 ? 56  ARG A CB  1 
ATOM   148 C CG  . ARG A 1 20  ? 7.856   2.937   7.046   1.00 41.56 ? 56  ARG A CG  1 
ATOM   149 C CD  . ARG A 1 20  ? 8.967   2.397   7.949   1.00 45.33 ? 56  ARG A CD  1 
ATOM   150 N NE  . ARG A 1 20  ? 9.049   0.947   7.970   1.00 53.10 ? 56  ARG A NE  1 
ATOM   151 C CZ  . ARG A 1 20  ? 9.106   0.202   9.070   0.10 49.89 ? 56  ARG A CZ  1 
ATOM   152 N NH1 . ARG A 1 20  ? 9.065   0.766   10.273  0.50 51.73 ? 56  ARG A NH1 1 
ATOM   153 N NH2 . ARG A 1 20  ? 9.195   -1.115  8.971   0.50 48.70 ? 56  ARG A NH2 1 
ATOM   154 N N   . VAL A 1 21  ? 5.346   3.581   4.278   1.00 23.01 ? 57  VAL A N   1 
ATOM   155 C CA  . VAL A 1 21  ? 5.165   4.789   3.443   1.00 24.63 ? 57  VAL A CA  1 
ATOM   156 C C   . VAL A 1 21  ? 3.789   5.395   3.617   1.00 23.71 ? 57  VAL A C   1 
ATOM   157 O O   . VAL A 1 21  ? 3.634   6.590   3.662   1.00 25.37 ? 57  VAL A O   1 
ATOM   158 C CB  . VAL A 1 21  ? 5.317   4.466   1.954   1.00 26.09 ? 57  VAL A CB  1 
ATOM   159 C CG1 . VAL A 1 21  ? 4.823   5.576   1.036   1.00 26.92 ? 57  VAL A CG1 1 
ATOM   160 C CG2 . VAL A 1 21  ? 6.798   4.133   1.702   1.00 25.76 ? 57  VAL A CG2 1 
ATOM   161 N N   . ILE A 1 22  ? 2.778   4.560   3.755   1.00 21.41 ? 58  ILE A N   1 
ATOM   162 C CA  . ILE A 1 22  ? 1.432   5.007   3.870   1.00 21.40 ? 58  ILE A CA  1 
ATOM   163 C C   . ILE A 1 22  ? 1.316   5.723   5.228   1.00 22.05 ? 58  ILE A C   1 
ATOM   164 O O   . ILE A 1 22  ? 0.683   6.776   5.284   1.00 28.77 ? 58  ILE A O   1 
ATOM   165 C CB  . ILE A 1 22  ? 0.452   3.849   3.803   1.00 21.40 ? 58  ILE A CB  1 
ATOM   166 C CG1 . ILE A 1 22  ? 0.379   3.312   2.363   1.00 24.21 ? 58  ILE A CG1 1 
ATOM   167 C CG2 . ILE A 1 22  ? -0.879  4.275   4.332   1.00 23.50 ? 58  ILE A CG2 1 
ATOM   168 C CD1 . ILE A 1 22  ? -0.287  1.928   2.302   1.00 26.20 ? 58  ILE A CD1 1 
ATOM   169 N N   . ARG A 1 23  ? 1.950   5.195   6.260   1.00 22.85 ? 59  ARG A N   1 
ATOM   170 C CA  . ARG A 1 23  ? 1.930   5.870   7.608   1.00 22.99 ? 59  ARG A CA  1 
ATOM   171 C C   . ARG A 1 23  ? 2.695   7.200   7.588   1.00 29.45 ? 59  ARG A C   1 
ATOM   172 O O   . ARG A 1 23  ? 2.226   8.230   8.100   1.00 29.33 ? 59  ARG A O   1 
ATOM   173 C CB  . ARG A 1 23  ? 2.470   4.963   8.616   1.00 26.18 ? 59  ARG A CB  1 
ATOM   174 C CG  . ARG A 1 23  ? 1.415   3.875   8.875   1.00 27.47 ? 59  ARG A CG  1 
ATOM   175 C CD  . ARG A 1 23  ? 1.937   2.823   9.809   1.00 36.49 ? 59  ARG A CD  1 
ATOM   176 N NE  . ARG A 1 23  ? 2.046   3.277   11.197  1.00 42.09 ? 59  ARG A NE  1 
ATOM   177 C CZ  . ARG A 1 23  ? 3.168   3.312   11.943  1.00 51.33 ? 59  ARG A CZ  1 
ATOM   178 N NH1 . ARG A 1 23  ? 4.368   2.932   11.467  1.00 56.50 ? 59  ARG A NH1 1 
ATOM   179 N NH2 . ARG A 1 23  ? 3.090   3.757   13.201  1.00 54.31 ? 59  ARG A NH2 1 
ATOM   180 N N   . ARG A 1 24  ? 3.861   7.137   7.007   1.00 27.47 ? 60  ARG A N   1 
ATOM   181 C CA  . ARG A 1 24  ? 4.707   8.269   6.753   1.00 29.47 ? 60  ARG A CA  1 
ATOM   182 C C   . ARG A 1 24  ? 3.954   9.458   6.281   1.00 26.36 ? 60  ARG A C   1 
ATOM   183 O O   . ARG A 1 24  ? 4.106   10.490  6.912   1.00 32.50 ? 60  ARG A O   1 
ATOM   184 C CB  . ARG A 1 24  ? 5.779   7.930   5.726   1.00 29.25 ? 60  ARG A CB  1 
ATOM   185 C CG  . ARG A 1 24  ? 6.612   9.158   5.350   1.00 29.84 ? 60  ARG A CG  1 
ATOM   186 C CD  . ARG A 1 24  ? 7.967   8.674   4.913   1.00 35.81 ? 60  ARG A CD  1 
ATOM   187 N NE  . ARG A 1 24  ? 8.634   8.062   6.042   1.00 42.37 ? 60  ARG A NE  1 
ATOM   188 C CZ  . ARG A 1 24  ? 9.663   7.218   5.964   1.00 53.71 ? 60  ARG A CZ  1 
ATOM   189 N NH1 . ARG A 1 24  ? 10.224  6.879   4.783   1.00 49.34 ? 60  ARG A NH1 1 
ATOM   190 N NH2 . ARG A 1 24  ? 10.159  6.731   7.102   1.00 58.16 ? 60  ARG A NH2 1 
ATOM   191 N N   . TRP A 1 25  ? 3.127   9.330   5.232   1.00 26.47 ? 61  TRP A N   1 
ATOM   192 C CA  . TRP A 1 25  ? 2.498   10.445  4.581   1.00 27.39 ? 61  TRP A CA  1 
ATOM   193 C C   . TRP A 1 25  ? 1.057   10.790  4.971   1.00 31.63 ? 61  TRP A C   1 
ATOM   194 O O   . TRP A 1 25  ? 0.471   11.640  4.385   1.00 32.77 ? 61  TRP A O   1 
ATOM   195 C CB  . TRP A 1 25  ? 2.592   10.272  3.118   1.00 25.54 ? 61  TRP A CB  1 
ATOM   196 C CG  . TRP A 1 25  ? 4.009   10.401  2.694   1.00 23.56 ? 61  TRP A CG  1 
ATOM   197 C CD1 . TRP A 1 25  ? 4.914   9.394   2.383   1.00 25.44 ? 61  TRP A CD1 1 
ATOM   198 C CD2 . TRP A 1 25  ? 4.730   11.630  2.576   1.00 24.02 ? 61  TRP A CD2 1 
ATOM   199 N NE1 . TRP A 1 25  ? 6.086   9.929   2.031   1.00 26.24 ? 61  TRP A NE1 1 
ATOM   200 C CE2 . TRP A 1 25  ? 6.025   11.295  2.163   1.00 23.28 ? 61  TRP A CE2 1 
ATOM   201 C CE3 . TRP A 1 25  ? 4.383   12.962  2.777   1.00 23.11 ? 61  TRP A CE3 1 
ATOM   202 C CZ2 . TRP A 1 25  ? 7.011   12.269  1.929   1.00 29.69 ? 61  TRP A CZ2 1 
ATOM   203 C CZ3 . TRP A 1 25  ? 5.335   13.924  2.520   1.00 23.01 ? 61  TRP A CZ3 1 
ATOM   204 C CH2 . TRP A 1 25  ? 6.659   13.550  2.158   1.00 22.33 ? 61  TRP A CH2 1 
ATOM   205 N N   . SER A 1 26  ? 0.537   10.087  5.962   1.00 33.27 ? 62  SER A N   1 
ATOM   206 C CA  . SER A 1 26  ? -0.826  10.259  6.405   1.00 40.22 ? 62  SER A CA  1 
ATOM   207 C C   . SER A 1 26  ? -0.900  10.718  7.901   1.00 39.23 ? 62  SER A C   1 
ATOM   208 O O   . SER A 1 26  ? -1.983  10.692  8.492   1.00 40.32 ? 62  SER A O   1 
ATOM   209 C CB  . SER A 1 26  ? -1.590  8.937   6.146   1.00 34.95 ? 62  SER A CB  1 
ATOM   210 O OG  . SER A 1 26  ? -0.970  7.982   6.919   1.00 32.83 ? 62  SER A OG  1 
ATOM   211 N N   . GLN A 1 27  ? 0.241   11.108  8.503   1.00 39.65 ? 63  GLN A N   1 
ATOM   212 C CA  . GLN A 1 27  ? 0.347   12.055  9.646   1.00 48.13 ? 63  GLN A CA  1 
ATOM   213 C C   . GLN A 1 27  ? 0.730   11.330  10.883  1.00 49.13 ? 63  GLN A C   1 
ATOM   214 O O   . GLN A 1 27  ? 1.932   11.183  11.097  1.00 53.40 ? 63  GLN A O   1 
ATOM   215 C CB  . GLN A 1 27  ? -0.789  13.112  9.822   1.00 47.66 ? 63  GLN A CB  1 
ATOM   216 C CG  . GLN A 1 27  ? -1.891  12.808  10.845  1.00 58.70 ? 63  GLN A CG  1 
ATOM   217 C CD  . GLN A 1 27  ? -1.747  13.513  12.185  1.00 62.40 ? 63  GLN A CD  1 
ATOM   218 O OE1 . GLN A 1 27  ? -1.920  12.900  13.243  1.00 70.74 ? 63  GLN A OE1 1 
ATOM   219 N NE2 . GLN A 1 27  ? -1.479  14.821  12.150  1.00 66.69 ? 63  GLN A NE2 1 
ATOM   220 N N   . PRO A 1 57  ? 18.458  -0.231  1.567   1.00 76.11 ? 93  PRO A N   1 
ATOM   221 C CA  . PRO A 1 57  ? 17.498  0.342   0.608   1.00 70.98 ? 93  PRO A CA  1 
ATOM   222 C C   . PRO A 1 57  ? 16.546  1.355   1.273   1.00 64.00 ? 93  PRO A C   1 
ATOM   223 O O   . PRO A 1 57  ? 16.000  1.053   2.334   1.00 61.95 ? 93  PRO A O   1 
ATOM   224 C CB  . PRO A 1 57  ? 16.717  -0.897  0.105   1.00 75.04 ? 93  PRO A CB  1 
ATOM   225 C CG  . PRO A 1 57  ? 17.004  -2.026  1.087   1.00 77.61 ? 93  PRO A CG  1 
ATOM   226 C CD  . PRO A 1 57  ? 17.993  -1.521  2.119   1.00 74.32 ? 93  PRO A CD  1 
ATOM   227 N N   . PRO A 1 58  ? 16.344  2.548   0.672   1.00 52.78 ? 94  PRO A N   1 
ATOM   228 C CA  . PRO A 1 58  ? 15.252  3.426   1.162   1.00 47.80 ? 94  PRO A CA  1 
ATOM   229 C C   . PRO A 1 58  ? 13.864  2.720   1.265   1.00 41.53 ? 94  PRO A C   1 
ATOM   230 O O   . PRO A 1 58  ? 13.622  1.685   0.604   1.00 37.65 ? 94  PRO A O   1 
ATOM   231 C CB  . PRO A 1 58  ? 15.190  4.562   0.115   1.00 53.87 ? 94  PRO A CB  1 
ATOM   232 C CG  . PRO A 1 58  ? 16.404  4.387   -0.764  1.00 50.48 ? 94  PRO A CG  1 
ATOM   233 C CD  . PRO A 1 58  ? 16.886  2.990   -0.620  1.00 54.19 ? 94  PRO A CD  1 
ATOM   234 N N   . THR A 1 59  ? 12.966  3.281   2.100   1.00 32.34 ? 95  THR A N   1 
ATOM   235 C CA  . THR A 1 59  ? 11.734  2.600   2.440   1.00 25.63 ? 95  THR A CA  1 
ATOM   236 C C   . THR A 1 59  ? 10.869  2.592   1.160   1.00 24.73 ? 95  THR A C   1 
ATOM   237 O O   . THR A 1 59  ? 10.222  1.630   0.892   1.00 26.58 ? 95  THR A O   1 
ATOM   238 C CB  . THR A 1 59  ? 10.947  3.363   3.520   1.00 30.14 ? 95  THR A CB  1 
ATOM   239 O OG1 . THR A 1 59  ? 11.714  3.352   4.756   1.00 38.38 ? 95  THR A OG1 1 
ATOM   240 C CG2 . THR A 1 59  ? 9.610   2.716   3.762   1.00 31.46 ? 95  THR A CG2 1 
ATOM   241 N N   . LEU A 1 60  ? 10.918  3.685   0.396   1.00 23.05 ? 96  LEU A N   1 
ATOM   242 C CA  . LEU A 1 60  ? 10.034  3.807   -0.759  1.00 22.15 ? 96  LEU A CA  1 
ATOM   243 C C   . LEU A 1 60  ? 10.536  2.801   -1.813  1.00 22.14 ? 96  LEU A C   1 
ATOM   244 O O   . LEU A 1 60  ? 9.724   2.194   -2.495  1.00 24.10 ? 96  LEU A O   1 
ATOM   245 C CB  . LEU A 1 60  ? 10.073  5.206   -1.398  1.00 22.33 ? 96  LEU A CB  1 
ATOM   246 C CG  . LEU A 1 60  ? 9.144   5.416   -2.592  1.00 24.55 ? 96  LEU A CG  1 
ATOM   247 C CD1 . LEU A 1 60  ? 7.697   5.065   -2.375  1.00 28.22 ? 96  LEU A CD1 1 
ATOM   248 C CD2 . LEU A 1 60  ? 9.296   6.805   -3.199  1.00 26.01 ? 96  LEU A CD2 1 
ATOM   249 N N   . GLN A 1 61  ? 11.840  2.716   -1.966  1.00 24.29 ? 97  GLN A N   1 
ATOM   250 C CA  . GLN A 1 61  ? 12.442  1.753   -2.925  1.00 24.37 ? 97  GLN A CA  1 
ATOM   251 C C   . GLN A 1 61  ? 11.987  0.300   -2.574  1.00 22.44 ? 97  GLN A C   1 
ATOM   252 O O   . GLN A 1 61  ? 11.545  -0.449  -3.440  1.00 25.97 ? 97  GLN A O   1 
ATOM   253 C CB  . GLN A 1 61  ? 13.967  1.924   -2.930  1.00 30.56 ? 97  GLN A CB  1 
ATOM   254 C CG  . GLN A 1 61  ? 14.679  0.875   -3.784  1.00 37.82 ? 97  GLN A CG  1 
ATOM   255 C CD  . GLN A 1 61  ? 16.169  1.088   -3.877  1.00 42.43 ? 97  GLN A CD  1 
ATOM   256 O OE1 . GLN A 1 61  ? 16.645  2.230   -3.967  1.00 48.86 ? 97  GLN A OE1 1 
ATOM   257 N NE2 . GLN A 1 61  ? 16.908  -0.004  -3.897  1.00 53.49 ? 97  GLN A NE2 1 
ATOM   258 N N   . ARG A 1 62  ? 11.992  -0.046  -1.308  1.00 23.37 ? 98  ARG A N   1 
ATOM   259 C CA  . ARG A 1 62  ? 11.514  -1.370  -0.878  1.00 25.85 ? 98  ARG A CA  1 
ATOM   260 C C   . ARG A 1 62  ? 10.086  -1.571  -1.119  1.00 26.48 ? 98  ARG A C   1 
ATOM   261 O O   . ARG A 1 62  ? 9.647   -2.688  -1.455  1.00 24.81 ? 98  ARG A O   1 
ATOM   262 C CB  . ARG A 1 62  ? 11.766  -1.619  0.607   1.00 32.30 ? 98  ARG A CB  1 
ATOM   263 C CG  . ARG A 1 62  ? 13.178  -1.685  1.115   1.00 39.97 ? 98  ARG A CG  1 
ATOM   264 C CD  . ARG A 1 62  ? 13.236  -2.572  2.407   1.00 48.69 ? 98  ARG A CD  1 
ATOM   265 N NE  . ARG A 1 62  ? 12.308  -2.161  3.488   1.00 54.96 ? 98  ARG A NE  1 
ATOM   266 C CZ  . ARG A 1 62  ? 12.444  -1.078  4.287   1.00 64.99 ? 98  ARG A CZ  1 
ATOM   267 N NH1 . ARG A 1 62  ? 13.490  -0.245  4.154   1.00 60.94 ? 98  ARG A NH1 1 
ATOM   268 N NH2 . ARG A 1 62  ? 11.516  -0.817  5.242   1.00 62.08 ? 98  ARG A NH2 1 
ATOM   269 N N   . CYS A 1 63  ? 9.265   -0.546  -0.778  1.00 23.47 ? 99  CYS A N   1 
ATOM   270 C CA  . CYS A 1 63  ? 7.886   -0.576  -1.160  1.00 20.31 ? 99  CYS A CA  1 
ATOM   271 C C   . CYS A 1 63  ? 7.706   -0.894  -2.677  1.00 21.20 ? 99  CYS A C   1 
ATOM   272 O O   . CYS A 1 63  ? 6.971   -1.774  -3.026  1.00 18.93 ? 99  CYS A O   1 
ATOM   273 C CB  . CYS A 1 63  ? 7.101   0.702   -0.713  1.00 18.02 ? 99  CYS A CB  1 
ATOM   274 S SG  . CYS A 1 63  ? 5.533   0.840   -1.427  1.00 19.92 ? 99  CYS A SG  1 
ATOM   275 N N   . CYS A 1 64  ? 8.327   -0.148  -3.581  1.00 19.99 ? 100 CYS A N   1 
ATOM   276 C CA  . CYS A 1 64  ? 8.054   -0.303  -4.958  1.00 21.51 ? 100 CYS A CA  1 
ATOM   277 C C   . CYS A 1 64  ? 8.538   -1.723  -5.417  1.00 19.50 ? 100 CYS A C   1 
ATOM   278 O O   . CYS A 1 64  ? 7.927   -2.265  -6.277  1.00 20.80 ? 100 CYS A O   1 
ATOM   279 C CB  . CYS A 1 64  ? 8.832   0.688   -5.826  1.00 23.98 ? 100 CYS A CB  1 
ATOM   280 S SG  . CYS A 1 64  ? 8.251   2.361   -5.594  1.00 25.03 ? 100 CYS A SG  1 
ATOM   281 N N   . ARG A 1 65  ? 9.542   -2.326  -4.770  1.00 23.66 ? 101 ARG A N   1 
ATOM   282 C CA  . ARG A 1 65  ? 10.062  -3.691  -5.125  1.00 23.00 ? 101 ARG A CA  1 
ATOM   283 C C   . ARG A 1 65  ? 9.085   -4.712  -4.620  1.00 21.32 ? 101 ARG A C   1 
ATOM   284 O O   . ARG A 1 65  ? 8.651   -5.544  -5.348  1.00 21.83 ? 101 ARG A O   1 
ATOM   285 C CB  . ARG A 1 65  ? 11.429  -3.985  -4.447  1.00 27.09 ? 101 ARG A CB  1 
ATOM   286 C CG  . ARG A 1 65  ? 12.111  -5.377  -4.687  1.00 31.17 ? 101 ARG A CG  1 
ATOM   287 C CD  . ARG A 1 65  ? 13.293  -5.609  -3.711  1.00 36.00 ? 101 ARG A CD  1 
ATOM   288 N NE  . ARG A 1 65  ? 14.048  -4.356  -3.560  1.00 41.57 ? 101 ARG A NE  1 
ATOM   289 C CZ  . ARG A 1 65  ? 14.444  -3.748  -2.427  1.00 44.00 ? 101 ARG A CZ  1 
ATOM   290 N NH1 . ARG A 1 65  ? 15.062  -2.537  -2.515  1.00 39.54 ? 101 ARG A NH1 1 
ATOM   291 N NH2 . ARG A 1 65  ? 14.264  -4.325  -1.215  1.00 50.24 ? 101 ARG A NH2 1 
ATOM   292 N N   . GLN A 1 66  ? 8.564   -4.550  -3.402  1.00 24.33 ? 102 GLN A N   1 
ATOM   293 C CA  . GLN A 1 66  ? 7.523   -5.451  -2.884  1.00 21.43 ? 102 GLN A CA  1 
ATOM   294 C C   . GLN A 1 66  ? 6.289   -5.386  -3.734  1.00 23.78 ? 102 GLN A C   1 
ATOM   295 O O   . GLN A 1 66  ? 5.634   -6.371  -3.999  1.00 24.28 ? 102 GLN A O   1 
ATOM   296 C CB  . GLN A 1 66  ? 7.112   -5.051  -1.411  1.00 23.58 ? 102 GLN A CB  1 
ATOM   297 C CG  . GLN A 1 66  ? 8.245   -5.341  -0.484  1.00 24.17 ? 102 GLN A CG  1 
ATOM   298 C CD  . GLN A 1 66  ? 8.093   -4.761  0.893   1.00 29.98 ? 102 GLN A CD  1 
ATOM   299 O OE1 . GLN A 1 66  ? 7.099   -4.124  1.188   1.00 27.22 ? 102 GLN A OE1 1 
ATOM   300 N NE2 . GLN A 1 66  ? 9.111   -4.960  1.723   1.00 30.27 ? 102 GLN A NE2 1 
ATOM   301 N N   . LEU A 1 67  ? 5.872   -4.178  -4.112  1.00 19.75 ? 103 LEU A N   1 
ATOM   302 C CA  . LEU A 1 67  ? 4.668   -4.035  -4.873  1.00 19.74 ? 103 LEU A CA  1 
ATOM   303 C C   . LEU A 1 67  ? 4.904   -4.581  -6.314  1.00 20.39 ? 103 LEU A C   1 
ATOM   304 O O   . LEU A 1 67  ? 3.981   -5.026  -6.938  1.00 20.60 ? 103 LEU A O   1 
ATOM   305 C CB  . LEU A 1 67  ? 4.207   -2.568  -4.954  1.00 21.08 ? 103 LEU A CB  1 
ATOM   306 C CG  . LEU A 1 67  ? 2.877   -2.266  -5.624  1.00 23.05 ? 103 LEU A CG  1 
ATOM   307 C CD1 . LEU A 1 67  ? 1.673   -2.960  -4.946  1.00 22.72 ? 103 LEU A CD1 1 
ATOM   308 C CD2 . LEU A 1 67  ? 2.658   -0.789  -5.687  1.00 27.20 ? 103 LEU A CD2 1 
ATOM   309 N N   . ARG A 1 68  ? 6.062   -4.295  -6.868  1.00 22.62 ? 104 ARG A N   1 
ATOM   310 C CA  . ARG A 1 68  ? 6.379   -4.838  -8.243  1.00 22.08 ? 104 ARG A CA  1 
ATOM   311 C C   . ARG A 1 68  ? 6.210   -6.368  -8.274  1.00 24.41 ? 104 ARG A C   1 
ATOM   312 O O   . ARG A 1 68  ? 5.636   -6.942  -9.232  1.00 25.79 ? 104 ARG A O   1 
ATOM   313 C CB  . ARG A 1 68  ? 7.778   -4.487  -8.594  1.00 21.06 ? 104 ARG A CB  1 
ATOM   314 C CG  . ARG A 1 68  ? 8.129   -5.081  -9.975  1.00 22.17 ? 104 ARG A CG  1 
ATOM   315 C CD  . ARG A 1 68  ? 9.534   -4.791  -10.314 1.00 22.30 ? 104 ARG A CD  1 
ATOM   316 N NE  . ARG A 1 68  ? 10.591  -5.285  -9.443  1.00 22.18 ? 104 ARG A NE  1 
ATOM   317 C CZ  . ARG A 1 68  ? 10.851  -6.569  -9.231  1.00 24.71 ? 104 ARG A CZ  1 
ATOM   318 N NH1 . ARG A 1 68  ? 10.249  -7.482  -9.976  1.00 23.79 ? 104 ARG A NH1 1 
ATOM   319 N NH2 . ARG A 1 68  ? 11.831  -6.923  -8.441  1.00 24.23 ? 104 ARG A NH2 1 
ATOM   320 N N   . ASN A 1 69  ? 6.672   -7.001  -7.231  1.00 24.13 ? 105 ASN A N   1 
ATOM   321 C CA  . ASN A 1 69  ? 6.500   -8.481  -7.116  1.00 27.64 ? 105 ASN A CA  1 
ATOM   322 C C   . ASN A 1 69  ? 5.078   -8.999  -7.093  1.00 31.79 ? 105 ASN A C   1 
ATOM   323 O O   . ASN A 1 69  ? 4.815   -10.218 -7.295  1.00 28.74 ? 105 ASN A O   1 
ATOM   324 C CB  . ASN A 1 69  ? 7.359   -9.028  -5.997  1.00 28.27 ? 105 ASN A CB  1 
ATOM   325 C CG  . ASN A 1 69  ? 8.829   -9.102  -6.329  1.00 30.33 ? 105 ASN A CG  1 
ATOM   326 O OD1 . ASN A 1 69  ? 9.280   -10.061 -6.910  1.00 36.62 ? 105 ASN A OD1 1 
ATOM   327 N ND2 . ASN A 1 69  ? 9.583   -8.131  -5.962  1.00 32.11 ? 105 ASN A ND2 1 
ATOM   328 N N   . VAL A 1 70  ? 4.112   -8.125  -6.782  1.00 27.22 ? 106 VAL A N   1 
ATOM   329 C CA  . VAL A 1 70  ? 2.725   -8.433  -6.932  1.00 27.30 ? 106 VAL A CA  1 
ATOM   330 C C   . VAL A 1 70  ? 2.256   -8.209  -8.363  1.00 29.94 ? 106 VAL A C   1 
ATOM   331 O O   . VAL A 1 70  ? 2.626   -7.256  -9.000  1.00 29.16 ? 106 VAL A O   1 
ATOM   332 C CB  . VAL A 1 70  ? 1.885   -7.557  -5.938  1.00 26.65 ? 106 VAL A CB  1 
ATOM   333 C CG1 . VAL A 1 70  ? 0.390   -7.705  -6.118  1.00 27.49 ? 106 VAL A CG1 1 
ATOM   334 C CG2 . VAL A 1 70  ? 2.352   -7.867  -4.514  1.00 27.52 ? 106 VAL A CG2 1 
ATOM   335 N N   . SER A 1 71  ? 1.371   -9.073  -8.838  1.00 30.78 ? 107 SER A N   1 
ATOM   336 C CA  . SER A 1 71  ? 0.826   -8.998  -10.173 1.00 32.74 ? 107 SER A CA  1 
ATOM   337 C C   . SER A 1 71  ? 0.070   -7.752  -10.371 1.00 33.29 ? 107 SER A C   1 
ATOM   338 O O   . SER A 1 71  ? -0.669  -7.323  -9.471  1.00 32.68 ? 107 SER A O   1 
ATOM   339 C CB  . SER A 1 71  ? -0.247  -10.066 -10.348 1.00 39.40 ? 107 SER A CB  1 
ATOM   340 O OG  . SER A 1 71  ? 0.336   -11.310 -10.086 1.00 48.81 ? 107 SER A OG  1 
ATOM   341 N N   . PRO A 1 72  ? 0.169   -7.169  -11.551 1.00 37.14 ? 108 PRO A N   1 
ATOM   342 C CA  . PRO A 1 72  ? -0.539  -5.928  -11.803 1.00 36.01 ? 108 PRO A CA  1 
ATOM   343 C C   . PRO A 1 72  ? -2.026  -5.919  -11.393 1.00 42.34 ? 108 PRO A C   1 
ATOM   344 O O   . PRO A 1 72  ? -2.482  -4.956  -10.720 1.00 33.29 ? 108 PRO A O   1 
ATOM   345 C CB  . PRO A 1 72  ? -0.342  -5.723  -13.311 1.00 38.83 ? 108 PRO A CB  1 
ATOM   346 C CG  . PRO A 1 72  ? 1.015   -6.335  -13.581 1.00 38.79 ? 108 PRO A CG  1 
ATOM   347 C CD  . PRO A 1 72  ? 1.158   -7.478  -12.616 1.00 37.13 ? 108 PRO A CD  1 
ATOM   348 N N   . PHE A 1 73  ? -2.735  -7.003  -11.733 1.00 40.23 ? 109 PHE A N   1 
ATOM   349 C CA  . PHE A 1 73  ? -4.136  -7.195  -11.364 1.00 40.95 ? 109 PHE A CA  1 
ATOM   350 C C   . PHE A 1 73  ? -4.373  -7.137  -9.853  1.00 36.58 ? 109 PHE A C   1 
ATOM   351 O O   . PHE A 1 73  ? -5.471  -6.831  -9.426  1.00 36.13 ? 109 PHE A O   1 
ATOM   352 C CB  . PHE A 1 73  ? -4.644  -8.558  -11.894 1.00 46.32 ? 109 PHE A CB  1 
ATOM   353 C CG  . PHE A 1 73  ? -6.020  -8.975  -11.357 1.00 51.38 ? 109 PHE A CG  1 
ATOM   354 C CD1 . PHE A 1 73  ? -7.184  -8.268  -11.722 1.00 54.25 ? 109 PHE A CD1 1 
ATOM   355 C CD2 . PHE A 1 73  ? -6.152  -10.055 -10.492 0.10 50.02 ? 109 PHE A CD2 1 
ATOM   356 C CE1 . PHE A 1 73  ? -8.422  -8.649  -11.228 0.10 51.66 ? 109 PHE A CE1 1 
ATOM   357 C CE2 . PHE A 1 73  ? -7.393  -10.433 -10.000 0.10 49.75 ? 109 PHE A CE2 1 
ATOM   358 C CZ  . PHE A 1 73  ? -8.528  -9.730  -10.368 0.10 50.51 ? 109 PHE A CZ  1 
ATOM   359 N N   . CYS A 1 74  ? -3.359  -7.476  -9.068  1.00 35.06 ? 110 CYS A N   1 
ATOM   360 C CA  . CYS A 1 74  ? -3.475  -7.610  -7.629  1.00 33.59 ? 110 CYS A CA  1 
ATOM   361 C C   . CYS A 1 74  ? -2.834  -6.494  -6.818  1.00 29.74 ? 110 CYS A C   1 
ATOM   362 O O   . CYS A 1 74  ? -2.827  -6.532  -5.577  1.00 29.31 ? 110 CYS A O   1 
ATOM   363 C CB  . CYS A 1 74  ? -2.783  -8.875  -7.214  1.00 34.33 ? 110 CYS A CB  1 
ATOM   364 S SG  . CYS A 1 74  ? -3.769  -10.317 -7.738  1.00 38.04 ? 110 CYS A SG  1 
ATOM   365 N N   . ARG A 1 75  ? -2.252  -5.521  -7.488  1.00 26.49 ? 111 ARG A N   1 
ATOM   366 C CA  . ARG A 1 75  ? -1.556  -4.471  -6.789  1.00 23.49 ? 111 ARG A CA  1 
ATOM   367 C C   . ARG A 1 75  ? -2.516  -3.589  -5.985  1.00 24.62 ? 111 ARG A C   1 
ATOM   368 O O   . ARG A 1 75  ? -2.201  -3.306  -4.863  1.00 27.11 ? 111 ARG A O   1 
ATOM   369 C CB  . ARG A 1 75  ? -0.728  -3.635  -7.778  1.00 24.66 ? 111 ARG A CB  1 
ATOM   370 C CG  . ARG A 1 75  ? 0.587   -4.404  -8.122  1.00 23.41 ? 111 ARG A CG  1 
ATOM   371 C CD  . ARG A 1 75  ? 1.386   -3.682  -9.157  1.00 26.14 ? 111 ARG A CD  1 
ATOM   372 N NE  . ARG A 1 75  ? 2.526   -4.493  -9.572  1.00 25.94 ? 111 ARG A NE  1 
ATOM   373 C CZ  . ARG A 1 75  ? 3.000   -4.496  -10.804 1.00 27.80 ? 111 ARG A CZ  1 
ATOM   374 N NH1 . ARG A 1 75  ? 2.524   -3.677  -11.776 1.00 27.93 ? 111 ARG A NH1 1 
ATOM   375 N NH2 . ARG A 1 75  ? 4.031   -5.266  -11.044 1.00 23.31 ? 111 ARG A NH2 1 
ATOM   376 N N   . CYS A 1 76  ? -3.632  -3.202  -6.579  1.00 22.75 ? 112 CYS A N   1 
ATOM   377 C CA  . CYS A 1 76  ? -4.612  -2.303  -5.861  1.00 25.58 ? 112 CYS A CA  1 
ATOM   378 C C   . CYS A 1 76  ? -5.289  -3.055  -4.752  1.00 29.98 ? 112 CYS A C   1 
ATOM   379 O O   . CYS A 1 76  ? -5.383  -2.550  -3.610  1.00 29.26 ? 112 CYS A O   1 
ATOM   380 C CB  . CYS A 1 76  ? -5.612  -1.695  -6.834  1.00 25.51 ? 112 CYS A CB  1 
ATOM   381 S SG  . CYS A 1 76  ? -4.977  -0.340  -7.827  1.00 33.54 ? 112 CYS A SG  1 
ATOM   382 N N   . PRO A 1 77  ? -5.682  -4.300  -5.022  1.00 31.91 ? 113 PRO A N   1 
ATOM   383 C CA  . PRO A 1 77  ? -6.172  -5.096  -3.901  1.00 33.84 ? 113 PRO A CA  1 
ATOM   384 C C   . PRO A 1 77  ? -5.164  -5.258  -2.780  1.00 30.19 ? 113 PRO A C   1 
ATOM   385 O O   . PRO A 1 77  ? -5.502  -5.073  -1.601  1.00 32.80 ? 113 PRO A O   1 
ATOM   386 C CB  . PRO A 1 77  ? -6.545  -6.425  -4.573  1.00 32.99 ? 113 PRO A CB  1 
ATOM   387 C CG  . PRO A 1 77  ? -7.011  -6.013  -5.910  1.00 31.01 ? 113 PRO A CG  1 
ATOM   388 C CD  . PRO A 1 77  ? -6.043  -4.927  -6.315  1.00 31.81 ? 113 PRO A CD  1 
ATOM   389 N N   . SER A 1 78  ? -3.896  -5.483  -3.111  1.00 27.52 ? 114 SER A N   1 
ATOM   390 C CA  . SER A 1 78  ? -2.899  -5.658  -2.116  1.00 27.39 ? 114 SER A CA  1 
ATOM   391 C C   . SER A 1 78  ? -2.593  -4.329  -1.351  1.00 25.67 ? 114 SER A C   1 
ATOM   392 O O   . SER A 1 78  ? -2.219  -4.351  -0.178  1.00 26.16 ? 114 SER A O   1 
ATOM   393 C CB  . SER A 1 78  ? -1.626  -6.215  -2.742  1.00 34.04 ? 114 SER A CB  1 
ATOM   394 O OG  . SER A 1 78  ? -1.952  -7.455  -3.352  1.00 39.61 ? 114 SER A OG  1 
ATOM   395 N N   . LEU A 1 79  ? -2.618  -3.194  -2.078  1.00 26.72 ? 115 LEU A N   1 
ATOM   396 C CA  . LEU A 1 79  ? -2.440  -1.911  -1.416  1.00 26.95 ? 115 LEU A CA  1 
ATOM   397 C C   . LEU A 1 79  ? -3.598  -1.639  -0.424  1.00 28.46 ? 115 LEU A C   1 
ATOM   398 O O   . LEU A 1 79  ? -3.367  -1.102  0.658   1.00 25.06 ? 115 LEU A O   1 
ATOM   399 C CB  . LEU A 1 79  ? -2.314  -0.804  -2.446  1.00 26.45 ? 115 LEU A CB  1 
ATOM   400 C CG  . LEU A 1 79  ? -0.870  -0.725  -2.977  1.00 27.18 ? 115 LEU A CG  1 
ATOM   401 C CD1 . LEU A 1 79  ? -0.861  0.201   -4.186  1.00 27.50 ? 115 LEU A CD1 1 
ATOM   402 C CD2 . LEU A 1 79  ? 0.151   -0.317  -1.963  1.00 23.23 ? 115 LEU A CD2 1 
ATOM   403 N N   . ARG A 1 80  ? -4.789  -2.052  -0.790  1.00 28.95 ? 116 ARG A N   1 
ATOM   404 C CA  . ARG A 1 80  ? -5.932  -2.012  0.139   1.00 29.95 ? 116 ARG A CA  1 
ATOM   405 C C   . ARG A 1 80  ? -5.610  -2.727  1.441   1.00 34.92 ? 116 ARG A C   1 
ATOM   406 O O   . ARG A 1 80  ? -5.904  -2.217  2.543   1.00 30.02 ? 116 ARG A O   1 
ATOM   407 C CB  . ARG A 1 80  ? -7.157  -2.564  -0.531  1.00 30.69 ? 116 ARG A CB  1 
ATOM   408 C CG  . ARG A 1 80  ? -8.439  -2.332  0.269   1.00 37.06 ? 116 ARG A CG  1 
ATOM   409 C CD  . ARG A 1 80  ? -9.666  -3.036  -0.311  1.00 41.91 ? 116 ARG A CD  1 
ATOM   410 N NE  . ARG A 1 80  ? -10.295 -2.372  -1.469  1.00 46.42 ? 116 ARG A NE  1 
ATOM   411 C CZ  . ARG A 1 80  ? -11.207 -1.403  -1.428  1.00 46.97 ? 116 ARG A CZ  1 
ATOM   412 N NH1 . ARG A 1 80  ? -11.688 -0.905  -2.578  1.00 49.23 ? 116 ARG A NH1 1 
ATOM   413 N NH2 . ARG A 1 80  ? -11.614 -0.904  -0.257  1.00 48.34 ? 116 ARG A NH2 1 
ATOM   414 N N   . GLN A 1 81  ? -5.030  -3.912  1.330   1.00 32.89 ? 117 GLN A N   1 
ATOM   415 C CA  . GLN A 1 81  ? -4.635  -4.705  2.486   1.00 30.25 ? 117 GLN A CA  1 
ATOM   416 C C   . GLN A 1 81  ? -3.483  -4.101  3.227   1.00 32.20 ? 117 GLN A C   1 
ATOM   417 O O   . GLN A 1 81  ? -3.434  -4.160  4.453   1.00 31.70 ? 117 GLN A O   1 
ATOM   418 C CB  . GLN A 1 81  ? -4.311  -6.145  2.046   1.00 36.99 ? 117 GLN A CB  1 
ATOM   419 C CG  . GLN A 1 81  ? -5.502  -6.850  1.392   1.00 38.20 ? 117 GLN A CG  1 
ATOM   420 C CD  . GLN A 1 81  ? -5.397  -8.392  1.404   1.00 44.84 ? 117 GLN A CD  1 
ATOM   421 O OE1 . GLN A 1 81  ? -4.426  -8.992  0.873   1.00 46.76 ? 117 GLN A OE1 1 
ATOM   422 N NE2 . GLN A 1 81  ? -6.406  -9.042  2.010   1.00 43.00 ? 117 GLN A NE2 1 
ATOM   423 N N   . ALA A 1 82  ? -2.579  -3.379  2.528   1.00 25.81 ? 118 ALA A N   1 
ATOM   424 C CA  . ALA A 1 82  ? -1.519  -2.713  3.179   1.00 22.80 ? 118 ALA A CA  1 
ATOM   425 C C   . ALA A 1 82  ? -2.063  -1.551  4.100   1.00 22.72 ? 118 ALA A C   1 
ATOM   426 O O   . ALA A 1 82  ? -1.489  -1.289  5.184   1.00 25.41 ? 118 ALA A O   1 
ATOM   427 C CB  . ALA A 1 82  ? -0.576  -2.128  2.119   1.00 21.48 ? 118 ALA A CB  1 
ATOM   428 N N   . VAL A 1 83  ? -3.069  -0.863  3.575   1.00 24.42 ? 119 VAL A N   1 
ATOM   429 C CA  . VAL A 1 83  ? -3.717  0.290   4.276   1.00 24.21 ? 119 VAL A CA  1 
ATOM   430 C C   . VAL A 1 83  ? -4.374  -0.299  5.532   1.00 27.98 ? 119 VAL A C   1 
ATOM   431 O O   . VAL A 1 83  ? -4.204  0.211   6.631   1.00 28.64 ? 119 VAL A O   1 
ATOM   432 C CB  . VAL A 1 83  ? -4.759  1.016   3.424   1.00 23.95 ? 119 VAL A CB  1 
ATOM   433 C CG1 . VAL A 1 83  ? -5.602  2.034   4.271   1.00 21.47 ? 119 VAL A CG1 1 
ATOM   434 C CG2 . VAL A 1 83  ? -4.061  1.799   2.299   1.00 23.95 ? 119 VAL A CG2 1 
ATOM   435 N N   . GLN A 1 84  ? -5.086  -1.394  5.367   1.00 29.27 ? 120 GLN A N   1 
ATOM   436 C CA  . GLN A 1 84  ? -5.727  -2.003  6.550   1.00 30.70 ? 120 GLN A CA  1 
ATOM   437 C C   . GLN A 1 84  ? -4.723  -2.392  7.584   1.00 32.64 ? 120 GLN A C   1 
ATOM   438 O O   . GLN A 1 84  ? -4.825  -2.097  8.776   1.00 33.61 ? 120 GLN A O   1 
ATOM   439 C CB  . GLN A 1 84  ? -6.483  -3.211  6.156   1.00 33.44 ? 120 GLN A CB  1 
ATOM   440 C CG  . GLN A 1 84  ? -7.640  -2.887  5.308   1.00 31.83 ? 120 GLN A CG  1 
ATOM   441 C CD  . GLN A 1 84  ? -8.241  -4.086  4.591   1.00 43.63 ? 120 GLN A CD  1 
ATOM   442 O OE1 . GLN A 1 84  ? -7.611  -5.168  4.402   1.00 45.40 ? 120 GLN A OE1 1 
ATOM   443 N NE2 . GLN A 1 84  ? -9.464  -3.881  4.114   1.00 44.12 ? 120 GLN A NE2 1 
ATOM   444 N N   . SER A 1 85  ? -3.679  -3.030  7.098   1.00 32.02 ? 121 SER A N   1 
ATOM   445 C CA  . SER A 1 85  ? -2.676  -3.482  7.927   1.00 31.75 ? 121 SER A CA  1 
ATOM   446 C C   . SER A 1 85  ? -1.870  -2.370  8.619   1.00 31.86 ? 121 SER A C   1 
ATOM   447 O O   . SER A 1 85  ? -1.432  -2.482  9.767   1.00 31.04 ? 121 SER A O   1 
ATOM   448 C CB  . SER A 1 85  ? -1.804  -4.453  7.094   1.00 35.30 ? 121 SER A CB  1 
ATOM   449 O OG  . SER A 1 85  ? -0.875  -5.061  7.900   1.00 42.62 ? 121 SER A OG  1 
ATOM   450 N N   . ALA A 1 86  ? -1.627  -1.259  7.929   1.00 27.49 ? 122 ALA A N   1 
ATOM   451 C CA  . ALA A 1 86  ? -0.905  -0.234  8.531   1.00 24.04 ? 122 ALA A CA  1 
ATOM   452 C C   . ALA A 1 86  ? -1.731  0.425   9.673   1.00 28.27 ? 122 ALA A C   1 
ATOM   453 O O   . ALA A 1 86  ? -1.149  0.940   10.630  1.00 32.40 ? 122 ALA A O   1 
ATOM   454 C CB  . ALA A 1 86  ? -0.620  0.817   7.490   1.00 25.46 ? 122 ALA A CB  1 
ATOM   455 N N   . GLN A 1 87  ? -3.037  0.339   9.579   1.00 28.88 ? 123 GLN A N   1 
ATOM   456 C CA  . GLN A 1 87  ? -3.898  0.839   10.685  1.00 35.56 ? 123 GLN A CA  1 
ATOM   457 C C   . GLN A 1 87  ? -3.622  0.207   12.024  1.00 41.12 ? 123 GLN A C   1 
ATOM   458 O O   . GLN A 1 87  ? -3.803  0.857   13.051  1.00 42.15 ? 123 GLN A O   1 
ATOM   459 C CB  . GLN A 1 87  ? -5.339  0.597   10.348  1.00 35.80 ? 123 GLN A CB  1 
ATOM   460 C CG  . GLN A 1 87  ? -5.753  1.592   9.291   1.00 34.09 ? 123 GLN A CG  1 
ATOM   461 C CD  . GLN A 1 87  ? -7.150  1.384   8.737   1.00 40.59 ? 123 GLN A CD  1 
ATOM   462 O OE1 . GLN A 1 87  ? -7.347  0.956   7.596   1.00 38.90 ? 123 GLN A OE1 1 
ATOM   463 N NE2 . GLN A 1 87  ? -8.136  1.687   9.553   1.00 38.83 ? 123 GLN A NE2 1 
ATOM   464 N N   . GLN A 1 88  ? -3.166  -1.043  11.997  1.00 39.37 ? 124 GLN A N   1 
ATOM   465 C CA  . GLN A 1 88  ? -2.908  -1.815  13.219  1.00 44.22 ? 124 GLN A CA  1 
ATOM   466 C C   . GLN A 1 88  ? -1.682  -1.349  13.941  1.00 47.41 ? 124 GLN A C   1 
ATOM   467 O O   . GLN A 1 88  ? -1.703  -1.260  15.171  1.00 55.55 ? 124 GLN A O   1 
ATOM   468 C CB  . GLN A 1 88  ? -2.752  -3.293  12.871  1.00 44.93 ? 124 GLN A CB  1 
ATOM   469 C CG  . GLN A 1 88  ? -4.009  -3.884  12.253  1.00 40.52 ? 124 GLN A CG  1 
ATOM   470 C CD  . GLN A 1 88  ? -4.042  -5.392  12.366  1.00 46.07 ? 124 GLN A CD  1 
ATOM   471 O OE1 . GLN A 1 88  ? -4.847  -5.958  13.123  1.00 54.91 ? 124 GLN A OE1 1 
ATOM   472 N NE2 . GLN A 1 88  ? -3.147  -6.063  11.628  1.00 42.89 ? 124 GLN A NE2 1 
ATOM   473 N N   . GLN A 1 89  ? -0.634  -1.025  13.183  1.00 44.64 ? 125 GLN A N   1 
ATOM   474 C CA  . GLN A 1 89  ? 0.679   -0.640  13.740  1.00 56.97 ? 125 GLN A CA  1 
ATOM   475 C C   . GLN A 1 89  ? 0.638   0.668   14.556  1.00 60.15 ? 125 GLN A C   1 
ATOM   476 O O   . GLN A 1 89  ? 1.502   0.912   15.403  1.00 77.20 ? 125 GLN A O   1 
ATOM   477 C CB  . GLN A 1 89  ? 1.742   -0.502  12.634  1.00 52.86 ? 125 GLN A CB  1 
ATOM   478 C CG  . GLN A 1 89  ? 1.691   -1.540  11.514  1.00 60.50 ? 125 GLN A CG  1 
ATOM   479 C CD  . GLN A 1 89  ? 3.066   -2.080  11.141  1.00 68.39 ? 125 GLN A CD  1 
ATOM   480 O OE1 . GLN A 1 89  ? 3.887   -2.351  12.018  1.00 67.25 ? 125 GLN A OE1 1 
ATOM   481 N NE2 . GLN A 1 89  ? 3.314   -2.266  9.842   1.00 77.73 ? 125 GLN A NE2 1 
ATOM   482 N N   . GLN A 1 90  ? -0.363  1.495   14.298  1.00 62.21 ? 126 GLN A N   1 
ATOM   483 C CA  . GLN A 1 90  ? -0.546  2.767   15.005  1.00 67.83 ? 126 GLN A CA  1 
ATOM   484 C C   . GLN A 1 90  ? -1.881  2.800   15.759  1.00 61.08 ? 126 GLN A C   1 
ATOM   485 O O   . GLN A 1 90  ? -2.712  1.891   15.648  1.00 59.72 ? 126 GLN A O   1 
ATOM   486 C CB  . GLN A 1 90  ? -0.441  3.936   14.025  1.00 64.55 ? 126 GLN A CB  1 
ATOM   487 C CG  . GLN A 1 90  ? -1.271  3.818   12.753  1.00 60.85 ? 126 GLN A CG  1 
ATOM   488 C CD  . GLN A 1 90  ? -1.020  4.959   11.778  1.00 62.91 ? 126 GLN A CD  1 
ATOM   489 O OE1 . GLN A 1 90  ? -0.039  5.734   11.899  1.00 52.62 ? 126 GLN A OE1 1 
ATOM   490 N NE2 . GLN A 1 90  ? -1.903  5.070   10.788  1.00 65.93 ? 126 GLN A NE2 1 
ATOM   491 N N   . GLY A 1 91  ? -2.077  3.851   16.547  1.00 67.13 ? 127 GLY A N   1 
ATOM   492 C CA  . GLY A 1 91  ? -3.272  3.977   17.376  1.00 62.55 ? 127 GLY A CA  1 
ATOM   493 C C   . GLY A 1 91  ? -4.546  3.818   16.578  1.00 62.05 ? 127 GLY A C   1 
ATOM   494 O O   . GLY A 1 91  ? -4.513  3.643   15.352  1.00 62.89 ? 127 GLY A O   1 
ATOM   495 N N   . GLN A 1 92  ? -5.664  4.016   17.252  1.00 65.12 ? 128 GLN A N   1 
ATOM   496 C CA  . GLN A 1 92  ? -6.960  4.001   16.629  1.00 60.94 ? 128 GLN A CA  1 
ATOM   497 C C   . GLN A 1 92  ? -6.802  5.153   15.678  1.00 62.15 ? 128 GLN A C   1 
ATOM   498 O O   . GLN A 1 92  ? -6.093  6.101   15.954  1.00 52.65 ? 128 GLN A O   1 
ATOM   499 C CB  . GLN A 1 92  ? -8.089  4.223   17.646  1.00 57.79 ? 128 GLN A CB  1 
ATOM   500 C CG  . GLN A 1 92  ? -8.666  2.937   18.215  0.10 56.46 ? 128 GLN A CG  1 
ATOM   501 C CD  . GLN A 1 92  ? -10.090 3.058   18.790  0.10 55.49 ? 128 GLN A CD  1 
ATOM   502 O OE1 . GLN A 1 92  ? -10.932 2.180   18.573  0.10 53.88 ? 128 GLN A OE1 1 
ATOM   503 N NE2 . GLN A 1 92  ? -10.340 4.106   19.567  0.10 54.82 ? 128 GLN A NE2 1 
ATOM   504 N N   . VAL A 1 93  ? -7.438  5.051   14.529  1.00 57.92 ? 129 VAL A N   1 
ATOM   505 C CA  . VAL A 1 93  ? -7.255  6.046   13.497  1.00 48.14 ? 129 VAL A CA  1 
ATOM   506 C C   . VAL A 1 93  ? -8.653  6.455   13.126  1.00 48.15 ? 129 VAL A C   1 
ATOM   507 O O   . VAL A 1 93  ? -9.508  5.567   12.856  1.00 45.47 ? 129 VAL A O   1 
ATOM   508 C CB  . VAL A 1 93  ? -6.540  5.481   12.242  1.00 49.27 ? 129 VAL A CB  1 
ATOM   509 C CG1 . VAL A 1 93  ? -5.891  6.614   11.489  1.00 46.98 ? 129 VAL A CG1 1 
ATOM   510 C CG2 . VAL A 1 93  ? -5.468  4.460   12.594  0.10 49.15 ? 129 VAL A CG2 1 
ATOM   511 N N   . GLY A 1 94  ? -8.889  7.777   13.145  1.00 39.10 ? 130 GLY A N   1 
ATOM   512 C CA  . GLY A 1 94  ? -10.153 8.370   12.679  1.00 37.56 ? 130 GLY A CA  1 
ATOM   513 C C   . GLY A 1 94  ? -10.369 8.203   11.185  1.00 35.88 ? 130 GLY A C   1 
ATOM   514 O O   . GLY A 1 94  ? -9.381  8.057   10.423  1.00 34.01 ? 130 GLY A O   1 
ATOM   515 N N   . PRO A 1 95  ? -11.659 8.251   10.751  1.00 31.79 ? 131 PRO A N   1 
ATOM   516 C CA  . PRO A 1 95  ? -12.025 7.967   9.389   1.00 25.77 ? 131 PRO A CA  1 
ATOM   517 C C   . PRO A 1 95  ? -11.451 8.981   8.384   1.00 26.35 ? 131 PRO A C   1 
ATOM   518 O O   . PRO A 1 95  ? -11.234 8.598   7.218   1.00 25.21 ? 131 PRO A O   1 
ATOM   519 C CB  . PRO A 1 95  ? -13.528 7.972   9.407   1.00 31.04 ? 131 PRO A CB  1 
ATOM   520 C CG  . PRO A 1 95  ? -13.887 8.856   10.555  1.00 32.23 ? 131 PRO A CG  1 
ATOM   521 C CD  . PRO A 1 95  ? -12.844 8.591   11.575  1.00 34.30 ? 131 PRO A CD  1 
ATOM   522 N N   . GLN A 1 96  ? -11.176 10.202  8.826   1.00 24.55 ? 132 GLN A N   1 
ATOM   523 C CA  . GLN A 1 96  ? -10.552 11.205  7.935   1.00 22.49 ? 132 GLN A CA  1 
ATOM   524 C C   . GLN A 1 96  ? -9.143  10.725  7.637   1.00 23.23 ? 132 GLN A C   1 
ATOM   525 O O   . GLN A 1 96  ? -8.738  10.664  6.469   1.00 25.89 ? 132 GLN A O   1 
ATOM   526 C CB  . GLN A 1 96  ? -10.606 12.586  8.515   1.00 27.83 ? 132 GLN A CB  1 
ATOM   527 C CG  . GLN A 1 96  ? -12.057 13.037  8.632   1.00 26.87 ? 132 GLN A CG  1 
ATOM   528 C CD  . GLN A 1 96  ? -12.177 14.354  9.335   1.00 27.46 ? 132 GLN A CD  1 
ATOM   529 O OE1 . GLN A 1 96  ? -12.295 14.401  10.532  1.00 35.08 ? 132 GLN A OE1 1 
ATOM   530 N NE2 . GLN A 1 96  ? -11.983 15.417  8.600   1.00 30.14 ? 132 GLN A NE2 1 
ATOM   531 N N   . GLN A 1 97  ? -8.443  10.307  8.680   1.00 24.18 ? 133 GLN A N   1 
ATOM   532 C CA  . GLN A 1 97  ? -7.055  9.859   8.546   1.00 25.52 ? 133 GLN A CA  1 
ATOM   533 C C   . GLN A 1 97  ? -6.947  8.588   7.775   1.00 26.37 ? 133 GLN A C   1 
ATOM   534 O O   . GLN A 1 97  ? -6.105  8.446   6.871   1.00 22.95 ? 133 GLN A O   1 
ATOM   535 C CB  . GLN A 1 97  ? -6.384  9.755   9.908   1.00 32.38 ? 133 GLN A CB  1 
ATOM   536 C CG  . GLN A 1 97  ? -4.938  9.348   9.809   1.00 37.06 ? 133 GLN A CG  1 
ATOM   537 C CD  . GLN A 1 97  ? -4.162  9.429   11.107  1.00 39.73 ? 133 GLN A CD  1 
ATOM   538 O OE1 . GLN A 1 97  ? -2.950  9.172   11.135  1.00 39.53 ? 133 GLN A OE1 1 
ATOM   539 N NE2 . GLN A 1 97  ? -4.864  9.744   12.215  1.00 45.42 ? 133 GLN A NE2 1 
ATOM   540 N N   . VAL A 1 98  ? -7.878  7.695   8.015   1.00 23.94 ? 134 VAL A N   1 
ATOM   541 C CA  . VAL A 1 98  ? -7.930  6.518   7.213   1.00 28.75 ? 134 VAL A CA  1 
ATOM   542 C C   . VAL A 1 98  ? -8.148  6.811   5.743   1.00 25.86 ? 134 VAL A C   1 
ATOM   543 O O   . VAL A 1 98  ? -7.469  6.212   4.916   1.00 24.86 ? 134 VAL A O   1 
ATOM   544 C CB  . VAL A 1 98  ? -9.015  5.573   7.747   1.00 28.84 ? 134 VAL A CB  1 
ATOM   545 C CG1 . VAL A 1 98  ? -9.270  4.402   6.817   1.00 31.77 ? 134 VAL A CG1 1 
ATOM   546 C CG2 . VAL A 1 98  ? -8.652  5.145   9.151   1.00 31.69 ? 134 VAL A CG2 1 
ATOM   547 N N   . GLY A 1 99  ? -9.036  7.735   5.389   1.00 23.21 ? 135 GLY A N   1 
ATOM   548 C CA  . GLY A 1 99  ? -9.210  8.093   4.030   1.00 22.34 ? 135 GLY A CA  1 
ATOM   549 C C   . GLY A 1 99  ? -7.899  8.628   3.448   1.00 23.79 ? 135 GLY A C   1 
ATOM   550 O O   . GLY A 1 99  ? -7.569  8.271   2.317   1.00 22.06 ? 135 GLY A O   1 
ATOM   551 N N   . HIS A 1 100 ? -7.116  9.320   4.268   1.00 23.87 ? 136 HIS A N   1 
ATOM   552 C CA  . HIS A 1 100 ? -5.846  9.923   3.817   1.00 25.16 ? 136 HIS A CA  1 
ATOM   553 C C   . HIS A 1 100 ? -4.860  8.770   3.557   1.00 25.35 ? 136 HIS A C   1 
ATOM   554 O O   . HIS A 1 100 ? -4.097  8.830   2.651   1.00 24.61 ? 136 HIS A O   1 
ATOM   555 C CB  . HIS A 1 100 ? -5.211  10.886  4.829   1.00 30.72 ? 136 HIS A CB  1 
ATOM   556 C CG  . HIS A 1 100 ? -6.061  12.102  5.094   1.00 36.05 ? 136 HIS A CG  1 
ATOM   557 N ND1 . HIS A 1 100 ? -6.942  12.594  4.154   1.00 42.52 ? 136 HIS A ND1 1 
ATOM   558 C CD2 . HIS A 1 100 ? -6.169  12.915  6.175   1.00 40.25 ? 136 HIS A CD2 1 
ATOM   559 C CE1 . HIS A 1 100 ? -7.547  13.664  4.637   1.00 42.67 ? 136 HIS A CE1 1 
ATOM   560 N NE2 . HIS A 1 100 ? -7.122  13.863  5.874   1.00 41.26 ? 136 HIS A NE2 1 
ATOM   561 N N   . MET A 1 101 ? -4.947  7.695   4.336   1.00 21.19 ? 137 MET A N   1 
ATOM   562 C CA  . MET A 1 101 ? -4.059  6.557   4.135   1.00 21.41 ? 137 MET A CA  1 
ATOM   563 C C   . MET A 1 101 ? -4.339  5.905   2.817   1.00 20.80 ? 137 MET A C   1 
ATOM   564 O O   . MET A 1 101 ? -3.424  5.473   2.124   1.00 22.14 ? 137 MET A O   1 
ATOM   565 C CB  . MET A 1 101 ? -4.247  5.522   5.282   1.00 20.38 ? 137 MET A CB  1 
ATOM   566 C CG  . MET A 1 101 ? -3.739  6.063   6.625   1.00 22.33 ? 137 MET A CG  1 
ATOM   567 S SD  . MET A 1 101 ? -4.096  4.920   7.952   1.00 29.55 ? 137 MET A SD  1 
ATOM   568 C CE  . MET A 1 101 ? -2.743  3.793   7.681   1.00 28.17 ? 137 MET A CE  1 
ATOM   569 N N   . TYR A 1 102 ? -5.596  5.739   2.473   1.00 20.93 ? 138 TYR A N   1 
ATOM   570 C CA  . TYR A 1 102 ? -6.025  5.343   1.147   1.00 23.74 ? 138 TYR A CA  1 
ATOM   571 C C   . TYR A 1 102 ? -5.576  6.286   -0.009  1.00 27.47 ? 138 TYR A C   1 
ATOM   572 O O   . TYR A 1 102 ? -5.112  5.824   -1.105  1.00 25.11 ? 138 TYR A O   1 
ATOM   573 C CB  . TYR A 1 102 ? -7.468  5.116   1.084   1.00 25.33 ? 138 TYR A CB  1 
ATOM   574 C CG  . TYR A 1 102 ? -7.853  3.814   1.733   1.00 25.03 ? 138 TYR A CG  1 
ATOM   575 C CD1 . TYR A 1 102 ? -7.644  2.591   1.083   1.00 28.19 ? 138 TYR A CD1 1 
ATOM   576 C CD2 . TYR A 1 102 ? -8.406  3.794   3.021   1.00 25.21 ? 138 TYR A CD2 1 
ATOM   577 C CE1 . TYR A 1 102 ? -7.969  1.387   1.711   1.00 29.30 ? 138 TYR A CE1 1 
ATOM   578 C CE2 . TYR A 1 102 ? -8.772  2.603   3.621   1.00 25.55 ? 138 TYR A CE2 1 
ATOM   579 C CZ  . TYR A 1 102 ? -8.543  1.394   2.944   1.00 30.15 ? 138 TYR A CZ  1 
ATOM   580 O OH  . TYR A 1 102 ? -8.851  0.163   3.528   1.00 31.37 ? 138 TYR A OH  1 
ATOM   581 N N   . ARG A 1 103 ? -5.660  7.549   0.237   1.00 21.78 ? 139 ARG A N   1 
ATOM   582 C CA  . ARG A 1 103 ? -5.183  8.503   -0.722  1.00 23.46 ? 139 ARG A CA  1 
ATOM   583 C C   . ARG A 1 103 ? -3.689  8.287   -1.010  1.00 24.70 ? 139 ARG A C   1 
ATOM   584 O O   . ARG A 1 103 ? -3.323  8.260   -2.165  1.00 26.21 ? 139 ARG A O   1 
ATOM   585 C CB  . ARG A 1 103 ? -5.453  9.919   -0.254  1.00 26.15 ? 139 ARG A CB  1 
ATOM   586 C CG  . ARG A 1 103 ? -5.011  11.036  -1.234  1.00 31.10 ? 139 ARG A CG  1 
ATOM   587 C CD  . ARG A 1 103 ? -4.971  12.377  -0.506  1.00 35.68 ? 139 ARG A CD  1 
ATOM   588 N NE  . ARG A 1 103 ? -4.001  12.450  0.595   1.00 41.19 ? 139 ARG A NE  1 
ATOM   589 C CZ  . ARG A 1 103 ? -4.091  13.235  1.674   1.00 44.59 ? 139 ARG A CZ  1 
ATOM   590 N NH1 . ARG A 1 103 ? -5.138  14.047  1.841   1.00 50.59 ? 139 ARG A NH1 1 
ATOM   591 N NH2 . ARG A 1 103 ? -3.136  13.184  2.622   1.00 54.11 ? 139 ARG A NH2 1 
ATOM   592 N N   . VAL A 1 104 ? -2.867  8.182   0.039   1.00 22.45 ? 140 VAL A N   1 
ATOM   593 C CA  . VAL A 1 104 ? -1.448  7.927   -0.093  1.00 23.18 ? 140 VAL A CA  1 
ATOM   594 C C   . VAL A 1 104 ? -1.262  6.667   -0.905  1.00 22.88 ? 140 VAL A C   1 
ATOM   595 O O   . VAL A 1 104 ? -0.540  6.617   -1.885  1.00 21.94 ? 140 VAL A O   1 
ATOM   596 C CB  . VAL A 1 104 ? -0.728  7.887   1.246   1.00 23.61 ? 140 VAL A CB  1 
ATOM   597 C CG1 . VAL A 1 104 ? 0.719   7.540   1.071   1.00 25.55 ? 140 VAL A CG1 1 
ATOM   598 C CG2 . VAL A 1 104 ? -0.800  9.227   1.989   1.00 25.06 ? 140 VAL A CG2 1 
ATOM   599 N N   . ALA A 1 105 ? -1.861  5.567   -0.446  1.00 19.46 ? 141 ALA A N   1 
ATOM   600 C CA  . ALA A 1 105 ? -1.718  4.357   -1.131  1.00 21.81 ? 141 ALA A CA  1 
ATOM   601 C C   . ALA A 1 105 ? -2.051  4.413   -2.596  1.00 25.11 ? 141 ALA A C   1 
ATOM   602 O O   . ALA A 1 105 ? -1.372  3.746   -3.437  1.00 23.59 ? 141 ALA A O   1 
ATOM   603 C CB  . ALA A 1 105 ? -2.535  3.239   -0.483  1.00 20.96 ? 141 ALA A CB  1 
ATOM   604 N N   . SER A 1 106 ? -3.075  5.165   -2.940  1.00 25.54 ? 142 SER A N   1 
ATOM   605 C CA  . SER A 1 106 ? -3.467  5.217   -4.315  1.00 26.19 ? 142 SER A CA  1 
ATOM   606 C C   . SER A 1 106 ? -2.420  5.849   -5.239  1.00 23.48 ? 142 SER A C   1 
ATOM   607 O O   . SER A 1 106 ? -2.525  5.625   -6.423  1.00 27.68 ? 142 SER A O   1 
ATOM   608 C CB  . SER A 1 106 ? -4.810  5.960   -4.530  1.00 28.40 ? 142 SER A CB  1 
ATOM   609 O OG  . SER A 1 106 ? -4.669  7.347   -4.303  1.00 31.06 ? 142 SER A OG  1 
ATOM   610 N N   . ARG A 1 107 ? -1.536  6.658   -4.698  1.00 25.32 ? 143 ARG A N   1 
ATOM   611 C CA  . ARG A 1 107 ? -0.506  7.344   -5.457  1.00 24.39 ? 143 ARG A CA  1 
ATOM   612 C C   . ARG A 1 107 ? 0.717   6.417   -5.642  1.00 21.32 ? 143 ARG A C   1 
ATOM   613 O O   . ARG A 1 107 ? 1.581   6.723   -6.428  1.00 22.84 ? 143 ARG A O   1 
ATOM   614 C CB  . ARG A 1 107 ? -0.040  8.624   -4.813  1.00 27.98 ? 143 ARG A CB  1 
ATOM   615 C CG  . ARG A 1 107 ? -1.132  9.710   -4.736  1.00 31.93 ? 143 ARG A CG  1 
ATOM   616 C CD  . ARG A 1 107 ? -0.659  10.819  -3.768  1.00 36.55 ? 143 ARG A CD  1 
ATOM   617 N NE  . ARG A 1 107 ? -1.586  11.976  -3.715  1.00 46.40 ? 143 ARG A NE  1 
ATOM   618 C CZ  . ARG A 1 107 ? -1.633  12.937  -4.633  1.00 46.30 ? 143 ARG A CZ  1 
ATOM   619 N NH1 . ARG A 1 107 ? -2.509  13.946  -4.507  1.00 51.81 ? 143 ARG A NH1 1 
ATOM   620 N NH2 . ARG A 1 107 ? -0.796  12.907  -5.681  1.00 46.30 ? 143 ARG A NH2 1 
ATOM   621 N N   . ILE A 1 108 ? 0.802   5.360   -4.876  1.00 19.22 ? 144 ILE A N   1 
ATOM   622 C CA  . ILE A 1 108 ? 2.039   4.521   -4.854  1.00 19.88 ? 144 ILE A CA  1 
ATOM   623 C C   . ILE A 1 108 ? 2.296   3.810   -6.191  1.00 21.83 ? 144 ILE A C   1 
ATOM   624 O O   . ILE A 1 108 ? 3.454   3.870   -6.598  1.00 22.50 ? 144 ILE A O   1 
ATOM   625 C CB  . ILE A 1 108 ? 2.060   3.524   -3.658  1.00 20.88 ? 144 ILE A CB  1 
ATOM   626 C CG1 . ILE A 1 108 ? 2.198   4.375   -2.367  1.00 21.00 ? 144 ILE A CG1 1 
ATOM   627 C CG2 . ILE A 1 108 ? 3.217   2.520   -3.719  1.00 23.54 ? 144 ILE A CG2 1 
ATOM   628 C CD1 . ILE A 1 108 ? 2.107   3.509   -1.131  1.00 22.22 ? 144 ILE A CD1 1 
ATOM   629 N N   . PRO A 1 109 ? 1.300   3.207   -6.833  1.00 22.77 ? 145 PRO A N   1 
ATOM   630 C CA  . PRO A 1 109 ? 1.598   2.543   -8.147  1.00 22.53 ? 145 PRO A CA  1 
ATOM   631 C C   . PRO A 1 109 ? 2.227   3.574   -9.105  1.00 23.24 ? 145 PRO A C   1 
ATOM   632 O O   . PRO A 1 109 ? 3.280   3.296   -9.646  1.00 23.24 ? 145 PRO A O   1 
ATOM   633 C CB  . PRO A 1 109 ? 0.239   2.091   -8.609  1.00 24.55 ? 145 PRO A CB  1 
ATOM   634 C CG  . PRO A 1 109 ? -0.494  1.782   -7.335  1.00 25.06 ? 145 PRO A CG  1 
ATOM   635 C CD  . PRO A 1 109 ? -0.115  2.946   -6.457  1.00 24.06 ? 145 PRO A CD  1 
ATOM   636 N N   . ALA A 1 110 ? 1.660   4.744   -9.226  1.00 21.74 ? 146 ALA A N   1 
ATOM   637 C CA  . ALA A 1 110 ? 2.222   5.738   -10.104 1.00 23.19 ? 146 ALA A CA  1 
ATOM   638 C C   . ALA A 1 110 ? 3.595   6.205   -9.734  1.00 24.40 ? 146 ALA A C   1 
ATOM   639 O O   . ALA A 1 110 ? 4.479   6.387   -10.594 1.00 24.68 ? 146 ALA A O   1 
ATOM   640 C CB  . ALA A 1 110 ? 1.278   6.885   -10.319 1.00 27.10 ? 146 ALA A CB  1 
ATOM   641 N N   . ILE A 1 111 ? 3.819   6.462   -8.460  1.00 20.52 ? 147 ILE A N   1 
ATOM   642 C CA  . ILE A 1 111 ? 5.165   6.783   -7.930  1.00 21.67 ? 147 ILE A CA  1 
ATOM   643 C C   . ILE A 1 111 ? 6.149   5.729   -8.362  1.00 23.30 ? 147 ILE A C   1 
ATOM   644 O O   . ILE A 1 111 ? 7.251   6.057   -8.717  1.00 23.84 ? 147 ILE A O   1 
ATOM   645 C CB  . ILE A 1 111 ? 5.126   7.024   -6.444  1.00 22.27 ? 147 ILE A CB  1 
ATOM   646 C CG1 . ILE A 1 111 ? 4.421   8.343   -6.223  1.00 21.26 ? 147 ILE A CG1 1 
ATOM   647 C CG2 . ILE A 1 111 ? 6.476   6.971   -5.764  1.00 21.58 ? 147 ILE A CG2 1 
ATOM   648 C CD1 . ILE A 1 111 ? 3.937   8.534   -4.850  1.00 22.74 ? 147 ILE A CD1 1 
ATOM   649 N N   . CYS A 1 112 ? 5.784   4.473   -8.194  1.00 20.26 ? 148 CYS A N   1 
ATOM   650 C CA  . CYS A 1 112 ? 6.672   3.398   -8.524  1.00 21.94 ? 148 CYS A CA  1 
ATOM   651 C C   . CYS A 1 112 ? 6.717   3.052   -10.016 1.00 25.24 ? 148 CYS A C   1 
ATOM   652 O O   . CYS A 1 112 ? 7.385   2.024   -10.352 1.00 23.18 ? 148 CYS A O   1 
ATOM   653 C CB  . CYS A 1 112 ? 6.166   2.158   -7.756  1.00 20.17 ? 148 CYS A CB  1 
ATOM   654 S SG  . CYS A 1 112 ? 6.257   2.297   -5.959  1.00 21.75 ? 148 CYS A SG  1 
ATOM   655 N N   . ASN A 1 113 ? 5.959   3.767   -10.857 1.00 26.47 ? 149 ASN A N   1 
ATOM   656 C CA  . ASN A 1 113 ? 5.725   3.399   -12.314 1.00 22.50 ? 149 ASN A CA  1 
ATOM   657 C C   . ASN A 1 113 ? 5.157   2.028   -12.521 1.00 26.95 ? 149 ASN A C   1 
ATOM   658 O O   . ASN A 1 113 ? 5.496   1.322   -13.544 1.00 27.22 ? 149 ASN A O   1 
ATOM   659 C CB  . ASN A 1 113 ? 7.095   3.417   -13.056 1.00 32.52 ? 149 ASN A CB  1 
ATOM   660 C CG  . ASN A 1 113 ? 7.505   4.774   -13.496 1.00 35.16 ? 149 ASN A CG  1 
ATOM   661 O OD1 . ASN A 1 113 ? 6.767   5.711   -13.334 1.00 39.69 ? 149 ASN A OD1 1 
ATOM   662 N ND2 . ASN A 1 113 ? 8.671   4.876   -14.084 1.00 36.64 ? 149 ASN A ND2 1 
ATOM   663 N N   . LEU A 1 114 ? 4.298   1.607   -11.623 1.00 20.35 ? 150 LEU A N   1 
ATOM   664 C CA  . LEU A 1 114 ? 3.648   0.369   -11.648 1.00 20.23 ? 150 LEU A CA  1 
ATOM   665 C C   . LEU A 1 114 ? 2.223   0.503   -12.137 1.00 26.16 ? 150 LEU A C   1 
ATOM   666 O O   . LEU A 1 114 ? 1.409   1.222   -11.565 1.00 26.90 ? 150 LEU A O   1 
ATOM   667 C CB  . LEU A 1 114 ? 3.691   -0.409  -10.351 1.00 20.45 ? 150 LEU A CB  1 
ATOM   668 C CG  . LEU A 1 114 ? 5.101   -0.762  -9.853  1.00 18.84 ? 150 LEU A CG  1 
ATOM   669 C CD1 . LEU A 1 114 ? 5.195   -1.329  -8.488  1.00 19.43 ? 150 LEU A CD1 1 
ATOM   670 C CD2 . LEU A 1 114 ? 5.742   -1.760  -10.817 1.00 20.93 ? 150 LEU A CD2 1 
ATOM   671 N N   . GLN A 1 115 ? 1.870   -0.258  -13.168 1.00 31.30 ? 151 GLN A N   1 
ATOM   672 C CA  . GLN A 1 115 ? 0.462   -0.370  -13.591 1.00 28.46 ? 151 GLN A CA  1 
ATOM   673 C C   . GLN A 1 115 ? -0.313  -1.100  -12.501 1.00 31.52 ? 151 GLN A C   1 
ATOM   674 O O   . GLN A 1 115 ? 0.244   -1.960  -11.804 1.00 28.59 ? 151 GLN A O   1 
ATOM   675 C CB  . GLN A 1 115 ? 0.385   -1.129  -14.920 1.00 31.41 ? 151 GLN A CB  1 
ATOM   676 C CG  . GLN A 1 115 ? 0.988   -0.300  -16.052 1.00 37.85 ? 151 GLN A CG  1 
ATOM   677 C CD  . GLN A 1 115 ? 0.115   0.852   -16.559 1.00 46.05 ? 151 GLN A CD  1 
ATOM   678 O OE1 . GLN A 1 115 ? -0.823  1.312   -15.902 1.00 47.63 ? 151 GLN A OE1 1 
ATOM   679 N NE2 . GLN A 1 115 ? 0.464   1.358   -17.740 1.00 55.48 ? 151 GLN A NE2 1 
ATOM   680 N N   . PRO A 1 116 ? -1.567  -0.661  -12.250 1.00 31.01 ? 152 PRO A N   1 
ATOM   681 C CA  . PRO A 1 116 ? -2.363  0.287   -13.028 1.00 34.35 ? 152 PRO A CA  1 
ATOM   682 C C   . PRO A 1 116 ? -2.255  1.814   -12.712 1.00 33.99 ? 152 PRO A C   1 
ATOM   683 O O   . PRO A 1 116 ? -3.143  2.544   -13.123 1.00 37.57 ? 152 PRO A O   1 
ATOM   684 C CB  . PRO A 1 116 ? -3.795  -0.185  -12.777 1.00 34.64 ? 152 PRO A CB  1 
ATOM   685 C CG  . PRO A 1 116 ? -3.730  -0.792  -11.394 1.00 34.89 ? 152 PRO A CG  1 
ATOM   686 C CD  . PRO A 1 116 ? -2.377  -1.432  -11.297 1.00 31.88 ? 152 PRO A CD  1 
ATOM   687 N N   . MET A 1 117 ? -1.276  2.243   -11.929 1.00 29.25 ? 153 MET A N   1 
ATOM   688 C CA  . MET A 1 117 ? -0.898  3.637   -11.701 1.00 32.79 ? 153 MET A CA  1 
ATOM   689 C C   . MET A 1 117 ? -1.788  4.345   -10.653 1.00 35.03 ? 153 MET A C   1 
ATOM   690 O O   . MET A 1 117 ? -1.287  5.153   -9.840  1.00 43.08 ? 153 MET A O   1 
ATOM   691 C CB  . MET A 1 117 ? -0.836  4.456   -12.962 1.00 34.86 ? 153 MET A CB  1 
ATOM   692 C CG  . MET A 1 117 ? 0.112   3.849   -13.978 1.00 36.60 ? 153 MET A CG  1 
ATOM   693 S SD  . MET A 1 117 ? 1.811   4.238   -13.600 1.00 40.03 ? 153 MET A SD  1 
ATOM   694 C CE  . MET A 1 117 ? 2.597   3.545   -15.060 1.00 40.73 ? 153 MET A CE  1 
ATOM   695 N N   . ARG A 1 118 ? -3.028  3.900   -10.573 1.00 35.33 ? 154 ARG A N   1 
ATOM   696 C CA  . ARG A 1 118 ? -3.979  4.504   -9.633  1.00 43.72 ? 154 ARG A CA  1 
ATOM   697 C C   . ARG A 1 118 ? -4.873  3.430   -9.163  1.00 36.54 ? 154 ARG A C   1 
ATOM   698 O O   . ARG A 1 118 ? -5.114  2.468   -9.885  1.00 36.92 ? 154 ARG A O   1 
ATOM   699 C CB  . ARG A 1 118 ? -4.842  5.571   -10.323 1.00 50.11 ? 154 ARG A CB  1 
ATOM   700 C CG  . ARG A 1 118 ? -5.598  5.106   -11.579 1.00 57.70 ? 154 ARG A CG  1 
ATOM   701 C CD  . ARG A 1 118 ? -6.639  6.138   -12.019 1.00 66.08 ? 154 ARG A CD  1 
ATOM   702 N NE  . ARG A 1 118 ? -7.916  5.955   -11.298 1.00 80.16 ? 154 ARG A NE  1 
ATOM   703 C CZ  . ARG A 1 118 ? -8.368  6.679   -10.255 1.00 78.41 ? 154 ARG A CZ  1 
ATOM   704 N NH1 . ARG A 1 118 ? -7.695  7.717   -9.745  1.00 81.20 ? 154 ARG A NH1 1 
ATOM   705 N NH2 . ARG A 1 118 ? -9.531  6.359   -9.715  1.00 72.92 ? 154 ARG A NH2 1 
ATOM   706 N N   . CYS A 1 119 ? -5.385  3.598   -7.956  1.00 31.94 ? 155 CYS A N   1 
ATOM   707 C CA  . CYS A 1 119 ? -6.342  2.676   -7.430  1.00 31.52 ? 155 CYS A CA  1 
ATOM   708 C C   . CYS A 1 119 ? -7.539  3.517   -6.951  1.00 35.81 ? 155 CYS A C   1 
ATOM   709 O O   . CYS A 1 119 ? -7.327  4.391   -6.096  1.00 33.24 ? 155 CYS A O   1 
ATOM   710 C CB  . CYS A 1 119 ? -5.775  1.954   -6.227  1.00 30.85 ? 155 CYS A CB  1 
ATOM   711 S SG  . CYS A 1 119 ? -4.240  1.038   -6.535  1.00 33.22 ? 155 CYS A SG  1 
ATOM   712 N N   . PRO A 1 120 ? -8.753  3.214   -7.446  1.00 41.63 ? 156 PRO A N   1 
ATOM   713 C CA  . PRO A 1 120 ? -9.928  3.967   -6.964  1.00 42.43 ? 156 PRO A CA  1 
ATOM   714 C C   . PRO A 1 120 ? -10.328 3.655   -5.539  1.00 38.89 ? 156 PRO A C   1 
ATOM   715 O O   . PRO A 1 120 ? -10.913 4.521   -4.860  1.00 36.34 ? 156 PRO A O   1 
ATOM   716 C CB  . PRO A 1 120 ? -11.044 3.478   -7.901  1.00 47.82 ? 156 PRO A CB  1 
ATOM   717 C CG  . PRO A 1 120 ? -10.645 2.077   -8.283  1.00 47.02 ? 156 PRO A CG  1 
ATOM   718 C CD  . PRO A 1 120 ? -9.145  2.180   -8.437  1.00 46.93 ? 156 PRO A CD  1 
ATOM   719 N N   . PHE A 1 121 ? -10.092 2.422   -5.106  1.00 32.16 ? 157 PHE A N   1 
ATOM   720 C CA  . PHE A 1 121 ? -10.478 1.990   -3.804  1.00 30.35 ? 157 PHE A CA  1 
ATOM   721 C C   . PHE A 1 121 ? -11.980 2.277   -3.600  1.00 34.46 ? 157 PHE A C   1 
ATOM   722 O O   . PHE A 1 121 ? -12.422 2.954   -2.641  1.00 31.96 ? 157 PHE A O   1 
ATOM   723 C CB  . PHE A 1 121 ? -9.637  2.636   -2.694  1.00 31.68 ? 157 PHE A CB  1 
ATOM   724 C CG  . PHE A 1 121 ? -8.184  2.247   -2.704  1.00 30.09 ? 157 PHE A CG  1 
ATOM   725 C CD1 . PHE A 1 121 ? -7.808  0.903   -2.697  1.00 32.80 ? 157 PHE A CD1 1 
ATOM   726 C CD2 . PHE A 1 121 ? -7.208  3.215   -2.637  1.00 30.86 ? 157 PHE A CD2 1 
ATOM   727 C CE1 . PHE A 1 121 ? -6.474  0.544   -2.648  1.00 34.81 ? 157 PHE A CE1 1 
ATOM   728 C CE2 . PHE A 1 121 ? -5.877  2.864   -2.583  1.00 33.70 ? 157 PHE A CE2 1 
ATOM   729 C CZ  . PHE A 1 121 ? -5.507  1.537   -2.616  1.00 34.29 ? 157 PHE A CZ  1 
ATOM   730 N N   . ARG A 1 122 ? -12.777 1.761   -4.515  1.00 42.61 ? 158 ARG A N   1 
ATOM   731 C CA  . ARG A 1 122 ? -14.219 1.879   -4.372  1.00 50.81 ? 158 ARG A CA  1 
ATOM   732 C C   . ARG A 1 122 ? -14.744 0.643   -3.647  1.00 53.04 ? 158 ARG A C   1 
ATOM   733 O O   . ARG A 1 122 ? -14.529 0.474   -2.438  1.00 43.90 ? 158 ARG A O   1 
ATOM   734 C CB  . ARG A 1 122 ? -14.861 2.082   -5.740  1.00 59.60 ? 158 ARG A CB  1 
ATOM   735 C CG  . ARG A 1 122 ? -14.748 3.529   -6.234  1.00 64.09 ? 158 ARG A CG  1 
ATOM   736 C CD  . ARG A 1 122 ? -15.606 3.822   -7.474  1.00 75.46 ? 158 ARG A CD  1 
ATOM   737 N NE  . ARG A 1 122 ? -14.867 3.806   -8.752  1.00 75.76 ? 158 ARG A NE  1 
ATOM   738 C CZ  . ARG A 1 122 ? -14.553 2.722   -9.472  1.00 73.12 ? 158 ARG A CZ  1 
ATOM   739 N NH1 . ARG A 1 122 ? -13.887 2.873   -10.611 1.00 70.54 ? 158 ARG A NH1 1 
ATOM   740 N NH2 . ARG A 1 122 ? -14.878 1.486   -9.076  1.00 76.72 ? 158 ARG A NH2 1 
HETATM 741 C C1  . EDO B 2 .   ? -8.581  11.959  -0.530  1.00 40.63 ? 201 EDO A C1  1 
HETATM 742 O O1  . EDO B 2 .   ? -9.124  10.973  -1.368  1.00 43.74 ? 201 EDO A O1  1 
HETATM 743 C C2  . EDO B 2 .   ? -8.613  11.544  0.943   1.00 36.88 ? 201 EDO A C2  1 
HETATM 744 O O2  . EDO B 2 .   ? -7.670  12.304  1.686   1.00 41.88 ? 201 EDO A O2  1 
HETATM 745 C C   . ACT C 3 .   ? 12.507  -10.538 -9.066  1.00 47.12 ? 202 ACT A C   1 
HETATM 746 O O   . ACT C 3 .   ? 11.452  -9.952  -8.636  1.00 38.24 ? 202 ACT A O   1 
HETATM 747 O OXT . ACT C 3 .   ? 12.382  -11.542 -9.787  1.00 47.97 ? 202 ACT A OXT 1 
HETATM 748 C CH3 . ACT C 3 .   ? 13.900  -9.995  -8.743  1.00 41.77 ? 202 ACT A CH3 1 
HETATM 749 O O   . HOH D 4 .   ? 9.624   7.216   2.529   1.00 39.79 ? 301 HOH A O   1 
HETATM 750 O O   . HOH D 4 .   ? -12.244 6.617   6.182   1.00 36.28 ? 302 HOH A O   1 
HETATM 751 O O   . HOH D 4 .   ? -7.276  9.661   13.296  1.00 44.99 ? 303 HOH A O   1 
HETATM 752 O O   . HOH D 4 .   ? 0.412   -4.150  9.940   1.00 34.05 ? 304 HOH A O   1 
HETATM 753 O O   . HOH D 4 .   ? -6.814  1.017   -11.053 1.00 47.12 ? 305 HOH A O   1 
HETATM 754 O O   . HOH D 4 .   ? -10.755 -1.342  2.780   1.00 44.68 ? 306 HOH A O   1 
HETATM 755 O O   . HOH D 4 .   ? -11.700 5.221   -1.704  1.00 28.17 ? 307 HOH A O   1 
HETATM 756 O O   . HOH D 4 .   ? -3.757  12.586  8.284   1.00 43.19 ? 308 HOH A O   1 
HETATM 757 O O   . HOH D 4 .   ? -1.240  -8.001  8.636   1.00 53.73 ? 309 HOH A O   1 
HETATM 758 O O   . HOH D 4 .   ? -4.678  14.683  -3.151  1.00 40.90 ? 310 HOH A O   1 
HETATM 759 O O   . HOH D 4 .   ? -9.572  0.469   6.205   1.00 31.41 ? 311 HOH A O   1 
HETATM 760 O O   . HOH D 4 .   ? -0.106  12.647  1.978   1.00 41.64 ? 312 HOH A O   1 
HETATM 761 O O   . HOH D 4 .   ? -10.276 11.737  4.538   1.00 31.09 ? 313 HOH A O   1 
HETATM 762 O O   . HOH D 4 .   ? -8.096  6.889   -5.387  1.00 36.71 ? 314 HOH A O   1 
HETATM 763 O O   . HOH D 4 .   ? 9.337   -1.997  6.386   1.00 40.74 ? 315 HOH A O   1 
HETATM 764 O O   . HOH D 4 .   ? -4.446  -3.576  -9.387  1.00 31.95 ? 316 HOH A O   1 
HETATM 765 O O   . HOH D 4 .   ? 2.594   12.744  7.601   1.00 29.89 ? 317 HOH A O   1 
HETATM 766 O O   . HOH D 4 .   ? -10.602 -15.868 -5.426  1.00 62.70 ? 318 HOH A O   1 
HETATM 767 O O   . HOH D 4 .   ? 4.773   0.824   9.653   1.00 29.54 ? 319 HOH A O   1 
HETATM 768 O O   . HOH D 4 .   ? 6.105   5.447   8.720   1.00 40.32 ? 320 HOH A O   1 
HETATM 769 O O   . HOH D 4 .   ? 0.877   8.072   10.615  1.00 40.68 ? 321 HOH A O   1 
HETATM 770 O O   . HOH D 4 .   ? -3.911  -11.305 2.464   1.00 36.23 ? 322 HOH A O   1 
HETATM 771 O O   . HOH D 4 .   ? -4.652  -8.495  -1.946  1.00 39.38 ? 323 HOH A O   1 
HETATM 772 O O   . HOH D 4 .   ? 12.782  -0.763  -6.014  1.00 27.54 ? 324 HOH A O   1 
HETATM 773 O O   . HOH D 4 .   ? 5.618   -1.416  8.345   1.00 42.33 ? 325 HOH A O   1 
HETATM 774 O O   . HOH D 4 .   ? -11.771 18.271  8.977   1.00 40.74 ? 326 HOH A O   1 
HETATM 775 O O   . HOH D 4 .   ? 6.958   -11.957 -8.188  1.00 55.65 ? 327 HOH A O   1 
HETATM 776 O O   . HOH D 4 .   ? 0.724   -13.751 7.819   1.00 54.91 ? 328 HOH A O   1 
HETATM 777 O O   . HOH D 4 .   ? 5.653   6.617   -15.899 1.00 50.02 ? 329 HOH A O   1 
HETATM 778 O O   . HOH D 4 .   ? 10.276  -4.062  4.449   1.00 36.21 ? 330 HOH A O   1 
HETATM 779 O O   . HOH D 4 .   ? -8.239  -6.121  -1.142  1.00 40.46 ? 331 HOH A O   1 
HETATM 780 O O   . HOH D 4 .   ? -1.362  11.736  -0.569  1.00 40.47 ? 332 HOH A O   1 
HETATM 781 O O   . HOH D 4 .   ? -8.858  11.396  11.433  1.00 31.07 ? 333 HOH A O   1 
HETATM 782 O O   . HOH D 4 .   ? 1.118   9.328   -7.881  1.00 31.16 ? 334 HOH A O   1 
HETATM 783 O O   . HOH D 4 .   ? -8.853  -0.095  -6.228  1.00 27.06 ? 335 HOH A O   1 
HETATM 784 O O   . HOH D 4 .   ? 9.265   7.308   -15.779 1.00 52.07 ? 336 HOH A O   1 
HETATM 785 O O   . HOH D 4 .   ? 11.829  -2.757  -8.125  0.50 23.09 ? 337 HOH A O   1 
HETATM 786 O O   . HOH D 4 .   ? 12.121  6.439   1.331   1.00 30.73 ? 338 HOH A O   1 
HETATM 787 O O   . HOH D 4 .   ? 3.986   -2.370  -14.456 0.50 22.20 ? 339 HOH A O   1 
HETATM 788 O O   . HOH D 4 .   ? 10.057  -7.798  -2.288  1.00 50.49 ? 340 HOH A O   1 
HETATM 789 O O   . HOH D 4 .   ? 11.765  -6.247  0.264   1.00 53.75 ? 341 HOH A O   1 
HETATM 790 O O   . HOH D 4 .   ? -8.955  -2.360  -4.514  1.00 40.72 ? 342 HOH A O   1 
HETATM 791 O O   . HOH D 4 .   ? 12.896  -8.941  -5.772  1.00 37.01 ? 343 HOH A O   1 
HETATM 792 O O   . HOH D 4 .   ? 6.149   10.210  9.782   1.00 44.50 ? 344 HOH A O   1 
HETATM 793 O O   . HOH D 4 .   ? 5.247   7.544   10.284  1.00 45.94 ? 345 HOH A O   1 
HETATM 794 O O   . HOH D 4 .   ? 3.222   9.753   -9.795  1.00 34.39 ? 346 HOH A O   1 
HETATM 795 O O   . HOH D 4 .   ? -10.055 -5.533  -3.224  1.00 48.71 ? 347 HOH A O   1 
HETATM 796 O O   . HOH D 4 .   ? 13.638  6.527   3.563   1.00 39.97 ? 348 HOH A O   1 
HETATM 797 O O   . HOH D 4 .   ? 2.392   -14.161 -11.455 1.00 59.18 ? 349 HOH A O   1 
HETATM 798 O O   . HOH D 4 .   ? -11.819 1.752   6.350   1.00 39.43 ? 350 HOH A O   1 
# 
